data_4S36
# 
_entry.id   4S36 
# 
_audit_conform.dict_name       mmcif_pdbx.dic 
_audit_conform.dict_version    5.387 
_audit_conform.dict_location   http://mmcif.pdb.org/dictionaries/ascii/mmcif_pdbx.dic 
# 
loop_
_database_2.database_id 
_database_2.database_code 
_database_2.pdbx_database_accession 
_database_2.pdbx_DOI 
RCSB  RCSB088121   ?            ?                   
PDB   4S36         pdb_00004s36 10.2210/pdb4s36/pdb 
WWPDB D_1000088121 ?            ?                   
# 
loop_
_pdbx_audit_revision_history.ordinal 
_pdbx_audit_revision_history.data_content_type 
_pdbx_audit_revision_history.major_revision 
_pdbx_audit_revision_history.minor_revision 
_pdbx_audit_revision_history.revision_date 
1 'Structure model' 1 0 2016-01-27 
2 'Structure model' 1 1 2016-02-03 
3 'Structure model' 2 0 2017-07-12 
4 'Structure model' 2 1 2017-11-22 
5 'Structure model' 2 2 2024-02-28 
# 
_pdbx_audit_revision_details.ordinal             1 
_pdbx_audit_revision_details.revision_ordinal    1 
_pdbx_audit_revision_details.data_content_type   'Structure model' 
_pdbx_audit_revision_details.provider            repository 
_pdbx_audit_revision_details.type                'Initial release' 
_pdbx_audit_revision_details.description         ? 
_pdbx_audit_revision_details.details             ? 
# 
loop_
_pdbx_audit_revision_group.ordinal 
_pdbx_audit_revision_group.revision_ordinal 
_pdbx_audit_revision_group.data_content_type 
_pdbx_audit_revision_group.group 
1  2 'Structure model' 'Derived calculations'   
2  3 'Structure model' Advisory                 
3  3 'Structure model' 'Atomic model'           
4  3 'Structure model' 'Database references'    
5  3 'Structure model' 'Derived calculations'   
6  4 'Structure model' 'Refinement description' 
7  5 'Structure model' Advisory                 
8  5 'Structure model' 'Data collection'        
9  5 'Structure model' 'Database references'    
10 5 'Structure model' 'Derived calculations'   
# 
loop_
_pdbx_audit_revision_category.ordinal 
_pdbx_audit_revision_category.revision_ordinal 
_pdbx_audit_revision_category.data_content_type 
_pdbx_audit_revision_category.category 
1  3 'Structure model' atom_site                    
2  3 'Structure model' atom_site_anisotrop          
3  3 'Structure model' pdbx_distant_solvent_atoms   
4  3 'Structure model' pdbx_struct_conn_angle       
5  3 'Structure model' pdbx_unobs_or_zero_occ_atoms 
6  3 'Structure model' pdbx_validate_close_contact  
7  3 'Structure model' struct_conn                  
8  3 'Structure model' struct_ref_seq               
9  3 'Structure model' struct_sheet_range           
10 3 'Structure model' struct_site_gen              
11 4 'Structure model' software                     
12 5 'Structure model' chem_comp_atom               
13 5 'Structure model' chem_comp_bond               
14 5 'Structure model' database_2                   
15 5 'Structure model' pdbx_unobs_or_zero_occ_atoms 
16 5 'Structure model' struct_site                  
# 
loop_
_pdbx_audit_revision_item.ordinal 
_pdbx_audit_revision_item.revision_ordinal 
_pdbx_audit_revision_item.data_content_type 
_pdbx_audit_revision_item.item 
1  3 'Structure model' '_atom_site.auth_seq_id'                     
2  3 'Structure model' '_atom_site_anisotrop.pdbx_auth_seq_id'      
3  3 'Structure model' '_pdbx_struct_conn_angle.ptnr1_auth_seq_id'  
4  3 'Structure model' '_pdbx_struct_conn_angle.ptnr3_auth_seq_id'  
5  3 'Structure model' '_pdbx_validate_close_contact.auth_seq_id_1' 
6  3 'Structure model' '_struct_conn.ptnr1_auth_seq_id'             
7  3 'Structure model' '_struct_ref_seq.pdbx_auth_seq_align_beg'    
8  3 'Structure model' '_struct_ref_seq.pdbx_auth_seq_align_end'    
9  3 'Structure model' '_struct_sheet_range.beg_auth_seq_id'        
10 3 'Structure model' '_struct_sheet_range.end_auth_seq_id'        
11 3 'Structure model' '_struct_site_gen.auth_seq_id'               
12 4 'Structure model' '_software.name'                             
13 5 'Structure model' '_database_2.pdbx_DOI'                       
14 5 'Structure model' '_database_2.pdbx_database_accession'        
15 5 'Structure model' '_struct_site.pdbx_auth_asym_id'             
16 5 'Structure model' '_struct_site.pdbx_auth_comp_id'             
17 5 'Structure model' '_struct_site.pdbx_auth_seq_id'              
# 
_pdbx_database_status.status_code                     REL 
_pdbx_database_status.entry_id                        4S36 
_pdbx_database_status.recvd_initial_deposition_date   2015-01-26 
_pdbx_database_status.deposit_site                    RCSB 
_pdbx_database_status.process_site                    RCSB 
_pdbx_database_status.status_code_sf                  REL 
_pdbx_database_status.status_code_mr                  ? 
_pdbx_database_status.SG_entry                        ? 
_pdbx_database_status.status_code_cs                  ? 
_pdbx_database_status.methods_development_category    ? 
_pdbx_database_status.pdb_format_compatible           Y 
_pdbx_database_status.status_code_nmr_data            ? 
# 
_pdbx_database_related.db_name        PDB 
_pdbx_database_related.db_id          4S37 
_pdbx_database_related.details        'Crystal structure of R2 pyocin membrane-piercing spike' 
_pdbx_database_related.content_type   unspecified 
# 
loop_
_audit_author.name 
_audit_author.pdbx_ordinal 
'Browning, C.B.' 1 
'Leiman, P.G.'   2 
'Shneider, M.M.' 3 
# 
_citation.id                        primary 
_citation.title                     'Crystal structure of the C-terminal domain of R2 pyocin membrane-piercing spike' 
_citation.journal_abbrev            'To be Published' 
_citation.journal_volume            ? 
_citation.page_first                ? 
_citation.page_last                 ? 
_citation.year                      ? 
_citation.journal_id_ASTM           ? 
_citation.country                   ? 
_citation.journal_id_ISSN           ? 
_citation.journal_id_CSD            0353 
_citation.book_publisher            ? 
_citation.pdbx_database_id_PubMed   ? 
_citation.pdbx_database_id_DOI      ? 
# 
loop_
_citation_author.citation_id 
_citation_author.name 
_citation_author.ordinal 
_citation_author.identifier_ORCID 
primary 'Browning, C.B.' 1 ? 
primary 'Leiman, P.G.'   2 ? 
primary 'Shneider, M.M.' 3 ? 
# 
loop_
_entity.id 
_entity.type 
_entity.src_method 
_entity.pdbx_description 
_entity.formula_weight 
_entity.pdbx_number_of_molecules 
_entity.pdbx_ec 
_entity.pdbx_mutation 
_entity.pdbx_fragment 
_entity.details 
1 polymer     man 'Phage baseplate protein' 9430.291 1   ? ? 'C-terminal domain (UNP residues 96-185)' ? 
2 non-polymer syn 'FE (III) ION'            55.845   1   ? ? ?                                         ? 
3 water       nat water                     18.015   118 ? ? ?                                         ? 
# 
_entity_name_com.entity_id   1 
_entity_name_com.name        'VR2 protein' 
# 
_entity_poly.entity_id                      1 
_entity_poly.type                           'polypeptide(L)' 
_entity_poly.nstd_linkage                   no 
_entity_poly.nstd_monomer                   no 
_entity_poly.pdbx_seq_one_letter_code       
;SSETWRFDDGASLSYDWAAHRYRVELPSGTVEVRVGASEVRVSDGAVSLKAPKISLEGPVEIAGTLTVSGDILGGGSIID
TAGNSNHHTH
;
_entity_poly.pdbx_seq_one_letter_code_can   
;SSETWRFDDGASLSYDWAAHRYRVELPSGTVEVRVGASEVRVSDGAVSLKAPKISLEGPVEIAGTLTVSGDILGGGSIID
TAGNSNHHTH
;
_entity_poly.pdbx_strand_id                 A 
_entity_poly.pdbx_target_identifier         ? 
# 
loop_
_pdbx_entity_nonpoly.entity_id 
_pdbx_entity_nonpoly.name 
_pdbx_entity_nonpoly.comp_id 
2 'FE (III) ION' FE  
3 water          HOH 
# 
loop_
_entity_poly_seq.entity_id 
_entity_poly_seq.num 
_entity_poly_seq.mon_id 
_entity_poly_seq.hetero 
1 1  SER n 
1 2  SER n 
1 3  GLU n 
1 4  THR n 
1 5  TRP n 
1 6  ARG n 
1 7  PHE n 
1 8  ASP n 
1 9  ASP n 
1 10 GLY n 
1 11 ALA n 
1 12 SER n 
1 13 LEU n 
1 14 SER n 
1 15 TYR n 
1 16 ASP n 
1 17 TRP n 
1 18 ALA n 
1 19 ALA n 
1 20 HIS n 
1 21 ARG n 
1 22 TYR n 
1 23 ARG n 
1 24 VAL n 
1 25 GLU n 
1 26 LEU n 
1 27 PRO n 
1 28 SER n 
1 29 GLY n 
1 30 THR n 
1 31 VAL n 
1 32 GLU n 
1 33 VAL n 
1 34 ARG n 
1 35 VAL n 
1 36 GLY n 
1 37 ALA n 
1 38 SER n 
1 39 GLU n 
1 40 VAL n 
1 41 ARG n 
1 42 VAL n 
1 43 SER n 
1 44 ASP n 
1 45 GLY n 
1 46 ALA n 
1 47 VAL n 
1 48 SER n 
1 49 LEU n 
1 50 LYS n 
1 51 ALA n 
1 52 PRO n 
1 53 LYS n 
1 54 ILE n 
1 55 SER n 
1 56 LEU n 
1 57 GLU n 
1 58 GLY n 
1 59 PRO n 
1 60 VAL n 
1 61 GLU n 
1 62 ILE n 
1 63 ALA n 
1 64 GLY n 
1 65 THR n 
1 66 LEU n 
1 67 THR n 
1 68 VAL n 
1 69 SER n 
1 70 GLY n 
1 71 ASP n 
1 72 ILE n 
1 73 LEU n 
1 74 GLY n 
1 75 GLY n 
1 76 GLY n 
1 77 SER n 
1 78 ILE n 
1 79 ILE n 
1 80 ASP n 
1 81 THR n 
1 82 ALA n 
1 83 GLY n 
1 84 ASN n 
1 85 SER n 
1 86 ASN n 
1 87 HIS n 
1 88 HIS n 
1 89 THR n 
1 90 HIS n 
# 
_entity_src_gen.entity_id                          1 
_entity_src_gen.pdbx_src_id                        1 
_entity_src_gen.pdbx_alt_source_flag               sample 
_entity_src_gen.pdbx_seq_type                      ? 
_entity_src_gen.pdbx_beg_seq_num                   ? 
_entity_src_gen.pdbx_end_seq_num                   ? 
_entity_src_gen.gene_src_common_name               ? 
_entity_src_gen.gene_src_genus                     ? 
_entity_src_gen.pdbx_gene_src_gene                 'VR2, gpV, D480_28305, JF43_02945, NCGM1900_0632, NCGM1984_0630' 
_entity_src_gen.gene_src_species                   ? 
_entity_src_gen.gene_src_strain                    ? 
_entity_src_gen.gene_src_tissue                    ? 
_entity_src_gen.gene_src_tissue_fraction           ? 
_entity_src_gen.gene_src_details                   ? 
_entity_src_gen.pdbx_gene_src_fragment             ? 
_entity_src_gen.pdbx_gene_src_scientific_name      'Pseudomonas aeruginosa' 
_entity_src_gen.pdbx_gene_src_ncbi_taxonomy_id     287 
_entity_src_gen.pdbx_gene_src_variant              ? 
_entity_src_gen.pdbx_gene_src_cell_line            ? 
_entity_src_gen.pdbx_gene_src_atcc                 ? 
_entity_src_gen.pdbx_gene_src_organ                ? 
_entity_src_gen.pdbx_gene_src_organelle            ? 
_entity_src_gen.pdbx_gene_src_cell                 ? 
_entity_src_gen.pdbx_gene_src_cellular_location    ? 
_entity_src_gen.host_org_common_name               ? 
_entity_src_gen.pdbx_host_org_scientific_name      'Escherichia coli' 
_entity_src_gen.pdbx_host_org_ncbi_taxonomy_id     469008 
_entity_src_gen.host_org_genus                     ? 
_entity_src_gen.pdbx_host_org_gene                 ? 
_entity_src_gen.pdbx_host_org_organ                ? 
_entity_src_gen.host_org_species                   ? 
_entity_src_gen.pdbx_host_org_tissue               ? 
_entity_src_gen.pdbx_host_org_tissue_fraction      ? 
_entity_src_gen.pdbx_host_org_strain               'BL21(DE3)' 
_entity_src_gen.pdbx_host_org_variant              ? 
_entity_src_gen.pdbx_host_org_cell_line            ? 
_entity_src_gen.pdbx_host_org_atcc                 ? 
_entity_src_gen.pdbx_host_org_culture_collection   ? 
_entity_src_gen.pdbx_host_org_cell                 ? 
_entity_src_gen.pdbx_host_org_organelle            ? 
_entity_src_gen.pdbx_host_org_cellular_location    ? 
_entity_src_gen.pdbx_host_org_vector_type          Plasmid 
_entity_src_gen.pdbx_host_org_vector               ? 
_entity_src_gen.host_org_details                   ? 
_entity_src_gen.expression_system_id               ? 
_entity_src_gen.plasmid_name                       'pEEVa2 (pET-23a derivate with a TEV cleavage site)' 
_entity_src_gen.plasmid_details                    ? 
_entity_src_gen.pdbx_description                   ? 
# 
loop_
_chem_comp.id 
_chem_comp.type 
_chem_comp.mon_nstd_flag 
_chem_comp.name 
_chem_comp.pdbx_synonyms 
_chem_comp.formula 
_chem_comp.formula_weight 
ALA 'L-peptide linking' y ALANINE         ? 'C3 H7 N O2'     89.093  
ARG 'L-peptide linking' y ARGININE        ? 'C6 H15 N4 O2 1' 175.209 
ASN 'L-peptide linking' y ASPARAGINE      ? 'C4 H8 N2 O3'    132.118 
ASP 'L-peptide linking' y 'ASPARTIC ACID' ? 'C4 H7 N O4'     133.103 
FE  non-polymer         . 'FE (III) ION'  ? 'Fe 3'           55.845  
GLU 'L-peptide linking' y 'GLUTAMIC ACID' ? 'C5 H9 N O4'     147.129 
GLY 'peptide linking'   y GLYCINE         ? 'C2 H5 N O2'     75.067  
HIS 'L-peptide linking' y HISTIDINE       ? 'C6 H10 N3 O2 1' 156.162 
HOH non-polymer         . WATER           ? 'H2 O'           18.015  
ILE 'L-peptide linking' y ISOLEUCINE      ? 'C6 H13 N O2'    131.173 
LEU 'L-peptide linking' y LEUCINE         ? 'C6 H13 N O2'    131.173 
LYS 'L-peptide linking' y LYSINE          ? 'C6 H15 N2 O2 1' 147.195 
PHE 'L-peptide linking' y PHENYLALANINE   ? 'C9 H11 N O2'    165.189 
PRO 'L-peptide linking' y PROLINE         ? 'C5 H9 N O2'     115.130 
SER 'L-peptide linking' y SERINE          ? 'C3 H7 N O3'     105.093 
THR 'L-peptide linking' y THREONINE       ? 'C4 H9 N O3'     119.119 
TRP 'L-peptide linking' y TRYPTOPHAN      ? 'C11 H12 N2 O2'  204.225 
TYR 'L-peptide linking' y TYROSINE        ? 'C9 H11 N O3'    181.189 
VAL 'L-peptide linking' y VALINE          ? 'C5 H11 N O2'    117.146 
# 
loop_
_pdbx_poly_seq_scheme.asym_id 
_pdbx_poly_seq_scheme.entity_id 
_pdbx_poly_seq_scheme.seq_id 
_pdbx_poly_seq_scheme.mon_id 
_pdbx_poly_seq_scheme.ndb_seq_num 
_pdbx_poly_seq_scheme.pdb_seq_num 
_pdbx_poly_seq_scheme.auth_seq_num 
_pdbx_poly_seq_scheme.pdb_mon_id 
_pdbx_poly_seq_scheme.auth_mon_id 
_pdbx_poly_seq_scheme.pdb_strand_id 
_pdbx_poly_seq_scheme.pdb_ins_code 
_pdbx_poly_seq_scheme.hetero 
A 1 1  SER 1  96  95  SER SER A . n 
A 1 2  SER 2  97  96  SER SER A . n 
A 1 3  GLU 3  98  97  GLU GLU A . n 
A 1 4  THR 4  99  98  THR THR A . n 
A 1 5  TRP 5  100 99  TRP TRP A . n 
A 1 6  ARG 6  101 100 ARG ARG A . n 
A 1 7  PHE 7  102 101 PHE PHE A . n 
A 1 8  ASP 8  103 102 ASP ASP A . n 
A 1 9  ASP 9  104 103 ASP ASP A . n 
A 1 10 GLY 10 105 104 GLY GLY A . n 
A 1 11 ALA 11 106 105 ALA ALA A . n 
A 1 12 SER 12 107 106 SER SER A . n 
A 1 13 LEU 13 108 107 LEU LEU A . n 
A 1 14 SER 14 109 108 SER SER A . n 
A 1 15 TYR 15 110 109 TYR TYR A . n 
A 1 16 ASP 16 111 110 ASP ASP A . n 
A 1 17 TRP 17 112 111 TRP TRP A . n 
A 1 18 ALA 18 113 112 ALA ALA A . n 
A 1 19 ALA 19 114 113 ALA ALA A . n 
A 1 20 HIS 20 115 114 HIS HIS A . n 
A 1 21 ARG 21 116 115 ARG ARG A . n 
A 1 22 TYR 22 117 116 TYR TYR A . n 
A 1 23 ARG 23 118 117 ARG ARG A . n 
A 1 24 VAL 24 119 118 VAL VAL A . n 
A 1 25 GLU 25 120 119 GLU GLU A . n 
A 1 26 LEU 26 121 120 LEU LEU A . n 
A 1 27 PRO 27 122 121 PRO PRO A . n 
A 1 28 SER 28 123 122 SER SER A . n 
A 1 29 GLY 29 124 123 GLY GLY A . n 
A 1 30 THR 30 125 124 THR THR A . n 
A 1 31 VAL 31 126 125 VAL VAL A . n 
A 1 32 GLU 32 127 126 GLU GLU A . n 
A 1 33 VAL 33 128 127 VAL VAL A . n 
A 1 34 ARG 34 129 128 ARG ARG A . n 
A 1 35 VAL 35 130 129 VAL VAL A . n 
A 1 36 GLY 36 131 130 GLY GLY A . n 
A 1 37 ALA 37 132 131 ALA ALA A . n 
A 1 38 SER 38 133 132 SER SER A . n 
A 1 39 GLU 39 134 133 GLU GLU A . n 
A 1 40 VAL 40 135 134 VAL VAL A . n 
A 1 41 ARG 41 136 135 ARG ARG A . n 
A 1 42 VAL 42 137 136 VAL VAL A . n 
A 1 43 SER 43 138 137 SER SER A . n 
A 1 44 ASP 44 139 138 ASP ASP A . n 
A 1 45 GLY 45 140 139 GLY GLY A . n 
A 1 46 ALA 46 141 140 ALA ALA A . n 
A 1 47 VAL 47 142 141 VAL VAL A . n 
A 1 48 SER 48 143 142 SER SER A . n 
A 1 49 LEU 49 144 143 LEU LEU A . n 
A 1 50 LYS 50 145 144 LYS LYS A . n 
A 1 51 ALA 51 146 145 ALA ALA A . n 
A 1 52 PRO 52 147 146 PRO PRO A . n 
A 1 53 LYS 53 148 147 LYS LYS A . n 
A 1 54 ILE 54 149 148 ILE ILE A . n 
A 1 55 SER 55 150 149 SER SER A . n 
A 1 56 LEU 56 151 150 LEU LEU A . n 
A 1 57 GLU 57 152 151 GLU GLU A . n 
A 1 58 GLY 58 153 152 GLY GLY A . n 
A 1 59 PRO 59 154 153 PRO PRO A . n 
A 1 60 VAL 60 155 154 VAL VAL A . n 
A 1 61 GLU 61 156 155 GLU GLU A . n 
A 1 62 ILE 62 157 156 ILE ILE A . n 
A 1 63 ALA 63 158 157 ALA ALA A . n 
A 1 64 GLY 64 159 158 GLY GLY A . n 
A 1 65 THR 65 160 159 THR THR A . n 
A 1 66 LEU 66 161 160 LEU LEU A . n 
A 1 67 THR 67 162 161 THR THR A . n 
A 1 68 VAL 68 163 162 VAL VAL A . n 
A 1 69 SER 69 164 163 SER SER A . n 
A 1 70 GLY 70 165 164 GLY GLY A . n 
A 1 71 ASP 71 166 165 ASP ASP A . n 
A 1 72 ILE 72 167 166 ILE ILE A . n 
A 1 73 LEU 73 168 167 LEU LEU A . n 
A 1 74 GLY 74 169 168 GLY GLY A . n 
A 1 75 GLY 75 170 169 GLY GLY A . n 
A 1 76 GLY 76 171 170 GLY GLY A . n 
A 1 77 SER 77 172 171 SER SER A . n 
A 1 78 ILE 78 173 172 ILE ILE A . n 
A 1 79 ILE 79 174 173 ILE ILE A . n 
A 1 80 ASP 80 175 174 ASP ASP A . n 
A 1 81 THR 81 176 175 THR THR A . n 
A 1 82 ALA 82 177 176 ALA ALA A . n 
A 1 83 GLY 83 178 177 GLY GLY A . n 
A 1 84 ASN 84 179 178 ASN ASN A . n 
A 1 85 SER 85 180 179 SER SER A . n 
A 1 86 ASN 86 181 180 ASN ASN A . n 
A 1 87 HIS 87 182 181 HIS HIS A . n 
A 1 88 HIS 88 183 182 HIS HIS A . n 
A 1 89 THR 89 184 183 THR THR A . n 
A 1 90 HIS 90 185 184 HIS HIS A . n 
# 
loop_
_pdbx_nonpoly_scheme.asym_id 
_pdbx_nonpoly_scheme.entity_id 
_pdbx_nonpoly_scheme.mon_id 
_pdbx_nonpoly_scheme.ndb_seq_num 
_pdbx_nonpoly_scheme.pdb_seq_num 
_pdbx_nonpoly_scheme.auth_seq_num 
_pdbx_nonpoly_scheme.pdb_mon_id 
_pdbx_nonpoly_scheme.auth_mon_id 
_pdbx_nonpoly_scheme.pdb_strand_id 
_pdbx_nonpoly_scheme.pdb_ins_code 
B 2 FE  1   201 1   FE  FE  A . 
C 3 HOH 1   301 1   HOH HOH A . 
C 3 HOH 2   302 2   HOH HOH A . 
C 3 HOH 3   303 3   HOH HOH A . 
C 3 HOH 4   304 304 HOH HOH A . 
C 3 HOH 5   305 5   HOH HOH A . 
C 3 HOH 6   306 6   HOH HOH A . 
C 3 HOH 7   307 7   HOH HOH A . 
C 3 HOH 8   308 8   HOH HOH A . 
C 3 HOH 9   309 9   HOH HOH A . 
C 3 HOH 10  310 10  HOH HOH A . 
C 3 HOH 11  311 11  HOH HOH A . 
C 3 HOH 12  312 12  HOH HOH A . 
C 3 HOH 13  313 13  HOH HOH A . 
C 3 HOH 14  314 14  HOH HOH A . 
C 3 HOH 15  315 15  HOH HOH A . 
C 3 HOH 16  316 16  HOH HOH A . 
C 3 HOH 17  317 18  HOH HOH A . 
C 3 HOH 18  318 19  HOH HOH A . 
C 3 HOH 19  319 20  HOH HOH A . 
C 3 HOH 20  320 21  HOH HOH A . 
C 3 HOH 21  321 22  HOH HOH A . 
C 3 HOH 22  322 23  HOH HOH A . 
C 3 HOH 23  323 24  HOH HOH A . 
C 3 HOH 24  324 25  HOH HOH A . 
C 3 HOH 25  325 26  HOH HOH A . 
C 3 HOH 26  326 27  HOH HOH A . 
C 3 HOH 27  327 28  HOH HOH A . 
C 3 HOH 28  328 29  HOH HOH A . 
C 3 HOH 29  329 30  HOH HOH A . 
C 3 HOH 30  330 31  HOH HOH A . 
C 3 HOH 31  331 32  HOH HOH A . 
C 3 HOH 32  332 33  HOH HOH A . 
C 3 HOH 33  333 34  HOH HOH A . 
C 3 HOH 34  334 35  HOH HOH A . 
C 3 HOH 35  335 36  HOH HOH A . 
C 3 HOH 36  336 37  HOH HOH A . 
C 3 HOH 37  337 38  HOH HOH A . 
C 3 HOH 38  338 39  HOH HOH A . 
C 3 HOH 39  339 40  HOH HOH A . 
C 3 HOH 40  340 41  HOH HOH A . 
C 3 HOH 41  341 42  HOH HOH A . 
C 3 HOH 42  342 43  HOH HOH A . 
C 3 HOH 43  343 44  HOH HOH A . 
C 3 HOH 44  344 45  HOH HOH A . 
C 3 HOH 45  345 46  HOH HOH A . 
C 3 HOH 46  346 47  HOH HOH A . 
C 3 HOH 47  347 48  HOH HOH A . 
C 3 HOH 48  348 49  HOH HOH A . 
C 3 HOH 49  349 50  HOH HOH A . 
C 3 HOH 50  350 51  HOH HOH A . 
C 3 HOH 51  351 52  HOH HOH A . 
C 3 HOH 52  352 55  HOH HOH A . 
C 3 HOH 53  353 56  HOH HOH A . 
C 3 HOH 54  354 58  HOH HOH A . 
C 3 HOH 55  355 59  HOH HOH A . 
C 3 HOH 56  356 60  HOH HOH A . 
C 3 HOH 57  357 61  HOH HOH A . 
C 3 HOH 58  358 62  HOH HOH A . 
C 3 HOH 59  359 63  HOH HOH A . 
C 3 HOH 60  360 64  HOH HOH A . 
C 3 HOH 61  361 65  HOH HOH A . 
C 3 HOH 62  362 66  HOH HOH A . 
C 3 HOH 63  363 67  HOH HOH A . 
C 3 HOH 64  364 68  HOH HOH A . 
C 3 HOH 65  365 69  HOH HOH A . 
C 3 HOH 66  366 70  HOH HOH A . 
C 3 HOH 67  367 71  HOH HOH A . 
C 3 HOH 68  368 72  HOH HOH A . 
C 3 HOH 69  369 73  HOH HOH A . 
C 3 HOH 70  370 74  HOH HOH A . 
C 3 HOH 71  371 75  HOH HOH A . 
C 3 HOH 72  372 76  HOH HOH A . 
C 3 HOH 73  373 77  HOH HOH A . 
C 3 HOH 74  374 78  HOH HOH A . 
C 3 HOH 75  375 79  HOH HOH A . 
C 3 HOH 76  376 80  HOH HOH A . 
C 3 HOH 77  377 81  HOH HOH A . 
C 3 HOH 78  378 82  HOH HOH A . 
C 3 HOH 79  379 83  HOH HOH A . 
C 3 HOH 80  380 84  HOH HOH A . 
C 3 HOH 81  381 85  HOH HOH A . 
C 3 HOH 82  382 86  HOH HOH A . 
C 3 HOH 83  383 87  HOH HOH A . 
C 3 HOH 84  384 88  HOH HOH A . 
C 3 HOH 85  385 89  HOH HOH A . 
C 3 HOH 86  386 90  HOH HOH A . 
C 3 HOH 87  387 91  HOH HOH A . 
C 3 HOH 88  388 92  HOH HOH A . 
C 3 HOH 89  389 93  HOH HOH A . 
C 3 HOH 90  390 94  HOH HOH A . 
C 3 HOH 91  391 95  HOH HOH A . 
C 3 HOH 92  392 96  HOH HOH A . 
C 3 HOH 93  393 97  HOH HOH A . 
C 3 HOH 94  394 98  HOH HOH A . 
C 3 HOH 95  395 99  HOH HOH A . 
C 3 HOH 96  396 100 HOH HOH A . 
C 3 HOH 97  397 101 HOH HOH A . 
C 3 HOH 98  398 102 HOH HOH A . 
C 3 HOH 99  399 103 HOH HOH A . 
C 3 HOH 100 400 104 HOH HOH A . 
C 3 HOH 101 401 105 HOH HOH A . 
C 3 HOH 102 402 106 HOH HOH A . 
C 3 HOH 103 403 107 HOH HOH A . 
C 3 HOH 104 404 108 HOH HOH A . 
C 3 HOH 105 405 109 HOH HOH A . 
C 3 HOH 106 406 110 HOH HOH A . 
C 3 HOH 107 407 111 HOH HOH A . 
C 3 HOH 108 408 112 HOH HOH A . 
C 3 HOH 109 409 113 HOH HOH A . 
C 3 HOH 110 410 114 HOH HOH A . 
C 3 HOH 111 411 115 HOH HOH A . 
C 3 HOH 112 412 116 HOH HOH A . 
C 3 HOH 113 413 117 HOH HOH A . 
C 3 HOH 114 414 118 HOH HOH A . 
C 3 HOH 115 415 119 HOH HOH A . 
C 3 HOH 116 416 120 HOH HOH A . 
C 3 HOH 117 417 121 HOH HOH A . 
C 3 HOH 118 418 122 HOH HOH A . 
# 
loop_
_pdbx_unobs_or_zero_occ_atoms.id 
_pdbx_unobs_or_zero_occ_atoms.PDB_model_num 
_pdbx_unobs_or_zero_occ_atoms.polymer_flag 
_pdbx_unobs_or_zero_occ_atoms.occupancy_flag 
_pdbx_unobs_or_zero_occ_atoms.auth_asym_id 
_pdbx_unobs_or_zero_occ_atoms.auth_comp_id 
_pdbx_unobs_or_zero_occ_atoms.auth_seq_id 
_pdbx_unobs_or_zero_occ_atoms.PDB_ins_code 
_pdbx_unobs_or_zero_occ_atoms.auth_atom_id 
_pdbx_unobs_or_zero_occ_atoms.label_alt_id 
_pdbx_unobs_or_zero_occ_atoms.label_asym_id 
_pdbx_unobs_or_zero_occ_atoms.label_comp_id 
_pdbx_unobs_or_zero_occ_atoms.label_seq_id 
_pdbx_unobs_or_zero_occ_atoms.label_atom_id 
1 1 Y 0 A ILE 167 ? N   B A ILE 72 N   
2 1 Y 0 A ILE 167 ? CA  B A ILE 72 CA  
3 1 Y 0 A ILE 167 ? C   B A ILE 72 C   
4 1 Y 0 A ILE 167 ? O   B A ILE 72 O   
5 1 Y 0 A ILE 167 ? CB  B A ILE 72 CB  
6 1 Y 0 A ILE 167 ? CG1 B A ILE 72 CG1 
7 1 Y 0 A ILE 167 ? CG2 B A ILE 72 CG2 
8 1 Y 0 A ILE 167 ? CD1 B A ILE 72 CD1 
# 
loop_
_software.name 
_software.classification 
_software.version 
_software.citation_id 
_software.pdbx_ordinal 
RemDAq 'data collection' .                             ? 1 
PHASER phasing           .                             ? 2 
PHENIX refinement        '(phenix.refine: 1.8.2_1309)' ? 3 
XDS    'data reduction'  .                             ? 4 
SCALA  'data scaling'    .                             ? 5 
# 
_cell.entry_id           4S36 
_cell.length_a           46.205 
_cell.length_b           46.205 
_cell.length_c           144.954 
_cell.angle_alpha        90.00 
_cell.angle_beta         90.00 
_cell.angle_gamma        120.00 
_cell.Z_PDB              12 
_cell.pdbx_unique_axis   ? 
# 
_symmetry.entry_id                         4S36 
_symmetry.space_group_name_H-M             'P 63 2 2' 
_symmetry.pdbx_full_space_group_name_H-M   ? 
_symmetry.cell_setting                     ? 
_symmetry.Int_Tables_number                182 
# 
_exptl.entry_id          4S36 
_exptl.method            'X-RAY DIFFRACTION' 
_exptl.crystals_number   1 
# 
_exptl_crystal.id                    1 
_exptl_crystal.density_meas          ? 
_exptl_crystal.density_Matthews      2.37 
_exptl_crystal.density_percent_sol   48.06 
_exptl_crystal.description           ? 
_exptl_crystal.F_000                 ? 
_exptl_crystal.preparation           ? 
# 
_exptl_crystal_grow.crystal_id      1 
_exptl_crystal_grow.method          'VAPOR DIFFUSION, HANGING DROP' 
_exptl_crystal_grow.temp            291 
_exptl_crystal_grow.temp_details    ? 
_exptl_crystal_grow.pH              5.0 
_exptl_crystal_grow.pdbx_details    
'34% PEG 400, 200mM NaSO4, 100mM Na acetate, pH 5.0, 15mg/ml protein, VAPOR DIFFUSION, HANGING DROP, temperature 291K' 
_exptl_crystal_grow.pdbx_pH_range   ? 
# 
_diffrn.id                     1 
_diffrn.ambient_temp           100 
_diffrn.ambient_temp_details   ? 
_diffrn.crystal_id             1 
# 
_diffrn_detector.diffrn_id              1 
_diffrn_detector.detector               PIXEL 
_diffrn_detector.type                   'DECTRIS PILATUS 6M' 
_diffrn_detector.pdbx_collection_date   2010-10-10 
_diffrn_detector.details                ? 
# 
_diffrn_radiation.diffrn_id                        1 
_diffrn_radiation.wavelength_id                    1 
_diffrn_radiation.pdbx_monochromatic_or_laue_m_l   M 
_diffrn_radiation.monochromator                    'Si (111)' 
_diffrn_radiation.pdbx_diffrn_protocol             'SINGLE WAVELENGTH' 
_diffrn_radiation.pdbx_scattering_type             x-ray 
# 
_diffrn_radiation_wavelength.id           1 
_diffrn_radiation_wavelength.wavelength   1.0 
_diffrn_radiation_wavelength.wt           1.0 
# 
_diffrn_source.diffrn_id                   1 
_diffrn_source.source                      SYNCHROTRON 
_diffrn_source.type                        'SLS BEAMLINE X06SA' 
_diffrn_source.pdbx_synchrotron_site       SLS 
_diffrn_source.pdbx_synchrotron_beamline   X06SA 
_diffrn_source.pdbx_wavelength             ? 
_diffrn_source.pdbx_wavelength_list        1.0 
# 
_reflns.entry_id                     4S36 
_reflns.observed_criterion_sigma_I   2 
_reflns.observed_criterion_sigma_F   0 
_reflns.d_resolution_low             72.48 
_reflns.d_resolution_high            1.46 
_reflns.number_obs                   16695 
_reflns.number_all                   16655 
_reflns.percent_possible_obs         99.5 
_reflns.pdbx_Rmerge_I_obs            0.036 
_reflns.pdbx_Rsym_value              0.037 
_reflns.pdbx_netI_over_sigmaI        59.3 
_reflns.B_iso_Wilson_estimate        ? 
_reflns.pdbx_redundancy              27.0 
_reflns.R_free_details               ? 
_reflns.limit_h_max                  ? 
_reflns.limit_h_min                  ? 
_reflns.limit_k_max                  ? 
_reflns.limit_k_min                  ? 
_reflns.limit_l_max                  ? 
_reflns.limit_l_min                  ? 
_reflns.observed_criterion_F_max     ? 
_reflns.observed_criterion_F_min     ? 
_reflns.pdbx_chi_squared             ? 
_reflns.pdbx_scaling_rejects         ? 
_reflns.pdbx_ordinal                 1 
_reflns.pdbx_diffrn_id               1 
# 
_reflns_shell.d_res_high             1.46 
_reflns_shell.d_res_low              1.54 
_reflns_shell.percent_possible_all   97.3 
_reflns_shell.Rmerge_I_obs           0.589 
_reflns_shell.pdbx_Rsym_value        0.616 
_reflns_shell.meanI_over_sigI_obs    5.5 
_reflns_shell.pdbx_redundancy        19.4 
_reflns_shell.percent_possible_obs   ? 
_reflns_shell.number_unique_all      2314 
_reflns_shell.number_measured_all    ? 
_reflns_shell.number_measured_obs    ? 
_reflns_shell.number_unique_obs      ? 
_reflns_shell.pdbx_chi_squared       ? 
_reflns_shell.pdbx_ordinal           1 
_reflns_shell.pdbx_diffrn_id         1 
# 
_refine.entry_id                                 4S36 
_refine.ls_number_reflns_obs                     16615 
_refine.ls_number_reflns_all                     ? 
_refine.pdbx_ls_sigma_I                          ? 
_refine.pdbx_ls_sigma_F                          1.53 
_refine.pdbx_data_cutoff_high_absF               ? 
_refine.pdbx_data_cutoff_low_absF                ? 
_refine.pdbx_data_cutoff_high_rms_absF           ? 
_refine.ls_d_res_low                             40.015 
_refine.ls_d_res_high                            1.46 
_refine.ls_percent_reflns_obs                    99.31 
_refine.ls_R_factor_obs                          0.1510 
_refine.ls_R_factor_all                          ? 
_refine.ls_R_factor_R_work                       0.1492 
_refine.ls_R_factor_R_free                       0.1876 
_refine.ls_R_factor_R_free_error                 ? 
_refine.ls_R_factor_R_free_error_details         ? 
_refine.ls_percent_reflns_R_free                 5.07 
_refine.ls_number_reflns_R_free                  1509 
_refine.ls_number_parameters                     ? 
_refine.ls_number_restraints                     ? 
_refine.occupancy_min                            ? 
_refine.occupancy_max                            ? 
_refine.correlation_coeff_Fo_to_Fc               ? 
_refine.correlation_coeff_Fo_to_Fc_free          ? 
_refine.B_iso_mean                               ? 
_refine.aniso_B[1][1]                            ? 
_refine.aniso_B[2][2]                            ? 
_refine.aniso_B[3][3]                            ? 
_refine.aniso_B[1][2]                            ? 
_refine.aniso_B[1][3]                            ? 
_refine.aniso_B[2][3]                            ? 
_refine.solvent_model_details                    'FLAT BULK SOLVENT MODEL' 
_refine.solvent_model_param_ksol                 ? 
_refine.solvent_model_param_bsol                 ? 
_refine.pdbx_solvent_vdw_probe_radii             1.11 
_refine.pdbx_solvent_ion_probe_radii             ? 
_refine.pdbx_solvent_shrinkage_radii             0.90 
_refine.pdbx_ls_cross_valid_method               ? 
_refine.details                                  ? 
_refine.pdbx_starting_model                      ? 
_refine.pdbx_method_to_determine_struct          'MOLECULAR REPLACEMENT' 
_refine.pdbx_isotropic_thermal_model             ? 
_refine.pdbx_stereochemistry_target_values       ML 
_refine.pdbx_stereochem_target_val_spec_case     ? 
_refine.pdbx_R_Free_selection_details            ? 
_refine.pdbx_overall_ESU_R                       ? 
_refine.pdbx_overall_ESU_R_Free                  ? 
_refine.overall_SU_ML                            0.15 
_refine.pdbx_overall_phase_error                 14.96 
_refine.overall_SU_B                             ? 
_refine.overall_SU_R_Cruickshank_DPI             ? 
_refine.ls_redundancy_reflns_obs                 ? 
_refine.B_iso_min                                ? 
_refine.B_iso_max                                ? 
_refine.overall_SU_R_free                        ? 
_refine.ls_wR_factor_R_free                      ? 
_refine.ls_wR_factor_R_work                      ? 
_refine.overall_FOM_free_R_set                   ? 
_refine.overall_FOM_work_R_set                   ? 
_refine.pdbx_diffrn_id                           1 
_refine.pdbx_refine_id                           'X-RAY DIFFRACTION' 
_refine.pdbx_TLS_residual_ADP_flag               ? 
_refine.pdbx_overall_SU_R_free_Cruickshank_DPI   ? 
_refine.pdbx_overall_SU_R_Blow_DPI               ? 
_refine.pdbx_overall_SU_R_free_Blow_DPI          ? 
# 
_refine_hist.pdbx_refine_id                   'X-RAY DIFFRACTION' 
_refine_hist.cycle_id                         LAST 
_refine_hist.pdbx_number_atoms_protein        665 
_refine_hist.pdbx_number_atoms_nucleic_acid   0 
_refine_hist.pdbx_number_atoms_ligand         1 
_refine_hist.number_atoms_solvent             118 
_refine_hist.number_atoms_total               784 
_refine_hist.d_res_high                       1.46 
_refine_hist.d_res_low                        40.015 
# 
loop_
_refine_ls_restr.type 
_refine_ls_restr.dev_ideal 
_refine_ls_restr.dev_ideal_target 
_refine_ls_restr.weight 
_refine_ls_restr.number 
_refine_ls_restr.pdbx_restraint_function 
_refine_ls_restr.pdbx_refine_id 
f_bond_d           0.008 ? ? 768  ? 'X-RAY DIFFRACTION' 
f_angle_d          1.274 ? ? 1061 ? 'X-RAY DIFFRACTION' 
f_dihedral_angle_d 9.958 ? ? 279  ? 'X-RAY DIFFRACTION' 
f_chiral_restr     0.081 ? ? 123  ? 'X-RAY DIFFRACTION' 
f_plane_restr      0.007 ? ? 140  ? 'X-RAY DIFFRACTION' 
# 
loop_
_refine_ls_shell.pdbx_total_number_of_bins_used 
_refine_ls_shell.d_res_high 
_refine_ls_shell.d_res_low 
_refine_ls_shell.number_reflns_R_work 
_refine_ls_shell.R_factor_R_work 
_refine_ls_shell.percent_reflns_obs 
_refine_ls_shell.R_factor_R_free 
_refine_ls_shell.R_factor_R_free_error 
_refine_ls_shell.percent_reflns_R_free 
_refine_ls_shell.number_reflns_R_free 
_refine_ls_shell.number_reflns_all 
_refine_ls_shell.R_factor_all 
_refine_ls_shell.number_reflns_obs 
_refine_ls_shell.redundancy_reflns_obs 
_refine_ls_shell.pdbx_refine_id 
. 1.46   1.5096  2471 0.1798 96.00  0.2432 . . 151 . . . . 'X-RAY DIFFRACTION' 
. 1.5096 1.5636  2521 0.1248 99.00  0.1811 . . 166 . . . . 'X-RAY DIFFRACTION' 
. 1.5636 1.6262  2536 0.1125 99.00  0.1537 . . 141 . . . . 'X-RAY DIFFRACTION' 
. 1.6262 1.7002  2626 0.1037 100.00 0.1647 . . 137 . . . . 'X-RAY DIFFRACTION' 
. 1.7002 1.7898  2569 0.1014 100.00 0.1516 . . 137 . . . . 'X-RAY DIFFRACTION' 
. 1.7898 1.9020  2564 0.0949 100.00 0.1865 . . 148 . . . . 'X-RAY DIFFRACTION' 
. 1.9020 2.0488  2598 0.0898 100.00 0.1392 . . 119 . . . . 'X-RAY DIFFRACTION' 
. 2.0488 2.2550  2590 0.1014 100.00 0.1373 . . 146 . . . . 'X-RAY DIFFRACTION' 
. 2.2550 2.5812  2583 0.1331 99.00  0.2006 . . 129 . . . . 'X-RAY DIFFRACTION' 
. 2.5812 3.2518  2607 0.1765 100.00 0.2097 . . 111 . . . . 'X-RAY DIFFRACTION' 
. 3.2518 40.0297 2596 0.2048 99.00  0.2145 . . 124 . . . . 'X-RAY DIFFRACTION' 
# 
_struct.entry_id                  4S36 
_struct.title                     'Crystal structure of the C-terminal domain of R2 pyocin membrane-piercing spike' 
_struct.pdbx_model_details        ? 
_struct.pdbx_CASP_flag            ? 
_struct.pdbx_model_type_details   ? 
# 
_struct_keywords.entry_id        4S36 
_struct_keywords.pdbx_keywords   'METAL BINDING PROTEIN' 
_struct_keywords.text            
'Cell Puncturing Device, Trimer, beta-helix, Iron-binding, Outer cell membrane piercing, METAL BINDING PROTEIN' 
# 
loop_
_struct_asym.id 
_struct_asym.pdbx_blank_PDB_chainid_flag 
_struct_asym.pdbx_modified 
_struct_asym.entity_id 
_struct_asym.details 
A N N 1 ? 
B N N 2 ? 
C N N 3 ? 
# 
_struct_ref.id                         1 
_struct_ref.db_name                    UNP 
_struct_ref.db_code                    Q9S581_PSEAI 
_struct_ref.pdbx_db_accession          Q9S581 
_struct_ref.entity_id                  1 
_struct_ref.pdbx_seq_one_letter_code   
;SSETWRFDDGASLSYDWAAHRYRVELPSGTVEVRVGASEVRVSDGAVSLKAPKISLEGPVEIAGTLTVSGDILGGGSIID
TAGNSNHHTH
;
_struct_ref.pdbx_align_begin           96 
_struct_ref.pdbx_db_isoform            ? 
# 
_struct_ref_seq.align_id                      1 
_struct_ref_seq.ref_id                        1 
_struct_ref_seq.pdbx_PDB_id_code              4S36 
_struct_ref_seq.pdbx_strand_id                A 
_struct_ref_seq.seq_align_beg                 1 
_struct_ref_seq.pdbx_seq_align_beg_ins_code   ? 
_struct_ref_seq.seq_align_end                 90 
_struct_ref_seq.pdbx_seq_align_end_ins_code   ? 
_struct_ref_seq.pdbx_db_accession             Q9S581 
_struct_ref_seq.db_align_beg                  96 
_struct_ref_seq.pdbx_db_align_beg_ins_code    ? 
_struct_ref_seq.db_align_end                  185 
_struct_ref_seq.pdbx_db_align_end_ins_code    ? 
_struct_ref_seq.pdbx_auth_seq_align_beg       96 
_struct_ref_seq.pdbx_auth_seq_align_end       185 
# 
_pdbx_struct_assembly.id                   1 
_pdbx_struct_assembly.details              author_and_software_defined_assembly 
_pdbx_struct_assembly.method_details       PISA 
_pdbx_struct_assembly.oligomeric_details   trimeric 
_pdbx_struct_assembly.oligomeric_count     3 
# 
loop_
_pdbx_struct_assembly_prop.biol_id 
_pdbx_struct_assembly_prop.type 
_pdbx_struct_assembly_prop.value 
_pdbx_struct_assembly_prop.details 
1 'ABSA (A^2)' 14300 ? 
1 MORE         -163  ? 
1 'SSA (A^2)'  11800 ? 
# 
_pdbx_struct_assembly_gen.assembly_id       1 
_pdbx_struct_assembly_gen.oper_expression   1,2,3 
_pdbx_struct_assembly_gen.asym_id_list      A,B,C 
# 
loop_
_pdbx_struct_oper_list.id 
_pdbx_struct_oper_list.type 
_pdbx_struct_oper_list.name 
_pdbx_struct_oper_list.symmetry_operation 
_pdbx_struct_oper_list.matrix[1][1] 
_pdbx_struct_oper_list.matrix[1][2] 
_pdbx_struct_oper_list.matrix[1][3] 
_pdbx_struct_oper_list.vector[1] 
_pdbx_struct_oper_list.matrix[2][1] 
_pdbx_struct_oper_list.matrix[2][2] 
_pdbx_struct_oper_list.matrix[2][3] 
_pdbx_struct_oper_list.vector[2] 
_pdbx_struct_oper_list.matrix[3][1] 
_pdbx_struct_oper_list.matrix[3][2] 
_pdbx_struct_oper_list.matrix[3][3] 
_pdbx_struct_oper_list.vector[3] 
1 'identity operation'         1_555 x,y,z       1.0000000000  0.0000000000  0.0000000000  0.0000000000  0.0000000000  1.0000000000 0.0000000000  0.0000000000 0.0000000000  0.0000000000  1.0000000000 0.0000000000 
2 'crystal symmetry operation' 2_565 -y,x-y+1,z  -0.1842264776 0.1443689252  0.9722233377  -2.7423972236 -0.9797104267 0.0524492829 -0.1934335870 2.9270125220 -0.0789182160 -0.9881329294 0.1317771947 4.6759027743 
3 'crystal symmetry operation' 3_455 -x+y-1,-x,z -0.1842264776 -0.9797104267 -0.0789182160 2.7314164108  0.1443689252  0.0524492829 -0.9881329294 4.8628107381 0.9722233377  -0.1934335870 0.1317771947 2.6162277636 
# 
_struct_biol.id        1 
_struct_biol.details   ? 
# 
loop_
_struct_conn.id 
_struct_conn.conn_type_id 
_struct_conn.pdbx_leaving_atom_flag 
_struct_conn.pdbx_PDB_id 
_struct_conn.ptnr1_label_asym_id 
_struct_conn.ptnr1_label_comp_id 
_struct_conn.ptnr1_label_seq_id 
_struct_conn.ptnr1_label_atom_id 
_struct_conn.pdbx_ptnr1_label_alt_id 
_struct_conn.pdbx_ptnr1_PDB_ins_code 
_struct_conn.pdbx_ptnr1_standard_comp_id 
_struct_conn.ptnr1_symmetry 
_struct_conn.ptnr2_label_asym_id 
_struct_conn.ptnr2_label_comp_id 
_struct_conn.ptnr2_label_seq_id 
_struct_conn.ptnr2_label_atom_id 
_struct_conn.pdbx_ptnr2_label_alt_id 
_struct_conn.pdbx_ptnr2_PDB_ins_code 
_struct_conn.ptnr1_auth_asym_id 
_struct_conn.ptnr1_auth_comp_id 
_struct_conn.ptnr1_auth_seq_id 
_struct_conn.ptnr2_auth_asym_id 
_struct_conn.ptnr2_auth_comp_id 
_struct_conn.ptnr2_auth_seq_id 
_struct_conn.ptnr2_symmetry 
_struct_conn.pdbx_ptnr3_label_atom_id 
_struct_conn.pdbx_ptnr3_label_seq_id 
_struct_conn.pdbx_ptnr3_label_comp_id 
_struct_conn.pdbx_ptnr3_label_asym_id 
_struct_conn.pdbx_ptnr3_label_alt_id 
_struct_conn.pdbx_ptnr3_PDB_ins_code 
_struct_conn.details 
_struct_conn.pdbx_dist_value 
_struct_conn.pdbx_value_order 
_struct_conn.pdbx_role 
metalc1 metalc ? ? A HIS 88 NE2 ? ? ? 1_555 B FE . FE ? ? A HIS 183 A FE 201 1_555 ? ? ? ? ? ? ? 2.147 ? ? 
metalc2 metalc ? ? A HIS 90 NE2 ? ? ? 1_555 B FE . FE ? ? A HIS 185 A FE 201 1_555 ? ? ? ? ? ? ? 2.401 ? ? 
# 
_struct_conn_type.id          metalc 
_struct_conn_type.criteria    ? 
_struct_conn_type.reference   ? 
# 
_pdbx_struct_conn_angle.id                    1 
_pdbx_struct_conn_angle.ptnr1_label_atom_id   NE2 
_pdbx_struct_conn_angle.ptnr1_label_alt_id    ? 
_pdbx_struct_conn_angle.ptnr1_label_asym_id   A 
_pdbx_struct_conn_angle.ptnr1_label_comp_id   HIS 
_pdbx_struct_conn_angle.ptnr1_label_seq_id    88 
_pdbx_struct_conn_angle.ptnr1_auth_atom_id    ? 
_pdbx_struct_conn_angle.ptnr1_auth_asym_id    A 
_pdbx_struct_conn_angle.ptnr1_auth_comp_id    HIS 
_pdbx_struct_conn_angle.ptnr1_auth_seq_id     183 
_pdbx_struct_conn_angle.ptnr1_PDB_ins_code    ? 
_pdbx_struct_conn_angle.ptnr1_symmetry        1_555 
_pdbx_struct_conn_angle.ptnr2_label_atom_id   FE 
_pdbx_struct_conn_angle.ptnr2_label_alt_id    ? 
_pdbx_struct_conn_angle.ptnr2_label_asym_id   B 
_pdbx_struct_conn_angle.ptnr2_label_comp_id   FE 
_pdbx_struct_conn_angle.ptnr2_label_seq_id    . 
_pdbx_struct_conn_angle.ptnr2_auth_atom_id    ? 
_pdbx_struct_conn_angle.ptnr2_auth_asym_id    A 
_pdbx_struct_conn_angle.ptnr2_auth_comp_id    FE 
_pdbx_struct_conn_angle.ptnr2_auth_seq_id     201 
_pdbx_struct_conn_angle.ptnr2_PDB_ins_code    ? 
_pdbx_struct_conn_angle.ptnr2_symmetry        1_555 
_pdbx_struct_conn_angle.ptnr3_label_atom_id   NE2 
_pdbx_struct_conn_angle.ptnr3_label_alt_id    ? 
_pdbx_struct_conn_angle.ptnr3_label_asym_id   A 
_pdbx_struct_conn_angle.ptnr3_label_comp_id   HIS 
_pdbx_struct_conn_angle.ptnr3_label_seq_id    90 
_pdbx_struct_conn_angle.ptnr3_auth_atom_id    ? 
_pdbx_struct_conn_angle.ptnr3_auth_asym_id    A 
_pdbx_struct_conn_angle.ptnr3_auth_comp_id    HIS 
_pdbx_struct_conn_angle.ptnr3_auth_seq_id     185 
_pdbx_struct_conn_angle.ptnr3_PDB_ins_code    ? 
_pdbx_struct_conn_angle.ptnr3_symmetry        1_555 
_pdbx_struct_conn_angle.value                 110.3 
_pdbx_struct_conn_angle.value_esd             ? 
# 
loop_
_struct_sheet.id 
_struct_sheet.type 
_struct_sheet.number_strands 
_struct_sheet.details 
1  ? 1 ? 
2  ? 1 ? 
3  ? 1 ? 
4  ? 1 ? 
5  ? 1 ? 
6  ? 1 ? 
7  ? 1 ? 
8  ? 1 ? 
9  ? 1 ? 
10 ? 1 ? 
11 ? 1 ? 
12 ? 1 ? 
# 
loop_
_struct_sheet_range.sheet_id 
_struct_sheet_range.id 
_struct_sheet_range.beg_label_comp_id 
_struct_sheet_range.beg_label_asym_id 
_struct_sheet_range.beg_label_seq_id 
_struct_sheet_range.pdbx_beg_PDB_ins_code 
_struct_sheet_range.end_label_comp_id 
_struct_sheet_range.end_label_asym_id 
_struct_sheet_range.end_label_seq_id 
_struct_sheet_range.pdbx_end_PDB_ins_code 
_struct_sheet_range.beg_auth_comp_id 
_struct_sheet_range.beg_auth_asym_id 
_struct_sheet_range.beg_auth_seq_id 
_struct_sheet_range.end_auth_comp_id 
_struct_sheet_range.end_auth_asym_id 
_struct_sheet_range.end_auth_seq_id 
1  1 THR A 4  ? ARG A 6  ? THR A 99  ARG A 101 
2  1 SER A 12 ? ASP A 16 ? SER A 107 ASP A 111 
3  1 ARG A 21 ? LEU A 26 ? ARG A 116 LEU A 121 
4  1 THR A 30 ? VAL A 35 ? THR A 125 VAL A 130 
5  1 SER A 38 ? SER A 43 ? SER A 133 SER A 138 
6  1 ALA A 46 ? LYS A 50 ? ALA A 141 LYS A 145 
7  1 ILE A 54 ? GLU A 57 ? ILE A 149 GLU A 152 
8  1 VAL A 60 ? ALA A 63 ? VAL A 155 ALA A 158 
9  1 LEU A 66 ? VAL A 68 ? LEU A 161 VAL A 163 
10 1 ILE A 72 ? GLY A 74 ? ILE A 167 GLY A 169 
11 1 SER A 77 ? ILE A 79 ? SER A 172 ILE A 174 
12 1 GLY A 83 ? ASN A 84 ? GLY A 178 ASN A 179 
# 
_struct_site.id                   AC1 
_struct_site.pdbx_evidence_code   Software 
_struct_site.pdbx_auth_asym_id    A 
_struct_site.pdbx_auth_comp_id    FE 
_struct_site.pdbx_auth_seq_id     201 
_struct_site.pdbx_auth_ins_code   ? 
_struct_site.pdbx_num_residues    6 
_struct_site.details              'BINDING SITE FOR RESIDUE FE A 201' 
# 
loop_
_struct_site_gen.id 
_struct_site_gen.site_id 
_struct_site_gen.pdbx_num_res 
_struct_site_gen.label_comp_id 
_struct_site_gen.label_asym_id 
_struct_site_gen.label_seq_id 
_struct_site_gen.pdbx_auth_ins_code 
_struct_site_gen.auth_comp_id 
_struct_site_gen.auth_asym_id 
_struct_site_gen.auth_seq_id 
_struct_site_gen.label_atom_id 
_struct_site_gen.label_alt_id 
_struct_site_gen.symmetry 
_struct_site_gen.details 
1 AC1 6 HIS A 88 ? HIS A 183 . ? 1_555 ? 
2 AC1 6 HIS A 88 ? HIS A 183 . ? 2_565 ? 
3 AC1 6 HIS A 88 ? HIS A 183 . ? 3_455 ? 
4 AC1 6 HIS A 90 ? HIS A 185 . ? 1_555 ? 
5 AC1 6 HIS A 90 ? HIS A 185 . ? 3_455 ? 
6 AC1 6 HIS A 90 ? HIS A 185 . ? 2_565 ? 
# 
_pdbx_validate_close_contact.id               1 
_pdbx_validate_close_contact.PDB_model_num    1 
_pdbx_validate_close_contact.auth_atom_id_1   OE1 
_pdbx_validate_close_contact.auth_asym_id_1   A 
_pdbx_validate_close_contact.auth_comp_id_1   GLU 
_pdbx_validate_close_contact.auth_seq_id_1    156 
_pdbx_validate_close_contact.PDB_ins_code_1   ? 
_pdbx_validate_close_contact.label_alt_id_1   ? 
_pdbx_validate_close_contact.auth_atom_id_2   O 
_pdbx_validate_close_contact.auth_asym_id_2   A 
_pdbx_validate_close_contact.auth_comp_id_2   HOH 
_pdbx_validate_close_contact.auth_seq_id_2    406 
_pdbx_validate_close_contact.PDB_ins_code_2   ? 
_pdbx_validate_close_contact.label_alt_id_2   ? 
_pdbx_validate_close_contact.dist             2.16 
# 
_pdbx_validate_symm_contact.id                1 
_pdbx_validate_symm_contact.PDB_model_num     1 
_pdbx_validate_symm_contact.auth_atom_id_1    O 
_pdbx_validate_symm_contact.auth_asym_id_1    A 
_pdbx_validate_symm_contact.auth_comp_id_1    HOH 
_pdbx_validate_symm_contact.auth_seq_id_1     327 
_pdbx_validate_symm_contact.PDB_ins_code_1    ? 
_pdbx_validate_symm_contact.label_alt_id_1    ? 
_pdbx_validate_symm_contact.site_symmetry_1   1_555 
_pdbx_validate_symm_contact.auth_atom_id_2    O 
_pdbx_validate_symm_contact.auth_asym_id_2    A 
_pdbx_validate_symm_contact.auth_comp_id_2    HOH 
_pdbx_validate_symm_contact.auth_seq_id_2     372 
_pdbx_validate_symm_contact.PDB_ins_code_2    ? 
_pdbx_validate_symm_contact.label_alt_id_2    ? 
_pdbx_validate_symm_contact.site_symmetry_2   2_565 
_pdbx_validate_symm_contact.dist              1.88 
# 
_pdbx_validate_torsion.id              1 
_pdbx_validate_torsion.PDB_model_num   1 
_pdbx_validate_torsion.auth_comp_id    ALA 
_pdbx_validate_torsion.auth_asym_id    A 
_pdbx_validate_torsion.auth_seq_id     114 
_pdbx_validate_torsion.PDB_ins_code    ? 
_pdbx_validate_torsion.label_alt_id    ? 
_pdbx_validate_torsion.phi             -164.13 
_pdbx_validate_torsion.psi             -14.70 
# 
loop_
_pdbx_struct_special_symmetry.id 
_pdbx_struct_special_symmetry.PDB_model_num 
_pdbx_struct_special_symmetry.auth_asym_id 
_pdbx_struct_special_symmetry.auth_comp_id 
_pdbx_struct_special_symmetry.auth_seq_id 
_pdbx_struct_special_symmetry.PDB_ins_code 
_pdbx_struct_special_symmetry.label_asym_id 
_pdbx_struct_special_symmetry.label_comp_id 
_pdbx_struct_special_symmetry.label_seq_id 
1 1 A FE  201 ? B FE  . 
2 1 A HOH 304 ? C HOH . 
3 1 A HOH 331 ? C HOH . 
4 1 A HOH 333 ? C HOH . 
5 1 A HOH 356 ? C HOH . 
6 1 A HOH 366 ? C HOH . 
7 1 A HOH 367 ? C HOH . 
8 1 A HOH 391 ? C HOH . 
9 1 A HOH 413 ? C HOH . 
# 
_pdbx_database_remark.id     700 
_pdbx_database_remark.text   
;SHEET
DETERMINATION METHOD: AUTHOR DETERMINED
;
# 
loop_
_pdbx_distant_solvent_atoms.id 
_pdbx_distant_solvent_atoms.PDB_model_num 
_pdbx_distant_solvent_atoms.auth_atom_id 
_pdbx_distant_solvent_atoms.label_alt_id 
_pdbx_distant_solvent_atoms.auth_asym_id 
_pdbx_distant_solvent_atoms.auth_comp_id 
_pdbx_distant_solvent_atoms.auth_seq_id 
_pdbx_distant_solvent_atoms.PDB_ins_code 
_pdbx_distant_solvent_atoms.neighbor_macromolecule_distance 
_pdbx_distant_solvent_atoms.neighbor_ligand_distance 
1  1 O ? A HOH 352 ? 6.35 . 
2  1 O ? A HOH 363 ? 6.00 . 
3  1 O ? A HOH 364 ? 7.07 . 
4  1 O ? A HOH 366 ? 6.96 . 
5  1 O ? A HOH 368 ? 6.04 . 
6  1 O ? A HOH 385 ? 7.07 . 
7  1 O ? A HOH 396 ? 6.34 . 
8  1 O ? A HOH 399 ? 6.63 . 
9  1 O ? A HOH 402 ? 6.20 . 
10 1 O ? A HOH 403 ? 7.07 . 
11 1 O ? A HOH 404 ? 5.95 . 
12 1 O ? A HOH 413 ? 6.52 . 
13 1 O ? A HOH 414 ? 6.02 . 
# 
loop_
_chem_comp_atom.comp_id 
_chem_comp_atom.atom_id 
_chem_comp_atom.type_symbol 
_chem_comp_atom.pdbx_aromatic_flag 
_chem_comp_atom.pdbx_stereo_config 
_chem_comp_atom.pdbx_ordinal 
ALA N    N  N N 1   
ALA CA   C  N S 2   
ALA C    C  N N 3   
ALA O    O  N N 4   
ALA CB   C  N N 5   
ALA OXT  O  N N 6   
ALA H    H  N N 7   
ALA H2   H  N N 8   
ALA HA   H  N N 9   
ALA HB1  H  N N 10  
ALA HB2  H  N N 11  
ALA HB3  H  N N 12  
ALA HXT  H  N N 13  
ARG N    N  N N 14  
ARG CA   C  N S 15  
ARG C    C  N N 16  
ARG O    O  N N 17  
ARG CB   C  N N 18  
ARG CG   C  N N 19  
ARG CD   C  N N 20  
ARG NE   N  N N 21  
ARG CZ   C  N N 22  
ARG NH1  N  N N 23  
ARG NH2  N  N N 24  
ARG OXT  O  N N 25  
ARG H    H  N N 26  
ARG H2   H  N N 27  
ARG HA   H  N N 28  
ARG HB2  H  N N 29  
ARG HB3  H  N N 30  
ARG HG2  H  N N 31  
ARG HG3  H  N N 32  
ARG HD2  H  N N 33  
ARG HD3  H  N N 34  
ARG HE   H  N N 35  
ARG HH11 H  N N 36  
ARG HH12 H  N N 37  
ARG HH21 H  N N 38  
ARG HH22 H  N N 39  
ARG HXT  H  N N 40  
ASN N    N  N N 41  
ASN CA   C  N S 42  
ASN C    C  N N 43  
ASN O    O  N N 44  
ASN CB   C  N N 45  
ASN CG   C  N N 46  
ASN OD1  O  N N 47  
ASN ND2  N  N N 48  
ASN OXT  O  N N 49  
ASN H    H  N N 50  
ASN H2   H  N N 51  
ASN HA   H  N N 52  
ASN HB2  H  N N 53  
ASN HB3  H  N N 54  
ASN HD21 H  N N 55  
ASN HD22 H  N N 56  
ASN HXT  H  N N 57  
ASP N    N  N N 58  
ASP CA   C  N S 59  
ASP C    C  N N 60  
ASP O    O  N N 61  
ASP CB   C  N N 62  
ASP CG   C  N N 63  
ASP OD1  O  N N 64  
ASP OD2  O  N N 65  
ASP OXT  O  N N 66  
ASP H    H  N N 67  
ASP H2   H  N N 68  
ASP HA   H  N N 69  
ASP HB2  H  N N 70  
ASP HB3  H  N N 71  
ASP HD2  H  N N 72  
ASP HXT  H  N N 73  
FE  FE   FE N N 74  
GLU N    N  N N 75  
GLU CA   C  N S 76  
GLU C    C  N N 77  
GLU O    O  N N 78  
GLU CB   C  N N 79  
GLU CG   C  N N 80  
GLU CD   C  N N 81  
GLU OE1  O  N N 82  
GLU OE2  O  N N 83  
GLU OXT  O  N N 84  
GLU H    H  N N 85  
GLU H2   H  N N 86  
GLU HA   H  N N 87  
GLU HB2  H  N N 88  
GLU HB3  H  N N 89  
GLU HG2  H  N N 90  
GLU HG3  H  N N 91  
GLU HE2  H  N N 92  
GLU HXT  H  N N 93  
GLY N    N  N N 94  
GLY CA   C  N N 95  
GLY C    C  N N 96  
GLY O    O  N N 97  
GLY OXT  O  N N 98  
GLY H    H  N N 99  
GLY H2   H  N N 100 
GLY HA2  H  N N 101 
GLY HA3  H  N N 102 
GLY HXT  H  N N 103 
HIS N    N  N N 104 
HIS CA   C  N S 105 
HIS C    C  N N 106 
HIS O    O  N N 107 
HIS CB   C  N N 108 
HIS CG   C  Y N 109 
HIS ND1  N  Y N 110 
HIS CD2  C  Y N 111 
HIS CE1  C  Y N 112 
HIS NE2  N  Y N 113 
HIS OXT  O  N N 114 
HIS H    H  N N 115 
HIS H2   H  N N 116 
HIS HA   H  N N 117 
HIS HB2  H  N N 118 
HIS HB3  H  N N 119 
HIS HD1  H  N N 120 
HIS HD2  H  N N 121 
HIS HE1  H  N N 122 
HIS HE2  H  N N 123 
HIS HXT  H  N N 124 
HOH O    O  N N 125 
HOH H1   H  N N 126 
HOH H2   H  N N 127 
ILE N    N  N N 128 
ILE CA   C  N S 129 
ILE C    C  N N 130 
ILE O    O  N N 131 
ILE CB   C  N S 132 
ILE CG1  C  N N 133 
ILE CG2  C  N N 134 
ILE CD1  C  N N 135 
ILE OXT  O  N N 136 
ILE H    H  N N 137 
ILE H2   H  N N 138 
ILE HA   H  N N 139 
ILE HB   H  N N 140 
ILE HG12 H  N N 141 
ILE HG13 H  N N 142 
ILE HG21 H  N N 143 
ILE HG22 H  N N 144 
ILE HG23 H  N N 145 
ILE HD11 H  N N 146 
ILE HD12 H  N N 147 
ILE HD13 H  N N 148 
ILE HXT  H  N N 149 
LEU N    N  N N 150 
LEU CA   C  N S 151 
LEU C    C  N N 152 
LEU O    O  N N 153 
LEU CB   C  N N 154 
LEU CG   C  N N 155 
LEU CD1  C  N N 156 
LEU CD2  C  N N 157 
LEU OXT  O  N N 158 
LEU H    H  N N 159 
LEU H2   H  N N 160 
LEU HA   H  N N 161 
LEU HB2  H  N N 162 
LEU HB3  H  N N 163 
LEU HG   H  N N 164 
LEU HD11 H  N N 165 
LEU HD12 H  N N 166 
LEU HD13 H  N N 167 
LEU HD21 H  N N 168 
LEU HD22 H  N N 169 
LEU HD23 H  N N 170 
LEU HXT  H  N N 171 
LYS N    N  N N 172 
LYS CA   C  N S 173 
LYS C    C  N N 174 
LYS O    O  N N 175 
LYS CB   C  N N 176 
LYS CG   C  N N 177 
LYS CD   C  N N 178 
LYS CE   C  N N 179 
LYS NZ   N  N N 180 
LYS OXT  O  N N 181 
LYS H    H  N N 182 
LYS H2   H  N N 183 
LYS HA   H  N N 184 
LYS HB2  H  N N 185 
LYS HB3  H  N N 186 
LYS HG2  H  N N 187 
LYS HG3  H  N N 188 
LYS HD2  H  N N 189 
LYS HD3  H  N N 190 
LYS HE2  H  N N 191 
LYS HE3  H  N N 192 
LYS HZ1  H  N N 193 
LYS HZ2  H  N N 194 
LYS HZ3  H  N N 195 
LYS HXT  H  N N 196 
PHE N    N  N N 197 
PHE CA   C  N S 198 
PHE C    C  N N 199 
PHE O    O  N N 200 
PHE CB   C  N N 201 
PHE CG   C  Y N 202 
PHE CD1  C  Y N 203 
PHE CD2  C  Y N 204 
PHE CE1  C  Y N 205 
PHE CE2  C  Y N 206 
PHE CZ   C  Y N 207 
PHE OXT  O  N N 208 
PHE H    H  N N 209 
PHE H2   H  N N 210 
PHE HA   H  N N 211 
PHE HB2  H  N N 212 
PHE HB3  H  N N 213 
PHE HD1  H  N N 214 
PHE HD2  H  N N 215 
PHE HE1  H  N N 216 
PHE HE2  H  N N 217 
PHE HZ   H  N N 218 
PHE HXT  H  N N 219 
PRO N    N  N N 220 
PRO CA   C  N S 221 
PRO C    C  N N 222 
PRO O    O  N N 223 
PRO CB   C  N N 224 
PRO CG   C  N N 225 
PRO CD   C  N N 226 
PRO OXT  O  N N 227 
PRO H    H  N N 228 
PRO HA   H  N N 229 
PRO HB2  H  N N 230 
PRO HB3  H  N N 231 
PRO HG2  H  N N 232 
PRO HG3  H  N N 233 
PRO HD2  H  N N 234 
PRO HD3  H  N N 235 
PRO HXT  H  N N 236 
SER N    N  N N 237 
SER CA   C  N S 238 
SER C    C  N N 239 
SER O    O  N N 240 
SER CB   C  N N 241 
SER OG   O  N N 242 
SER OXT  O  N N 243 
SER H    H  N N 244 
SER H2   H  N N 245 
SER HA   H  N N 246 
SER HB2  H  N N 247 
SER HB3  H  N N 248 
SER HG   H  N N 249 
SER HXT  H  N N 250 
THR N    N  N N 251 
THR CA   C  N S 252 
THR C    C  N N 253 
THR O    O  N N 254 
THR CB   C  N R 255 
THR OG1  O  N N 256 
THR CG2  C  N N 257 
THR OXT  O  N N 258 
THR H    H  N N 259 
THR H2   H  N N 260 
THR HA   H  N N 261 
THR HB   H  N N 262 
THR HG1  H  N N 263 
THR HG21 H  N N 264 
THR HG22 H  N N 265 
THR HG23 H  N N 266 
THR HXT  H  N N 267 
TRP N    N  N N 268 
TRP CA   C  N S 269 
TRP C    C  N N 270 
TRP O    O  N N 271 
TRP CB   C  N N 272 
TRP CG   C  Y N 273 
TRP CD1  C  Y N 274 
TRP CD2  C  Y N 275 
TRP NE1  N  Y N 276 
TRP CE2  C  Y N 277 
TRP CE3  C  Y N 278 
TRP CZ2  C  Y N 279 
TRP CZ3  C  Y N 280 
TRP CH2  C  Y N 281 
TRP OXT  O  N N 282 
TRP H    H  N N 283 
TRP H2   H  N N 284 
TRP HA   H  N N 285 
TRP HB2  H  N N 286 
TRP HB3  H  N N 287 
TRP HD1  H  N N 288 
TRP HE1  H  N N 289 
TRP HE3  H  N N 290 
TRP HZ2  H  N N 291 
TRP HZ3  H  N N 292 
TRP HH2  H  N N 293 
TRP HXT  H  N N 294 
TYR N    N  N N 295 
TYR CA   C  N S 296 
TYR C    C  N N 297 
TYR O    O  N N 298 
TYR CB   C  N N 299 
TYR CG   C  Y N 300 
TYR CD1  C  Y N 301 
TYR CD2  C  Y N 302 
TYR CE1  C  Y N 303 
TYR CE2  C  Y N 304 
TYR CZ   C  Y N 305 
TYR OH   O  N N 306 
TYR OXT  O  N N 307 
TYR H    H  N N 308 
TYR H2   H  N N 309 
TYR HA   H  N N 310 
TYR HB2  H  N N 311 
TYR HB3  H  N N 312 
TYR HD1  H  N N 313 
TYR HD2  H  N N 314 
TYR HE1  H  N N 315 
TYR HE2  H  N N 316 
TYR HH   H  N N 317 
TYR HXT  H  N N 318 
VAL N    N  N N 319 
VAL CA   C  N S 320 
VAL C    C  N N 321 
VAL O    O  N N 322 
VAL CB   C  N N 323 
VAL CG1  C  N N 324 
VAL CG2  C  N N 325 
VAL OXT  O  N N 326 
VAL H    H  N N 327 
VAL H2   H  N N 328 
VAL HA   H  N N 329 
VAL HB   H  N N 330 
VAL HG11 H  N N 331 
VAL HG12 H  N N 332 
VAL HG13 H  N N 333 
VAL HG21 H  N N 334 
VAL HG22 H  N N 335 
VAL HG23 H  N N 336 
VAL HXT  H  N N 337 
# 
loop_
_chem_comp_bond.comp_id 
_chem_comp_bond.atom_id_1 
_chem_comp_bond.atom_id_2 
_chem_comp_bond.value_order 
_chem_comp_bond.pdbx_aromatic_flag 
_chem_comp_bond.pdbx_stereo_config 
_chem_comp_bond.pdbx_ordinal 
ALA N   CA   sing N N 1   
ALA N   H    sing N N 2   
ALA N   H2   sing N N 3   
ALA CA  C    sing N N 4   
ALA CA  CB   sing N N 5   
ALA CA  HA   sing N N 6   
ALA C   O    doub N N 7   
ALA C   OXT  sing N N 8   
ALA CB  HB1  sing N N 9   
ALA CB  HB2  sing N N 10  
ALA CB  HB3  sing N N 11  
ALA OXT HXT  sing N N 12  
ARG N   CA   sing N N 13  
ARG N   H    sing N N 14  
ARG N   H2   sing N N 15  
ARG CA  C    sing N N 16  
ARG CA  CB   sing N N 17  
ARG CA  HA   sing N N 18  
ARG C   O    doub N N 19  
ARG C   OXT  sing N N 20  
ARG CB  CG   sing N N 21  
ARG CB  HB2  sing N N 22  
ARG CB  HB3  sing N N 23  
ARG CG  CD   sing N N 24  
ARG CG  HG2  sing N N 25  
ARG CG  HG3  sing N N 26  
ARG CD  NE   sing N N 27  
ARG CD  HD2  sing N N 28  
ARG CD  HD3  sing N N 29  
ARG NE  CZ   sing N N 30  
ARG NE  HE   sing N N 31  
ARG CZ  NH1  sing N N 32  
ARG CZ  NH2  doub N N 33  
ARG NH1 HH11 sing N N 34  
ARG NH1 HH12 sing N N 35  
ARG NH2 HH21 sing N N 36  
ARG NH2 HH22 sing N N 37  
ARG OXT HXT  sing N N 38  
ASN N   CA   sing N N 39  
ASN N   H    sing N N 40  
ASN N   H2   sing N N 41  
ASN CA  C    sing N N 42  
ASN CA  CB   sing N N 43  
ASN CA  HA   sing N N 44  
ASN C   O    doub N N 45  
ASN C   OXT  sing N N 46  
ASN CB  CG   sing N N 47  
ASN CB  HB2  sing N N 48  
ASN CB  HB3  sing N N 49  
ASN CG  OD1  doub N N 50  
ASN CG  ND2  sing N N 51  
ASN ND2 HD21 sing N N 52  
ASN ND2 HD22 sing N N 53  
ASN OXT HXT  sing N N 54  
ASP N   CA   sing N N 55  
ASP N   H    sing N N 56  
ASP N   H2   sing N N 57  
ASP CA  C    sing N N 58  
ASP CA  CB   sing N N 59  
ASP CA  HA   sing N N 60  
ASP C   O    doub N N 61  
ASP C   OXT  sing N N 62  
ASP CB  CG   sing N N 63  
ASP CB  HB2  sing N N 64  
ASP CB  HB3  sing N N 65  
ASP CG  OD1  doub N N 66  
ASP CG  OD2  sing N N 67  
ASP OD2 HD2  sing N N 68  
ASP OXT HXT  sing N N 69  
GLU N   CA   sing N N 70  
GLU N   H    sing N N 71  
GLU N   H2   sing N N 72  
GLU CA  C    sing N N 73  
GLU CA  CB   sing N N 74  
GLU CA  HA   sing N N 75  
GLU C   O    doub N N 76  
GLU C   OXT  sing N N 77  
GLU CB  CG   sing N N 78  
GLU CB  HB2  sing N N 79  
GLU CB  HB3  sing N N 80  
GLU CG  CD   sing N N 81  
GLU CG  HG2  sing N N 82  
GLU CG  HG3  sing N N 83  
GLU CD  OE1  doub N N 84  
GLU CD  OE2  sing N N 85  
GLU OE2 HE2  sing N N 86  
GLU OXT HXT  sing N N 87  
GLY N   CA   sing N N 88  
GLY N   H    sing N N 89  
GLY N   H2   sing N N 90  
GLY CA  C    sing N N 91  
GLY CA  HA2  sing N N 92  
GLY CA  HA3  sing N N 93  
GLY C   O    doub N N 94  
GLY C   OXT  sing N N 95  
GLY OXT HXT  sing N N 96  
HIS N   CA   sing N N 97  
HIS N   H    sing N N 98  
HIS N   H2   sing N N 99  
HIS CA  C    sing N N 100 
HIS CA  CB   sing N N 101 
HIS CA  HA   sing N N 102 
HIS C   O    doub N N 103 
HIS C   OXT  sing N N 104 
HIS CB  CG   sing N N 105 
HIS CB  HB2  sing N N 106 
HIS CB  HB3  sing N N 107 
HIS CG  ND1  sing Y N 108 
HIS CG  CD2  doub Y N 109 
HIS ND1 CE1  doub Y N 110 
HIS ND1 HD1  sing N N 111 
HIS CD2 NE2  sing Y N 112 
HIS CD2 HD2  sing N N 113 
HIS CE1 NE2  sing Y N 114 
HIS CE1 HE1  sing N N 115 
HIS NE2 HE2  sing N N 116 
HIS OXT HXT  sing N N 117 
HOH O   H1   sing N N 118 
HOH O   H2   sing N N 119 
ILE N   CA   sing N N 120 
ILE N   H    sing N N 121 
ILE N   H2   sing N N 122 
ILE CA  C    sing N N 123 
ILE CA  CB   sing N N 124 
ILE CA  HA   sing N N 125 
ILE C   O    doub N N 126 
ILE C   OXT  sing N N 127 
ILE CB  CG1  sing N N 128 
ILE CB  CG2  sing N N 129 
ILE CB  HB   sing N N 130 
ILE CG1 CD1  sing N N 131 
ILE CG1 HG12 sing N N 132 
ILE CG1 HG13 sing N N 133 
ILE CG2 HG21 sing N N 134 
ILE CG2 HG22 sing N N 135 
ILE CG2 HG23 sing N N 136 
ILE CD1 HD11 sing N N 137 
ILE CD1 HD12 sing N N 138 
ILE CD1 HD13 sing N N 139 
ILE OXT HXT  sing N N 140 
LEU N   CA   sing N N 141 
LEU N   H    sing N N 142 
LEU N   H2   sing N N 143 
LEU CA  C    sing N N 144 
LEU CA  CB   sing N N 145 
LEU CA  HA   sing N N 146 
LEU C   O    doub N N 147 
LEU C   OXT  sing N N 148 
LEU CB  CG   sing N N 149 
LEU CB  HB2  sing N N 150 
LEU CB  HB3  sing N N 151 
LEU CG  CD1  sing N N 152 
LEU CG  CD2  sing N N 153 
LEU CG  HG   sing N N 154 
LEU CD1 HD11 sing N N 155 
LEU CD1 HD12 sing N N 156 
LEU CD1 HD13 sing N N 157 
LEU CD2 HD21 sing N N 158 
LEU CD2 HD22 sing N N 159 
LEU CD2 HD23 sing N N 160 
LEU OXT HXT  sing N N 161 
LYS N   CA   sing N N 162 
LYS N   H    sing N N 163 
LYS N   H2   sing N N 164 
LYS CA  C    sing N N 165 
LYS CA  CB   sing N N 166 
LYS CA  HA   sing N N 167 
LYS C   O    doub N N 168 
LYS C   OXT  sing N N 169 
LYS CB  CG   sing N N 170 
LYS CB  HB2  sing N N 171 
LYS CB  HB3  sing N N 172 
LYS CG  CD   sing N N 173 
LYS CG  HG2  sing N N 174 
LYS CG  HG3  sing N N 175 
LYS CD  CE   sing N N 176 
LYS CD  HD2  sing N N 177 
LYS CD  HD3  sing N N 178 
LYS CE  NZ   sing N N 179 
LYS CE  HE2  sing N N 180 
LYS CE  HE3  sing N N 181 
LYS NZ  HZ1  sing N N 182 
LYS NZ  HZ2  sing N N 183 
LYS NZ  HZ3  sing N N 184 
LYS OXT HXT  sing N N 185 
PHE N   CA   sing N N 186 
PHE N   H    sing N N 187 
PHE N   H2   sing N N 188 
PHE CA  C    sing N N 189 
PHE CA  CB   sing N N 190 
PHE CA  HA   sing N N 191 
PHE C   O    doub N N 192 
PHE C   OXT  sing N N 193 
PHE CB  CG   sing N N 194 
PHE CB  HB2  sing N N 195 
PHE CB  HB3  sing N N 196 
PHE CG  CD1  doub Y N 197 
PHE CG  CD2  sing Y N 198 
PHE CD1 CE1  sing Y N 199 
PHE CD1 HD1  sing N N 200 
PHE CD2 CE2  doub Y N 201 
PHE CD2 HD2  sing N N 202 
PHE CE1 CZ   doub Y N 203 
PHE CE1 HE1  sing N N 204 
PHE CE2 CZ   sing Y N 205 
PHE CE2 HE2  sing N N 206 
PHE CZ  HZ   sing N N 207 
PHE OXT HXT  sing N N 208 
PRO N   CA   sing N N 209 
PRO N   CD   sing N N 210 
PRO N   H    sing N N 211 
PRO CA  C    sing N N 212 
PRO CA  CB   sing N N 213 
PRO CA  HA   sing N N 214 
PRO C   O    doub N N 215 
PRO C   OXT  sing N N 216 
PRO CB  CG   sing N N 217 
PRO CB  HB2  sing N N 218 
PRO CB  HB3  sing N N 219 
PRO CG  CD   sing N N 220 
PRO CG  HG2  sing N N 221 
PRO CG  HG3  sing N N 222 
PRO CD  HD2  sing N N 223 
PRO CD  HD3  sing N N 224 
PRO OXT HXT  sing N N 225 
SER N   CA   sing N N 226 
SER N   H    sing N N 227 
SER N   H2   sing N N 228 
SER CA  C    sing N N 229 
SER CA  CB   sing N N 230 
SER CA  HA   sing N N 231 
SER C   O    doub N N 232 
SER C   OXT  sing N N 233 
SER CB  OG   sing N N 234 
SER CB  HB2  sing N N 235 
SER CB  HB3  sing N N 236 
SER OG  HG   sing N N 237 
SER OXT HXT  sing N N 238 
THR N   CA   sing N N 239 
THR N   H    sing N N 240 
THR N   H2   sing N N 241 
THR CA  C    sing N N 242 
THR CA  CB   sing N N 243 
THR CA  HA   sing N N 244 
THR C   O    doub N N 245 
THR C   OXT  sing N N 246 
THR CB  OG1  sing N N 247 
THR CB  CG2  sing N N 248 
THR CB  HB   sing N N 249 
THR OG1 HG1  sing N N 250 
THR CG2 HG21 sing N N 251 
THR CG2 HG22 sing N N 252 
THR CG2 HG23 sing N N 253 
THR OXT HXT  sing N N 254 
TRP N   CA   sing N N 255 
TRP N   H    sing N N 256 
TRP N   H2   sing N N 257 
TRP CA  C    sing N N 258 
TRP CA  CB   sing N N 259 
TRP CA  HA   sing N N 260 
TRP C   O    doub N N 261 
TRP C   OXT  sing N N 262 
TRP CB  CG   sing N N 263 
TRP CB  HB2  sing N N 264 
TRP CB  HB3  sing N N 265 
TRP CG  CD1  doub Y N 266 
TRP CG  CD2  sing Y N 267 
TRP CD1 NE1  sing Y N 268 
TRP CD1 HD1  sing N N 269 
TRP CD2 CE2  doub Y N 270 
TRP CD2 CE3  sing Y N 271 
TRP NE1 CE2  sing Y N 272 
TRP NE1 HE1  sing N N 273 
TRP CE2 CZ2  sing Y N 274 
TRP CE3 CZ3  doub Y N 275 
TRP CE3 HE3  sing N N 276 
TRP CZ2 CH2  doub Y N 277 
TRP CZ2 HZ2  sing N N 278 
TRP CZ3 CH2  sing Y N 279 
TRP CZ3 HZ3  sing N N 280 
TRP CH2 HH2  sing N N 281 
TRP OXT HXT  sing N N 282 
TYR N   CA   sing N N 283 
TYR N   H    sing N N 284 
TYR N   H2   sing N N 285 
TYR CA  C    sing N N 286 
TYR CA  CB   sing N N 287 
TYR CA  HA   sing N N 288 
TYR C   O    doub N N 289 
TYR C   OXT  sing N N 290 
TYR CB  CG   sing N N 291 
TYR CB  HB2  sing N N 292 
TYR CB  HB3  sing N N 293 
TYR CG  CD1  doub Y N 294 
TYR CG  CD2  sing Y N 295 
TYR CD1 CE1  sing Y N 296 
TYR CD1 HD1  sing N N 297 
TYR CD2 CE2  doub Y N 298 
TYR CD2 HD2  sing N N 299 
TYR CE1 CZ   doub Y N 300 
TYR CE1 HE1  sing N N 301 
TYR CE2 CZ   sing Y N 302 
TYR CE2 HE2  sing N N 303 
TYR CZ  OH   sing N N 304 
TYR OH  HH   sing N N 305 
TYR OXT HXT  sing N N 306 
VAL N   CA   sing N N 307 
VAL N   H    sing N N 308 
VAL N   H2   sing N N 309 
VAL CA  C    sing N N 310 
VAL CA  CB   sing N N 311 
VAL CA  HA   sing N N 312 
VAL C   O    doub N N 313 
VAL C   OXT  sing N N 314 
VAL CB  CG1  sing N N 315 
VAL CB  CG2  sing N N 316 
VAL CB  HB   sing N N 317 
VAL CG1 HG11 sing N N 318 
VAL CG1 HG12 sing N N 319 
VAL CG1 HG13 sing N N 320 
VAL CG2 HG21 sing N N 321 
VAL CG2 HG22 sing N N 322 
VAL CG2 HG23 sing N N 323 
VAL OXT HXT  sing N N 324 
# 
_atom_sites.entry_id                    4S36 
_atom_sites.fract_transf_matrix[1][1]   -0.02199715 
_atom_sites.fract_transf_matrix[1][2]   -0.00526579 
_atom_sites.fract_transf_matrix[1][3]   0.01062739 
_atom_sites.fract_transf_matrix[2][1]   -0.00837233 
_atom_sites.fract_transf_matrix[2][2]   0.01395352 
_atom_sites.fract_transf_matrix[2][3]   0.01896717 
_atom_sites.fract_transf_matrix[3][1]   -0.00316540 
_atom_sites.fract_transf_matrix[3][2]   0.00418684 
_atom_sites.fract_transf_matrix[3][3]   -0.00447736 
_atom_sites.fract_transf_vector[1]      -0.345586 
_atom_sites.fract_transf_vector[2]      0.250970 
_atom_sites.fract_transf_vector[3]      0.076326 
# 
loop_
_atom_type.symbol 
C  
FE 
N  
O  
# 
loop_
_atom_site.group_PDB 
_atom_site.id 
_atom_site.type_symbol 
_atom_site.label_atom_id 
_atom_site.label_alt_id 
_atom_site.label_comp_id 
_atom_site.label_asym_id 
_atom_site.label_entity_id 
_atom_site.label_seq_id 
_atom_site.pdbx_PDB_ins_code 
_atom_site.Cartn_x 
_atom_site.Cartn_y 
_atom_site.Cartn_z 
_atom_site.occupancy 
_atom_site.B_iso_or_equiv 
_atom_site.pdbx_formal_charge 
_atom_site.auth_seq_id 
_atom_site.auth_comp_id 
_atom_site.auth_asym_id 
_atom_site.auth_atom_id 
_atom_site.pdbx_PDB_model_num 
ATOM   1   N  N   . SER A 1 1  ? -26.460 -0.271  -12.028 1.00   58.02 ? 96  SER A N   1 
ATOM   2   C  CA  . SER A 1 1  ? -25.887 -0.039  -10.707 1.00   57.37 ? 96  SER A CA  1 
ATOM   3   C  C   . SER A 1 1  ? -24.653 0.868   -10.762 1.00   56.45 ? 96  SER A C   1 
ATOM   4   O  O   . SER A 1 1  ? -24.371 1.613   -9.820  1.00   56.39 ? 96  SER A O   1 
ATOM   5   C  CB  . SER A 1 1  ? -25.545 -1.371  -10.034 1.00   61.93 ? 96  SER A CB  1 
ATOM   6   O  OG  . SER A 1 1  ? -24.992 -2.288  -10.966 1.00   62.68 ? 96  SER A OG  1 
ATOM   7   N  N   . SER A 1 2  ? -23.927 0.813   -11.873 1.00   50.53 ? 97  SER A N   1 
ATOM   8   C  CA  . SER A 1 2  ? -22.724 1.615   -12.022 1.00   47.22 ? 97  SER A CA  1 
ATOM   9   C  C   . SER A 1 2  ? -22.598 2.201   -13.422 1.00   41.96 ? 97  SER A C   1 
ATOM   10  O  O   . SER A 1 2  ? -23.350 1.858   -14.340 1.00   46.37 ? 97  SER A O   1 
ATOM   11  C  CB  . SER A 1 2  ? -21.484 0.773   -11.719 1.00   51.04 ? 97  SER A CB  1 
ATOM   12  O  OG  . SER A 1 2  ? -21.073 0.056   -12.874 1.00   54.85 ? 97  SER A OG  1 
ATOM   13  N  N   . GLU A 1 3  ? -21.633 3.094   -13.577 1.00   34.02 ? 98  GLU A N   1 
ATOM   14  C  CA  . GLU A 1 3  ? -21.261 3.563   -14.893 1.00   34.79 ? 98  GLU A CA  1 
ATOM   15  C  C   . GLU A 1 3  ? -19.756 3.677   -15.001 1.00   29.82 ? 98  GLU A C   1 
ATOM   16  O  O   . GLU A 1 3  ? -19.047 3.793   -13.997 1.00   26.79 ? 98  GLU A O   1 
ATOM   17  C  CB  . GLU A 1 3  ? -21.899 4.908   -15.176 1.00   36.26 ? 98  GLU A CB  1 
ATOM   18  C  CG  . GLU A 1 3  ? -21.505 5.972   -14.195 1.00   32.09 ? 98  GLU A CG  1 
ATOM   19  C  CD  . GLU A 1 3  ? -22.345 7.217   -14.371 1.00   35.54 ? 98  GLU A CD  1 
ATOM   20  O  OE1 . GLU A 1 3  ? -22.894 7.409   -15.482 1.00   33.87 ? 98  GLU A OE1 1 
ATOM   21  O  OE2 . GLU A 1 3  ? -22.468 7.988   -13.399 1.00   40.04 ? 98  GLU A OE2 1 
ATOM   22  N  N   . THR A 1 4  ? -19.278 3.632   -16.233 1.00   33.33 ? 99  THR A N   1 
ATOM   23  C  CA  . THR A 1 4  ? -17.860 3.607   -16.510 1.00   31.87 ? 99  THR A CA  1 
ATOM   24  C  C   . THR A 1 4  ? -17.545 4.572   -17.646 1.00   29.44 ? 99  THR A C   1 
ATOM   25  O  O   . THR A 1 4  ? -18.326 4.732   -18.603 1.00   36.88 ? 99  THR A O   1 
ATOM   26  C  CB  . THR A 1 4  ? -17.389 2.185   -16.888 1.00   38.44 ? 99  THR A CB  1 
ATOM   27  O  OG1 . THR A 1 4  ? -17.684 1.280   -15.813 1.00   44.17 ? 99  THR A OG1 1 
ATOM   28  C  CG2 . THR A 1 4  ? -15.882 2.154   -17.158 1.00   42.97 ? 99  THR A CG2 1 
ATOM   29  N  N   . TRP A 1 5  ? -16.411 5.246   -17.510 1.00   25.70 ? 100 TRP A N   1 
ATOM   30  C  CA  . TRP A 1 5  ? -15.817 5.997   -18.599 1.00   26.02 ? 100 TRP A CA  1 
ATOM   31  C  C   . TRP A 1 5  ? -14.492 5.360   -18.983 1.00   27.69 ? 100 TRP A C   1 
ATOM   32  O  O   . TRP A 1 5  ? -13.629 5.146   -18.131 1.00   28.96 ? 100 TRP A O   1 
ATOM   33  C  CB  . TRP A 1 5  ? -15.574 7.449   -18.194 1.00   27.78 ? 100 TRP A CB  1 
ATOM   34  C  CG  . TRP A 1 5  ? -15.243 8.314   -19.379 1.00   27.61 ? 100 TRP A CG  1 
ATOM   35  C  CD1 . TRP A 1 5  ? -14.023 8.478   -19.968 1.00   30.87 ? 100 TRP A CD1 1 
ATOM   36  C  CD2 . TRP A 1 5  ? -16.156 9.119   -20.128 1.00   27.51 ? 100 TRP A CD2 1 
ATOM   37  N  NE1 . TRP A 1 5  ? -14.115 9.335   -21.033 1.00   32.01 ? 100 TRP A NE1 1 
ATOM   38  C  CE2 . TRP A 1 5  ? -15.417 9.746   -21.149 1.00   27.73 ? 100 TRP A CE2 1 
ATOM   39  C  CE3 . TRP A 1 5  ? -17.523 9.371   -20.030 1.00   24.33 ? 100 TRP A CE3 1 
ATOM   40  C  CZ2 . TRP A 1 5  ? -16.000 10.614  -22.062 1.00   30.37 ? 100 TRP A CZ2 1 
ATOM   41  C  CZ3 . TRP A 1 5  ? -18.104 10.234  -20.953 1.00   27.95 ? 100 TRP A CZ3 1 
ATOM   42  C  CH2 . TRP A 1 5  ? -17.339 10.841  -21.945 1.00   29.42 ? 100 TRP A CH2 1 
ATOM   43  N  N   . ARG A 1 6  ? -14.340 5.052   -20.262 1.00   32.17 ? 101 ARG A N   1 
ATOM   44  C  CA  . ARG A 1 6  ? -13.104 4.496   -20.780 1.00   35.40 ? 101 ARG A CA  1 
ATOM   45  C  C   . ARG A 1 6  ? -12.342 5.544   -21.560 1.00   38.95 ? 101 ARG A C   1 
ATOM   46  O  O   . ARG A 1 6  ? -12.875 6.138   -22.498 1.00   39.36 ? 101 ARG A O   1 
ATOM   47  C  CB  . ARG A 1 6  ? -13.399 3.290   -21.659 1.00   41.97 ? 101 ARG A CB  1 
ATOM   48  C  CG  . ARG A 1 6  ? -14.253 2.251   -20.963 1.00   45.96 ? 101 ARG A CG  1 
ATOM   49  C  CD  . ARG A 1 6  ? -14.515 1.049   -21.848 1.00   52.10 ? 101 ARG A CD  1 
ATOM   50  N  NE  . ARG A 1 6  ? -14.578 -0.170  -21.049 1.00   55.65 ? 101 ARG A NE  1 
ATOM   51  C  CZ  . ARG A 1 6  ? -15.674 -0.616  -20.446 1.00   56.62 ? 101 ARG A CZ  1 
ATOM   52  N  NH1 . ARG A 1 6  ? -15.630 -1.734  -19.732 1.00   57.82 ? 101 ARG A NH1 1 
ATOM   53  N  NH2 . ARG A 1 6  ? -16.811 0.055   -20.553 1.00   56.83 ? 101 ARG A NH2 1 
ATOM   54  N  N   . PHE A 1 7  ? -11.096 5.775   -21.175 1.00   40.22 ? 102 PHE A N   1 
ATOM   55  C  CA  . PHE A 1 7  ? -10.286 6.795   -21.821 1.00   45.12 ? 102 PHE A CA  1 
ATOM   56  C  C   . PHE A 1 7  ? -9.523  6.229   -23.006 1.00   48.09 ? 102 PHE A C   1 
ATOM   57  O  O   . PHE A 1 7  ? -9.442  5.015   -23.175 1.00   45.53 ? 102 PHE A O   1 
ATOM   58  C  CB  . PHE A 1 7  ? -9.327  7.424   -20.814 1.00   45.36 ? 102 PHE A CB  1 
ATOM   59  C  CG  . PHE A 1 7  ? -10.019 8.204   -19.746 1.00   43.16 ? 102 PHE A CG  1 
ATOM   60  C  CD1 . PHE A 1 7  ? -10.543 9.456   -20.018 1.00   44.19 ? 102 PHE A CD1 1 
ATOM   61  C  CD2 . PHE A 1 7  ? -10.160 7.684   -18.474 1.00   41.43 ? 102 PHE A CD2 1 
ATOM   62  C  CE1 . PHE A 1 7  ? -11.188 10.175  -19.038 1.00   44.21 ? 102 PHE A CE1 1 
ATOM   63  C  CE2 . PHE A 1 7  ? -10.803 8.400   -17.493 1.00   44.46 ? 102 PHE A CE2 1 
ATOM   64  C  CZ  . PHE A 1 7  ? -11.314 9.649   -17.772 1.00   45.75 ? 102 PHE A CZ  1 
ATOM   65  N  N   . ASP A 1 8  ? -8.976  7.121   -23.829 1.00   50.84 ? 103 ASP A N   1 
ATOM   66  C  CA  . ASP A 1 8  ? -8.219  6.718   -25.003 1.00   57.09 ? 103 ASP A CA  1 
ATOM   67  C  C   . ASP A 1 8  ? -6.971  5.910   -24.650 1.00   60.70 ? 103 ASP A C   1 
ATOM   68  O  O   . ASP A 1 8  ? -6.432  5.199   -25.497 1.00   63.63 ? 103 ASP A O   1 
ATOM   69  C  CB  . ASP A 1 8  ? -7.835  7.944   -25.838 1.00   60.04 ? 103 ASP A CB  1 
ATOM   70  C  CG  . ASP A 1 8  ? -8.984  8.464   -26.686 1.00   61.54 ? 103 ASP A CG  1 
ATOM   71  O  OD1 . ASP A 1 8  ? -10.161 8.259   -26.314 1.00   60.51 ? 103 ASP A OD1 1 
ATOM   72  O  OD2 . ASP A 1 8  ? -8.702  9.081   -27.733 1.00   61.18 ? 103 ASP A OD2 1 
ATOM   73  N  N   . ASP A 1 9  ? -6.520  6.006   -23.402 1.00   61.94 ? 104 ASP A N   1 
ATOM   74  C  CA  . ASP A 1 9  ? -5.312  5.297   -22.976 1.00   60.05 ? 104 ASP A CA  1 
ATOM   75  C  C   . ASP A 1 9  ? -5.554  3.865   -22.482 1.00   56.56 ? 104 ASP A C   1 
ATOM   76  O  O   . ASP A 1 9  ? -4.602  3.129   -22.228 1.00   56.42 ? 104 ASP A O   1 
ATOM   77  C  CB  . ASP A 1 9  ? -4.532  6.094   -21.914 1.00   61.68 ? 104 ASP A CB  1 
ATOM   78  C  CG  . ASP A 1 9  ? -5.386  7.135   -21.208 1.00   65.01 ? 104 ASP A CG  1 
ATOM   79  O  OD1 . ASP A 1 9  ? -6.246  6.749   -20.389 1.00   63.86 ? 104 ASP A OD1 1 
ATOM   80  O  OD2 . ASP A 1 9  ? -5.182  8.344   -21.459 1.00   67.12 ? 104 ASP A OD2 1 
ATOM   81  N  N   . GLY A 1 10 ? -6.817  3.472   -22.354 1.00   51.88 ? 105 GLY A N   1 
ATOM   82  C  CA  . GLY A 1 10 ? -7.153  2.147   -21.863 1.00   49.29 ? 105 GLY A CA  1 
ATOM   83  C  C   . GLY A 1 10 ? -7.528  2.213   -20.394 1.00   45.04 ? 105 GLY A C   1 
ATOM   84  O  O   . GLY A 1 10 ? -8.107  1.285   -19.832 1.00   41.41 ? 105 GLY A O   1 
ATOM   85  N  N   . ALA A 1 11 ? -7.198  3.336   -19.775 1.00   40.15 ? 106 ALA A N   1 
ATOM   86  C  CA  . ALA A 1 11 ? -7.583  3.596   -18.398 1.00   35.62 ? 106 ALA A CA  1 
ATOM   87  C  C   . ALA A 1 11 ? -9.091  3.746   -18.280 1.00   34.93 ? 106 ALA A C   1 
ATOM   88  O  O   . ALA A 1 11 ? -9.763  4.070   -19.270 1.00   38.15 ? 106 ALA A O   1 
ATOM   89  C  CB  . ALA A 1 11 ? -6.898  4.840   -17.902 1.00   39.56 ? 106 ALA A CB  1 
ATOM   90  N  N   . SER A 1 12 ? -9.641  3.547   -17.090 1.00   32.09 ? 107 SER A N   1 
ATOM   91  C  CA  . SER A 1 12 ? -11.066 3.768   -16.889 1.00   29.14 ? 107 SER A CA  1 
ATOM   92  C  C   . SER A 1 12 ? -11.399 4.382   -15.542 1.00   26.02 ? 107 SER A C   1 
ATOM   93  O  O   . SER A 1 12 ? -10.625 4.292   -14.589 1.00   25.37 ? 107 SER A O   1 
ATOM   94  C  CB  . SER A 1 12 ? -11.843 2.463   -17.047 1.00   33.31 ? 107 SER A CB  1 
ATOM   95  O  OG  . SER A 1 12 ? -11.485 1.538   -16.040 1.00   36.78 ? 107 SER A OG  1 
ATOM   96  N  N   A LEU A 1 13 ? -12.558 5.010   -15.467 0.63   23.93 ? 108 LEU A N   1 
ATOM   97  N  N   B LEU A 1 13 ? -12.569 5.005   -15.486 0.37   25.66 ? 108 LEU A N   1 
ATOM   98  C  CA  A LEU A 1 13 ? -13.111 5.492   -14.216 0.63   23.22 ? 108 LEU A CA  1 
ATOM   99  C  CA  B LEU A 1 13 ? -13.155 5.522   -14.260 0.37   26.46 ? 108 LEU A CA  1 
ATOM   100 C  C   A LEU A 1 13 ? -14.493 4.893   -14.092 0.63   24.79 ? 108 LEU A C   1 
ATOM   101 C  C   B LEU A 1 13 ? -14.511 4.858   -14.089 0.37   26.71 ? 108 LEU A C   1 
ATOM   102 O  O   A LEU A 1 13 ? -15.272 4.953   -15.032 0.63   26.55 ? 108 LEU A O   1 
ATOM   103 O  O   B LEU A 1 13 ? -15.301 4.809   -15.028 0.37   28.21 ? 108 LEU A O   1 
ATOM   104 C  CB  A LEU A 1 13 ? -13.222 7.023   -14.208 0.63   24.77 ? 108 LEU A CB  1 
ATOM   105 C  CB  B LEU A 1 13 ? -13.355 7.037   -14.357 0.37   28.83 ? 108 LEU A CB  1 
ATOM   106 C  CG  A LEU A 1 13 ? -14.016 7.551   -13.008 0.63   25.32 ? 108 LEU A CG  1 
ATOM   107 C  CG  B LEU A 1 13 ? -12.137 7.959   -14.324 0.37   31.19 ? 108 LEU A CG  1 
ATOM   108 C  CD1 A LEU A 1 13 ? -13.353 7.107   -11.689 0.63   28.06 ? 108 LEU A CD1 1 
ATOM   109 C  CD1 B LEU A 1 13 ? -12.572 9.411   -14.490 0.37   33.77 ? 108 LEU A CD1 1 
ATOM   110 C  CD2 A LEU A 1 13 ? -14.208 9.067   -13.061 0.63   31.96 ? 108 LEU A CD2 1 
ATOM   111 C  CD2 B LEU A 1 13 ? -11.358 7.765   -13.032 0.37   35.45 ? 108 LEU A CD2 1 
ATOM   112 N  N   A SER A 1 14 ? -14.818 4.327   -12.943 0.63   23.87 ? 109 SER A N   1 
ATOM   113 N  N   B SER A 1 14 ? -14.793 4.358   -12.895 0.37   25.96 ? 109 SER A N   1 
ATOM   114 C  CA  A SER A 1 14 ? -16.138 3.758   -12.731 0.63   25.68 ? 109 SER A CA  1 
ATOM   115 C  CA  B SER A 1 14 ? -16.069 3.704   -12.633 0.37   26.12 ? 109 SER A CA  1 
ATOM   116 C  C   A SER A 1 14 ? -16.696 4.206   -11.391 0.63   24.10 ? 109 SER A C   1 
ATOM   117 C  C   B SER A 1 14 ? -16.689 4.229   -11.349 0.37   24.37 ? 109 SER A C   1 
ATOM   118 O  O   A SER A 1 14 ? -15.950 4.435   -10.445 0.63   25.85 ? 109 SER A O   1 
ATOM   119 O  O   B SER A 1 14 ? -15.979 4.537   -10.393 0.37   24.11 ? 109 SER A O   1 
ATOM   120 C  CB  A SER A 1 14 ? -16.111 2.230   -12.834 0.63   29.34 ? 109 SER A CB  1 
ATOM   121 C  CB  B SER A 1 14 ? -15.892 2.186   -12.551 0.37   28.86 ? 109 SER A CB  1 
ATOM   122 O  OG  A SER A 1 14 ? -15.282 1.651   -11.847 0.63   30.33 ? 109 SER A OG  1 
ATOM   123 O  OG  B SER A 1 14 ? -15.434 1.658   -13.784 0.37   30.94 ? 109 SER A OG  1 
ATOM   124 N  N   . TYR A 1 15 ? -18.014 4.332   -11.326 1.00   24.99 ? 110 TYR A N   1 
ATOM   125 C  CA  . TYR A 1 15 ? -18.700 4.819   -10.144 1.00   29.39 ? 110 TYR A CA  1 
ATOM   126 C  C   . TYR A 1 15 ? -19.971 4.011   -9.951  1.00   34.83 ? 110 TYR A C   1 
ATOM   127 O  O   . TYR A 1 15 ? -20.841 3.968   -10.827 1.00   34.40 ? 110 TYR A O   1 
ATOM   128 C  CB  . TYR A 1 15 ? -18.983 6.318   -10.302 1.00   34.49 ? 110 TYR A CB  1 
ATOM   129 C  CG  . TYR A 1 15 ? -19.941 6.939   -9.321  1.00   42.20 ? 110 TYR A CG  1 
ATOM   130 C  CD1 . TYR A 1 15 ? -19.697 6.912   -7.952  1.00   43.32 ? 110 TYR A CD1 1 
ATOM   131 C  CD2 . TYR A 1 15 ? -21.079 7.604   -9.775  1.00   45.48 ? 110 TYR A CD2 1 
ATOM   132 C  CE1 . TYR A 1 15 ? -20.584 7.506   -7.059  1.00   50.60 ? 110 TYR A CE1 1 
ATOM   133 C  CE2 . TYR A 1 15 ? -21.961 8.198   -8.895  1.00   51.82 ? 110 TYR A CE2 1 
ATOM   134 C  CZ  . TYR A 1 15 ? -21.714 8.144   -7.542  1.00   52.84 ? 110 TYR A CZ  1 
ATOM   135 O  OH  . TYR A 1 15 ? -22.603 8.743   -6.675  1.00   59.10 ? 110 TYR A OH  1 
ATOM   136 N  N   . ASP A 1 16 ? -20.049 3.327   -8.816  1.00   36.00 ? 111 ASP A N   1 
ATOM   137 C  CA  . ASP A 1 16 ? -21.217 2.543   -8.462  1.00   41.20 ? 111 ASP A CA  1 
ATOM   138 C  C   . ASP A 1 16 ? -21.956 3.301   -7.371  1.00   44.67 ? 111 ASP A C   1 
ATOM   139 O  O   . ASP A 1 16 ? -21.477 3.388   -6.246  1.00   48.08 ? 111 ASP A O   1 
ATOM   140 C  CB  . ASP A 1 16 ? -20.782 1.162   -7.957  1.00   45.51 ? 111 ASP A CB  1 
ATOM   141 C  CG  . ASP A 1 16 ? -21.932 0.171   -7.894  1.00   53.56 ? 111 ASP A CG  1 
ATOM   142 O  OD1 . ASP A 1 16 ? -23.025 0.555   -7.432  1.00   56.30 ? 111 ASP A OD1 1 
ATOM   143 O  OD2 . ASP A 1 16 ? -21.749 -0.992  -8.314  1.00   53.73 ? 111 ASP A OD2 1 
ATOM   144 N  N   . TRP A 1 17 ? -23.115 3.862   -7.705  1.00   47.96 ? 112 TRP A N   1 
ATOM   145 C  CA  . TRP A 1 17 ? -23.888 4.614   -6.725  1.00   54.47 ? 112 TRP A CA  1 
ATOM   146 C  C   . TRP A 1 17 ? -24.594 3.670   -5.757  1.00   56.67 ? 112 TRP A C   1 
ATOM   147 O  O   . TRP A 1 17 ? -25.091 4.097   -4.718  1.00   59.60 ? 112 TRP A O   1 
ATOM   148 C  CB  . TRP A 1 17 ? -24.888 5.551   -7.406  1.00   59.02 ? 112 TRP A CB  1 
ATOM   149 C  CG  . TRP A 1 17 ? -25.784 4.877   -8.395  1.00   61.07 ? 112 TRP A CG  1 
ATOM   150 C  CD1 . TRP A 1 17 ? -27.004 4.320   -8.148  1.00   63.60 ? 112 TRP A CD1 1 
ATOM   151 C  CD2 . TRP A 1 17 ? -25.534 4.695   -9.795  1.00   63.01 ? 112 TRP A CD2 1 
ATOM   152 N  NE1 . TRP A 1 17 ? -27.533 3.799   -9.307  1.00   64.35 ? 112 TRP A NE1 1 
ATOM   153 C  CE2 . TRP A 1 17 ? -26.648 4.017   -10.333 1.00   63.43 ? 112 TRP A CE2 1 
ATOM   154 C  CE3 . TRP A 1 17 ? -24.478 5.038   -10.647 1.00   62.47 ? 112 TRP A CE3 1 
ATOM   155 C  CZ2 . TRP A 1 17 ? -26.736 3.676   -11.683 1.00   62.11 ? 112 TRP A CZ2 1 
ATOM   156 C  CZ3 . TRP A 1 17 ? -24.567 4.698   -11.989 1.00   62.24 ? 112 TRP A CZ3 1 
ATOM   157 C  CH2 . TRP A 1 17 ? -25.687 4.023   -12.491 1.00   63.09 ? 112 TRP A CH2 1 
ATOM   158 N  N   . ALA A 1 18 ? -24.623 2.384   -6.102  1.00   58.71 ? 113 ALA A N   1 
ATOM   159 C  CA  . ALA A 1 18 ? -25.180 1.361   -5.221  1.00   62.45 ? 113 ALA A CA  1 
ATOM   160 C  C   . ALA A 1 18 ? -24.101 0.790   -4.309  1.00   63.20 ? 113 ALA A C   1 
ATOM   161 O  O   . ALA A 1 18 ? -24.210 -0.341  -3.828  1.00   67.43 ? 113 ALA A O   1 
ATOM   162 C  CB  . ALA A 1 18 ? -25.838 0.254   -6.031  1.00   63.86 ? 113 ALA A CB  1 
ATOM   163 N  N   . ALA A 1 19 ? -23.057 1.580   -4.078  1.00   57.49 ? 114 ALA A N   1 
ATOM   164 C  CA  . ALA A 1 19 ? -21.972 1.195   -3.188  1.00   51.55 ? 114 ALA A CA  1 
ATOM   165 C  C   . ALA A 1 19 ? -21.148 2.419   -2.821  1.00   48.09 ? 114 ALA A C   1 
ATOM   166 O  O   . ALA A 1 19 ? -20.360 2.389   -1.869  1.00   49.00 ? 114 ALA A O   1 
ATOM   167 C  CB  . ALA A 1 19 ? -21.088 0.147   -3.844  1.00   49.21 ? 114 ALA A CB  1 
ATOM   168 N  N   . HIS A 1 20 ? -21.353 3.493   -3.579  1.00   45.47 ? 115 HIS A N   1 
ATOM   169 C  CA  . HIS A 1 20 ? -20.528 4.691   -3.510  1.00   43.46 ? 115 HIS A CA  1 
ATOM   170 C  C   . HIS A 1 20 ? -19.080 4.306   -3.691  1.00   37.64 ? 115 HIS A C   1 
ATOM   171 O  O   . HIS A 1 20 ? -18.216 4.715   -2.910  1.00   36.21 ? 115 HIS A O   1 
ATOM   172 C  CB  . HIS A 1 20 ? -20.738 5.449   -2.208  1.00   44.94 ? 115 HIS A CB  1 
ATOM   173 C  CG  . HIS A 1 20 ? -22.092 6.065   -2.098  1.00   53.87 ? 115 HIS A CG  1 
ATOM   174 N  ND1 . HIS A 1 20 ? -23.230 5.315   -1.903  1.00   59.12 ? 115 HIS A ND1 1 
ATOM   175 C  CD2 . HIS A 1 20 ? -22.501 7.351   -2.208  1.00   56.01 ? 115 HIS A CD2 1 
ATOM   176 C  CE1 . HIS A 1 20 ? -24.280 6.116   -1.866  1.00   58.34 ? 115 HIS A CE1 1 
ATOM   177 N  NE2 . HIS A 1 20 ? -23.864 7.356   -2.048  1.00   57.96 ? 115 HIS A NE2 1 
ATOM   178 N  N   . ARG A 1 21 ? -18.834 3.496   -4.719  1.00   34.57 ? 116 ARG A N   1 
ATOM   179 C  CA  . ARG A 1 21 ? -17.493 3.006   -5.007  1.00   29.71 ? 116 ARG A CA  1 
ATOM   180 C  C   . ARG A 1 21 ? -16.949 3.673   -6.248  1.00   24.16 ? 116 ARG A C   1 
ATOM   181 O  O   . ARG A 1 21 ? -17.542 3.565   -7.327  1.00   29.66 ? 116 ARG A O   1 
ATOM   182 C  CB  . ARG A 1 21 ? -17.495 1.490   -5.214  1.00   35.86 ? 116 ARG A CB  1 
ATOM   183 C  CG  . ARG A 1 21 ? -16.107 0.912   -5.477  1.00   40.79 ? 116 ARG A CG  1 
ATOM   184 C  CD  . ARG A 1 21 ? -16.159 -0.584  -5.729  1.00   47.34 ? 116 ARG A CD  1 
ATOM   185 N  NE  . ARG A 1 21 ? -16.840 -0.890  -6.983  1.00   56.02 ? 116 ARG A NE  1 
ATOM   186 C  CZ  . ARG A 1 21 ? -17.259 -2.103  -7.329  1.00   57.96 ? 116 ARG A CZ  1 
ATOM   187 N  NH1 . ARG A 1 21 ? -17.071 -3.126  -6.509  1.00   60.06 ? 116 ARG A NH1 1 
ATOM   188 N  NH2 . ARG A 1 21 ? -17.873 -2.288  -8.489  1.00   59.42 ? 116 ARG A NH2 1 
ATOM   189 N  N   . TYR A 1 22 ? -15.840 4.383   -6.091  1.00   21.51 ? 117 TYR A N   1 
ATOM   190 C  CA  . TYR A 1 22 ? -15.131 5.014   -7.193  1.00   21.69 ? 117 TYR A CA  1 
ATOM   191 C  C   . TYR A 1 22 ? -13.916 4.187   -7.481  1.00   23.46 ? 117 TYR A C   1 
ATOM   192 O  O   . TYR A 1 22 ? -13.172 3.841   -6.553  1.00   25.50 ? 117 TYR A O   1 
ATOM   193 C  CB  . TYR A 1 22 ? -14.672 6.414   -6.800  1.00   25.91 ? 117 TYR A CB  1 
ATOM   194 C  CG  . TYR A 1 22 ? -15.790 7.356   -6.459  1.00   32.82 ? 117 TYR A CG  1 
ATOM   195 C  CD1 . TYR A 1 22 ? -16.397 7.324   -5.212  1.00   35.72 ? 117 TYR A CD1 1 
ATOM   196 C  CD2 . TYR A 1 22 ? -16.232 8.284   -7.381  1.00   38.13 ? 117 TYR A CD2 1 
ATOM   197 C  CE1 . TYR A 1 22 ? -17.424 8.190   -4.897  1.00   41.64 ? 117 TYR A CE1 1 
ATOM   198 C  CE2 . TYR A 1 22 ? -17.260 9.154   -7.078  1.00   38.04 ? 117 TYR A CE2 1 
ATOM   199 C  CZ  . TYR A 1 22 ? -17.849 9.101   -5.834  1.00   40.00 ? 117 TYR A CZ  1 
ATOM   200 O  OH  . TYR A 1 22 ? -18.872 9.966   -5.529  1.00   47.48 ? 117 TYR A OH  1 
ATOM   201 N  N   . ARG A 1 23 ? -13.676 3.851   -8.733  1.00   22.67 ? 118 ARG A N   1 
ATOM   202 C  CA  . ARG A 1 23 ? -12.494 3.093   -9.107  1.00   23.22 ? 118 ARG A CA  1 
ATOM   203 C  C   . ARG A 1 23 ? -11.808 3.732   -10.275 1.00   23.25 ? 118 ARG A C   1 
ATOM   204 O  O   . ARG A 1 23 ? -12.439 3.962   -11.319 1.00   28.51 ? 118 ARG A O   1 
ATOM   205 C  CB  . ARG A 1 23 ? -12.859 1.655   -9.473  1.00   29.81 ? 118 ARG A CB  1 
ATOM   206 C  CG  . ARG A 1 23 ? -11.685 0.861   -10.022 1.00   38.05 ? 118 ARG A CG  1 
ATOM   207 C  CD  . ARG A 1 23 ? -12.113 -0.480  -10.602 1.00   46.70 ? 118 ARG A CD  1 
ATOM   208 N  NE  . ARG A 1 23 ? -12.589 -1.401  -9.577  1.00   52.51 ? 118 ARG A NE  1 
ATOM   209 C  CZ  . ARG A 1 23 ? -13.866 -1.712  -9.388  1.00   58.08 ? 118 ARG A CZ  1 
ATOM   210 N  NH1 . ARG A 1 23 ? -14.801 -1.181  -10.164 1.00   61.13 ? 118 ARG A NH1 1 
ATOM   211 N  NH2 . ARG A 1 23 ? -14.208 -2.561  -8.429  1.00   59.90 ? 118 ARG A NH2 1 
ATOM   212 N  N   A VAL A 1 24 ? -10.535 4.052   -10.110 0.52   21.56 ? 119 VAL A N   1 
ATOM   213 N  N   B VAL A 1 24 ? -10.533 4.056   -10.131 0.48   22.57 ? 119 VAL A N   1 
ATOM   214 C  CA  A VAL A 1 24 ? -9.693  4.447   -11.223 0.52   23.50 ? 119 VAL A CA  1 
ATOM   215 C  CA  B VAL A 1 24 ? -9.727  4.463   -11.272 0.48   26.18 ? 119 VAL A CA  1 
ATOM   216 C  C   A VAL A 1 24 ? -8.796  3.281   -11.567 0.52   22.95 ? 119 VAL A C   1 
ATOM   217 C  C   B VAL A 1 24 ? -8.736  3.372   -11.595 0.48   24.29 ? 119 VAL A C   1 
ATOM   218 O  O   A VAL A 1 24 ? -8.175  2.686   -10.676 0.52   24.11 ? 119 VAL A O   1 
ATOM   219 O  O   B VAL A 1 24 ? -7.986  2.928   -10.714 0.48   23.86 ? 119 VAL A O   1 
ATOM   220 C  CB  A VAL A 1 24 ? -8.898  5.748   -10.931 0.52   28.53 ? 119 VAL A CB  1 
ATOM   221 C  CB  B VAL A 1 24 ? -9.018  5.821   -11.049 0.48   32.64 ? 119 VAL A CB  1 
ATOM   222 C  CG1 A VAL A 1 24 ? -9.851  6.834   -10.499 0.52   30.72 ? 119 VAL A CG1 1 
ATOM   223 C  CG1 B VAL A 1 24 ? -8.713  6.038   -9.594  0.48   36.29 ? 119 VAL A CG1 1 
ATOM   224 C  CG2 A VAL A 1 24 ? -7.888  5.555   -9.853  0.52   30.69 ? 119 VAL A CG2 1 
ATOM   225 C  CG2 B VAL A 1 24 ? -7.768  5.938   -11.922 0.48   32.66 ? 119 VAL A CG2 1 
ATOM   226 N  N   . GLU A 1 25 ? -8.742  2.907   -12.834 1.00   24.48 ? 120 GLU A N   1 
ATOM   227 C  CA  . GLU A 1 25 ? -7.939  1.762   -13.212 1.00   24.80 ? 120 GLU A CA  1 
ATOM   228 C  C   . GLU A 1 25 ? -7.058  2.051   -14.397 1.00   24.21 ? 120 GLU A C   1 
ATOM   229 O  O   . GLU A 1 25 ? -7.533  2.552   -15.416 1.00   27.77 ? 120 GLU A O   1 
ATOM   230 C  CB  . GLU A 1 25 ? -8.824  0.544   -13.493 1.00   31.51 ? 120 GLU A CB  1 
ATOM   231 C  CG  . GLU A 1 25 ? -8.046  -0.679  -13.961 1.00   39.28 ? 120 GLU A CG  1 
ATOM   232 C  CD  . GLU A 1 25 ? -8.767  -1.983  -13.663 1.00   47.24 ? 120 GLU A CD  1 
ATOM   233 O  OE1 . GLU A 1 25 ? -9.954  -1.927  -13.273 1.00   49.26 ? 120 GLU A OE1 1 
ATOM   234 O  OE2 . GLU A 1 25 ? -8.146  -3.056  -13.809 1.00   49.86 ? 120 GLU A OE2 1 
ATOM   235 N  N   . LEU A 1 26 ? -5.782  1.735   -14.290 1.00   23.96 ? 121 LEU A N   1 
ATOM   236 C  CA  . LEU A 1 26 ? -4.860  1.762   -15.424 1.00   23.59 ? 121 LEU A CA  1 
ATOM   237 C  C   . LEU A 1 26 ? -4.389  0.347   -15.676 1.00   21.27 ? 121 LEU A C   1 
ATOM   238 O  O   . LEU A 1 26 ? -4.001  -0.353  -14.748 1.00   26.96 ? 121 LEU A O   1 
ATOM   239 C  CB  . LEU A 1 26 ? -3.623  2.590   -15.114 1.00   29.87 ? 121 LEU A CB  1 
ATOM   240 C  CG  . LEU A 1 26 ? -3.580  4.100   -14.966 1.00   39.17 ? 121 LEU A CG  1 
ATOM   241 C  CD1 . LEU A 1 26 ? -4.340  4.565   -13.744 1.00   42.54 ? 121 LEU A CD1 1 
ATOM   242 C  CD2 . LEU A 1 26 ? -2.110  4.495   -14.865 1.00   43.81 ? 121 LEU A CD2 1 
ATOM   243 N  N   . PRO A 1 27 ? -4.382  -0.092  -16.925 1.00   25.04 ? 122 PRO A N   1 
ATOM   244 C  CA  . PRO A 1 27 ? -3.911  -1.439  -17.262 1.00   25.82 ? 122 PRO A CA  1 
ATOM   245 C  C   . PRO A 1 27 ? -2.448  -1.639  -16.891 1.00   23.65 ? 122 PRO A C   1 
ATOM   246 O  O   . PRO A 1 27 ? -2.043  -2.717  -16.435 1.00   25.03 ? 122 PRO A O   1 
ATOM   247 C  CB  . PRO A 1 27 ? -4.058  -1.479  -18.784 1.00   29.89 ? 122 PRO A CB  1 
ATOM   248 C  CG  . PRO A 1 27 ? -5.169  -0.561  -19.063 1.00   34.02 ? 122 PRO A CG  1 
ATOM   249 C  CD  . PRO A 1 27 ? -5.058  0.554   -18.063 1.00   28.25 ? 122 PRO A CD  1 
ATOM   250 N  N   A SER A 1 28 ? -1.660  -0.592  -17.080 0.49   23.63 ? 123 SER A N   1 
ATOM   251 N  N   B SER A 1 28 ? -1.649  -0.594  -17.086 0.51   22.67 ? 123 SER A N   1 
ATOM   252 C  CA  A SER A 1 28 ? -0.259  -0.642  -16.717 0.49   24.45 ? 123 SER A CA  1 
ATOM   253 C  CA  B SER A 1 28 ? -0.208  -0.663  -16.861 0.51   21.29 ? 123 SER A CA  1 
ATOM   254 C  C   A SER A 1 28 ? 0.271   0.759   -16.510 0.49   26.54 ? 123 SER A C   1 
ATOM   255 C  C   B SER A 1 28 ? 0.376   0.731   -16.687 0.51   26.02 ? 123 SER A C   1 
ATOM   256 O  O   A SER A 1 28 ? -0.370  1.740   -16.883 0.49   35.72 ? 123 SER A O   1 
ATOM   257 O  O   B SER A 1 28 ? -0.131  1.690   -17.265 0.51   36.67 ? 123 SER A O   1 
ATOM   258 C  CB  A SER A 1 28 ? 0.555   -1.362  -17.794 0.49   27.10 ? 123 SER A CB  1 
ATOM   259 C  CB  B SER A 1 28 ? 0.477   -1.356  -18.048 0.51   21.99 ? 123 SER A CB  1 
ATOM   260 O  OG  A SER A 1 28 ? 0.616   -0.605  -18.984 0.49   28.68 ? 123 SER A OG  1 
ATOM   261 O  OG  B SER A 1 28 ? 1.845   -1.647  -17.777 0.51   22.86 ? 123 SER A OG  1 
ATOM   262 N  N   . GLY A 1 29 ? 1.444   0.845   -15.904 1.00   22.66 ? 124 GLY A N   1 
ATOM   263 C  CA  . GLY A 1 29 ? 2.122   2.111   -15.740 1.00   23.75 ? 124 GLY A CA  1 
ATOM   264 C  C   . GLY A 1 29 ? 2.363   2.450   -14.287 1.00   18.86 ? 124 GLY A C   1 
ATOM   265 O  O   . GLY A 1 29 ? 2.625   1.557   -13.464 1.00   19.40 ? 124 GLY A O   1 
ATOM   266 N  N   . THR A 1 30 ? 2.275   3.735   -13.972 1.00   21.02 ? 125 THR A N   1 
ATOM   267 C  CA  . THR A 1 30 ? 2.580   4.214   -12.629 1.00   18.95 ? 125 THR A CA  1 
ATOM   268 C  C   . THR A 1 30 ? 1.740   5.446   -12.322 1.00   19.91 ? 125 THR A C   1 
ATOM   269 O  O   . THR A 1 30 ? 1.580   6.325   -13.176 1.00   23.26 ? 125 THR A O   1 
ATOM   270 C  CB  . THR A 1 30 ? 4.067   4.617   -12.507 1.00   22.15 ? 125 THR A CB  1 
ATOM   271 O  OG1 . THR A 1 30 ? 4.905   3.478   -12.740 1.00   26.51 ? 125 THR A OG1 1 
ATOM   272 C  CG2 . THR A 1 30 ? 4.367   5.196   -11.136 1.00   24.92 ? 125 THR A CG2 1 
ATOM   273 N  N   . VAL A 1 31 ? 1.180   5.502   -11.123 1.00   18.19 ? 126 VAL A N   1 
ATOM   274 C  CA  A VAL A 1 31 ? 0.531   6.702   -10.612 0.66   18.59 ? 126 VAL A CA  1 
ATOM   275 C  CA  B VAL A 1 31 ? 0.571   6.731   -10.636 0.34   17.78 ? 126 VAL A CA  1 
ATOM   276 C  C   . VAL A 1 31 ? 1.255   7.111   -9.334  1.00   16.84 ? 126 VAL A C   1 
ATOM   277 O  O   . VAL A 1 31 ? 1.465   6.269   -8.443  1.00   18.75 ? 126 VAL A O   1 
ATOM   278 C  CB  A VAL A 1 31 ? -0.957  6.436   -10.304 0.66   21.08 ? 126 VAL A CB  1 
ATOM   279 C  CB  B VAL A 1 31 ? -0.964  6.624   -10.455 0.34   18.94 ? 126 VAL A CB  1 
ATOM   280 C  CG1 A VAL A 1 31 ? -1.617  7.667   -9.707  0.66   23.25 ? 126 VAL A CG1 1 
ATOM   281 C  CG1 B VAL A 1 31 ? -1.642  6.351   -11.793 0.34   19.83 ? 126 VAL A CG1 1 
ATOM   282 C  CG2 A VAL A 1 31 ? -1.689  6.016   -11.577 0.66   27.66 ? 126 VAL A CG2 1 
ATOM   283 C  CG2 B VAL A 1 31 ? -1.331  5.568   -9.439  0.34   19.77 ? 126 VAL A CG2 1 
ATOM   284 N  N   . GLU A 1 32 ? 1.658   8.371   -9.232  1.00   19.84 ? 127 GLU A N   1 
ATOM   285 C  CA  . GLU A 1 32 ? 2.430   8.838   -8.088  1.00   19.22 ? 127 GLU A CA  1 
ATOM   286 C  C   . GLU A 1 32 ? 1.869   10.133  -7.553  1.00   17.86 ? 127 GLU A C   1 
ATOM   287 O  O   . GLU A 1 32 ? 1.497   11.013  -8.338  1.00   19.49 ? 127 GLU A O   1 
ATOM   288 C  CB  . GLU A 1 32 ? 3.874   9.134   -8.506  1.00   26.92 ? 127 GLU A CB  1 
ATOM   289 C  CG  . GLU A 1 32 ? 4.677   7.985   -9.045  1.00   40.29 ? 127 GLU A CG  1 
ATOM   290 C  CD  . GLU A 1 32 ? 6.109   8.393   -9.360  1.00   43.24 ? 127 GLU A CD  1 
ATOM   291 O  OE1 . GLU A 1 32 ? 6.402   9.606   -9.321  1.00   45.24 ? 127 GLU A OE1 1 
ATOM   292 O  OE2 . GLU A 1 32 ? 6.943   7.509   -9.640  1.00   46.34 ? 127 GLU A OE2 1 
ATOM   293 N  N   . VAL A 1 33 ? 1.838   10.256  -6.226  1.00   17.56 ? 128 VAL A N   1 
ATOM   294 C  CA  A VAL A 1 33 ? 1.533   11.512  -5.562  0.53   19.10 ? 128 VAL A CA  1 
ATOM   295 C  CA  B VAL A 1 33 ? 1.544   11.525  -5.596  0.47   18.67 ? 128 VAL A CA  1 
ATOM   296 C  C   . VAL A 1 33 ? 2.725   11.865  -4.694  1.00   17.66 ? 128 VAL A C   1 
ATOM   297 O  O   . VAL A 1 33 ? 3.135   11.055  -3.856  1.00   20.99 ? 128 VAL A O   1 
ATOM   298 C  CB  A VAL A 1 33 ? 0.289   11.407  -4.660  0.53   21.24 ? 128 VAL A CB  1 
ATOM   299 C  CB  B VAL A 1 33 ? 0.189   11.522  -4.833  0.47   21.67 ? 128 VAL A CB  1 
ATOM   300 C  CG1 A VAL A 1 33 ? -0.047  12.782  -4.058  0.53   21.00 ? 128 VAL A CG1 1 
ATOM   301 C  CG1 B VAL A 1 33 ? -0.952  11.089  -5.755  0.47   26.21 ? 128 VAL A CG1 1 
ATOM   302 C  CG2 A VAL A 1 33 ? -0.894  10.843  -5.435  0.53   29.79 ? 128 VAL A CG2 1 
ATOM   303 C  CG2 B VAL A 1 33 ? 0.229   10.618  -3.627  0.47   21.89 ? 128 VAL A CG2 1 
ATOM   304 N  N   A ARG A 1 34 ? 3.295   13.040  -4.904  0.72   18.99 ? 129 ARG A N   1 
ATOM   305 N  N   B ARG A 1 34 ? 3.314   13.036  -4.896  0.28   18.40 ? 129 ARG A N   1 
ATOM   306 C  CA  A ARG A 1 34 ? 4.440   13.509  -4.135  0.72   16.70 ? 129 ARG A CA  1 
ATOM   307 C  CA  B ARG A 1 34 ? 4.459   13.460  -4.095  0.28   17.93 ? 129 ARG A CA  1 
ATOM   308 C  C   A ARG A 1 34 ? 4.070   14.783  -3.410  0.72   16.87 ? 129 ARG A C   1 
ATOM   309 C  C   B ARG A 1 34 ? 4.164   14.795  -3.430  0.28   17.16 ? 129 ARG A C   1 
ATOM   310 O  O   A ARG A 1 34 ? 3.499   15.687  -4.012  0.72   19.48 ? 129 ARG A O   1 
ATOM   311 O  O   B ARG A 1 34 ? 3.704   15.729  -4.081  0.28   18.59 ? 129 ARG A O   1 
ATOM   312 C  CB  A ARG A 1 34 ? 5.623   13.803  -5.057  0.72   19.41 ? 129 ARG A CB  1 
ATOM   313 C  CB  B ARG A 1 34 ? 5.731   13.542  -4.954  0.28   19.28 ? 129 ARG A CB  1 
ATOM   314 C  CG  A ARG A 1 34 ? 6.178   12.605  -5.801  0.72   25.36 ? 129 ARG A CG  1 
ATOM   315 C  CG  B ARG A 1 34 ? 6.938   14.220  -4.279  0.28   20.70 ? 129 ARG A CG  1 
ATOM   316 C  CD  A ARG A 1 34 ? 7.413   12.997  -6.609  0.72   32.66 ? 129 ARG A CD  1 
ATOM   317 C  CD  B ARG A 1 34 ? 7.819   13.276  -3.452  0.28   26.47 ? 129 ARG A CD  1 
ATOM   318 N  NE  A ARG A 1 34 ? 8.149   11.828  -7.079  0.72   37.08 ? 129 ARG A NE  1 
ATOM   319 N  NE  B ARG A 1 34 ? 8.585   12.339  -4.266  0.28   32.83 ? 129 ARG A NE  1 
ATOM   320 C  CZ  A ARG A 1 34 ? 9.187   11.878  -7.905  0.72   40.35 ? 129 ARG A CZ  1 
ATOM   321 C  CZ  B ARG A 1 34 ? 9.629   11.650  -3.820  0.28   32.99 ? 129 ARG A CZ  1 
ATOM   322 N  NH1 A ARG A 1 34 ? 9.610   13.043  -8.373  0.72   43.57 ? 129 ARG A NH1 1 
ATOM   323 N  NH1 B ARG A 1 34 ? 10.271  10.818  -4.624  0.28   34.50 ? 129 ARG A NH1 1 
ATOM   324 N  NH2 A ARG A 1 34 ? 9.797   10.759  -8.272  0.72   41.37 ? 129 ARG A NH2 1 
ATOM   325 N  NH2 B ARG A 1 34 ? 10.032  11.795  -2.566  0.28   33.63 ? 129 ARG A NH2 1 
ATOM   326 N  N   . VAL A 1 35 ? 4.409   14.868  -2.125  1.00   15.17 ? 130 VAL A N   1 
ATOM   327 C  CA  . VAL A 1 35 ? 4.244   16.093  -1.361  1.00   16.33 ? 130 VAL A CA  1 
ATOM   328 C  C   . VAL A 1 35 ? 5.530   16.297  -0.576  1.00   15.11 ? 130 VAL A C   1 
ATOM   329 O  O   . VAL A 1 35 ? 5.860   15.491  0.299   1.00   15.94 ? 130 VAL A O   1 
ATOM   330 C  CB  . VAL A 1 35 ? 3.053   16.031  -0.380  1.00   17.09 ? 130 VAL A CB  1 
ATOM   331 C  CG1 . VAL A 1 35 ? 2.911   17.363  0.366   1.00   21.53 ? 130 VAL A CG1 1 
ATOM   332 C  CG2 . VAL A 1 35 ? 1.759   15.685  -1.114  1.00   19.06 ? 130 VAL A CG2 1 
ATOM   333 N  N   . GLY A 1 36 ? 6.271   17.356  -0.880  1.00   18.03 ? 131 GLY A N   1 
ATOM   334 C  CA  . GLY A 1 36 ? 7.593   17.511  -0.301  1.00   18.90 ? 131 GLY A CA  1 
ATOM   335 C  C   . GLY A 1 36 ? 8.427   16.301  -0.664  1.00   15.91 ? 131 GLY A C   1 
ATOM   336 O  O   . GLY A 1 36 ? 8.474   15.891  -1.815  1.00   19.87 ? 131 GLY A O   1 
ATOM   337 N  N   . ALA A 1 37 ? 9.058   15.697  0.332   1.00   19.46 ? 132 ALA A N   1 
ATOM   338 C  CA  . ALA A 1 37 ? 9.871   14.517  0.076   1.00   18.88 ? 132 ALA A CA  1 
ATOM   339 C  C   . ALA A 1 37 ? 9.114   13.201  0.328   1.00   20.71 ? 132 ALA A C   1 
ATOM   340 O  O   . ALA A 1 37 ? 9.722   12.132  0.347   1.00   25.74 ? 132 ALA A O   1 
ATOM   341 C  CB  . ALA A 1 37 ? 11.150  14.579  0.897   1.00   23.46 ? 132 ALA A CB  1 
ATOM   342 N  N   . SER A 1 38 ? 7.797   13.280  0.522   1.00   14.73 ? 133 SER A N   1 
ATOM   343 C  CA  . SER A 1 38 ? 6.967   12.083  0.705   1.00   14.85 ? 133 SER A CA  1 
ATOM   344 C  C   . SER A 1 38 ? 6.278   11.651  -0.592  1.00   16.81 ? 133 SER A C   1 
ATOM   345 O  O   . SER A 1 38 ? 5.872   12.489  -1.403  1.00   20.33 ? 133 SER A O   1 
ATOM   346 C  CB  . SER A 1 38 ? 5.903   12.332  1.767   1.00   16.90 ? 133 SER A CB  1 
ATOM   347 O  OG  . SER A 1 38 ? 6.491   12.626  3.031   1.00   16.49 ? 133 SER A OG  1 
ATOM   348 N  N   . GLU A 1 39 ? 6.123   10.352  -0.792  1.00   15.83 ? 134 GLU A N   1 
ATOM   349 C  CA  . GLU A 1 39 ? 5.534   9.840   -2.017  1.00   17.10 ? 134 GLU A CA  1 
ATOM   350 C  C   . GLU A 1 39 ? 4.692   8.592   -1.754  1.00   17.28 ? 134 GLU A C   1 
ATOM   351 O  O   . GLU A 1 39 ? 5.048   7.741   -0.942  1.00   17.81 ? 134 GLU A O   1 
ATOM   352 C  CB  . GLU A 1 39 ? 6.654   9.500   -3.017  1.00   24.00 ? 134 GLU A CB  1 
ATOM   353 C  CG  . GLU A 1 39 ? 6.170   9.056   -4.400  1.00   30.79 ? 134 GLU A CG  1 
ATOM   354 C  CD  . GLU A 1 39 ? 7.314   8.707   -5.341  1.00   41.47 ? 134 GLU A CD  1 
ATOM   355 O  OE1 . GLU A 1 39 ? 8.405   8.355   -4.852  1.00   50.96 ? 134 GLU A OE1 1 
ATOM   356 O  OE2 . GLU A 1 39 ? 7.114   8.781   -6.570  1.00   48.37 ? 134 GLU A OE2 1 
ATOM   357 N  N   . VAL A 1 40 ? 3.568   8.492   -2.439  1.00   16.45 ? 135 VAL A N   1 
ATOM   358 C  CA  . VAL A 1 40 ? 2.846   7.248   -2.604  1.00   14.93 ? 135 VAL A CA  1 
ATOM   359 C  C   . VAL A 1 40 ? 2.853   6.930   -4.100  1.00   14.49 ? 135 VAL A C   1 
ATOM   360 O  O   . VAL A 1 40 ? 2.444   7.754   -4.929  1.00   16.45 ? 135 VAL A O   1 
ATOM   361 C  CB  . VAL A 1 40 ? 1.395   7.342   -2.115  1.00   17.09 ? 135 VAL A CB  1 
ATOM   362 C  CG1 . VAL A 1 40 ? 0.655   6.036   -2.406  1.00   18.79 ? 135 VAL A CG1 1 
ATOM   363 C  CG2 . VAL A 1 40 ? 1.337   7.694   -0.619  1.00   18.48 ? 135 VAL A CG2 1 
ATOM   364 N  N   A ARG A 1 41 ? 3.312   5.733   -4.444  0.55   13.79 ? 136 ARG A N   1 
ATOM   365 N  N   B ARG A 1 41 ? 3.304   5.727   -4.432  0.45   14.41 ? 136 ARG A N   1 
ATOM   366 C  CA  A ARG A 1 41 ? 3.394   5.307   -5.830  0.55   15.42 ? 136 ARG A CA  1 
ATOM   367 C  CA  B ARG A 1 41 ? 3.392   5.286   -5.809  0.45   15.62 ? 136 ARG A CA  1 
ATOM   368 C  C   A ARG A 1 41 ? 2.690   3.967   -6.016  0.55   15.54 ? 136 ARG A C   1 
ATOM   369 C  C   B ARG A 1 41 ? 2.643   3.972   -5.980  0.45   14.56 ? 136 ARG A C   1 
ATOM   370 O  O   A ARG A 1 41 ? 2.887   3.035   -5.238  0.55   19.83 ? 136 ARG A O   1 
ATOM   371 O  O   B ARG A 1 41 ? 2.763   3.062   -5.158  0.45   16.26 ? 136 ARG A O   1 
ATOM   372 C  CB  A ARG A 1 41 ? 4.865   5.208   -6.246  0.55   21.22 ? 136 ARG A CB  1 
ATOM   373 C  CB  B ARG A 1 41 ? 4.864   5.119   -6.193  0.45   20.82 ? 136 ARG A CB  1 
ATOM   374 C  CG  A ARG A 1 41 ? 5.104   4.656   -7.633  0.55   25.81 ? 136 ARG A CG  1 
ATOM   375 C  CG  B ARG A 1 41 ? 5.111   4.700   -7.623  0.45   24.59 ? 136 ARG A CG  1 
ATOM   376 C  CD  A ARG A 1 41 ? 6.596   4.420   -7.867  0.55   30.66 ? 136 ARG A CD  1 
ATOM   377 C  CD  B ARG A 1 41 ? 6.569   4.937   -8.011  0.45   31.32 ? 136 ARG A CD  1 
ATOM   378 N  NE  A ARG A 1 41 ? 6.843   3.790   -9.160  0.55   34.99 ? 136 ARG A NE  1 
ATOM   379 N  NE  B ARG A 1 41 ? 7.488   3.948   -7.457  0.45   33.30 ? 136 ARG A NE  1 
ATOM   380 C  CZ  A ARG A 1 41 ? 7.822   4.134   -9.989  0.55   38.15 ? 136 ARG A CZ  1 
ATOM   381 C  CZ  B ARG A 1 41 ? 8.237   4.132   -6.374  0.45   31.58 ? 136 ARG A CZ  1 
ATOM   382 N  NH1 A ARG A 1 41 ? 7.963   3.500   -11.144 0.55   37.97 ? 136 ARG A NH1 1 
ATOM   383 N  NH1 B ARG A 1 41 ? 9.052   3.170   -5.954  0.45   30.37 ? 136 ARG A NH1 1 
ATOM   384 N  NH2 A ARG A 1 41 ? 8.658   5.113   -9.664  0.55   42.22 ? 136 ARG A NH2 1 
ATOM   385 N  NH2 B ARG A 1 41 ? 8.173   5.272   -5.705  0.45   31.15 ? 136 ARG A NH2 1 
ATOM   386 N  N   . VAL A 1 42 ? 1.856   3.873   -7.043  1.00   13.37 ? 137 VAL A N   1 
ATOM   387 C  CA  . VAL A 1 42 ? 1.186   2.635   -7.377  1.00   14.31 ? 137 VAL A CA  1 
ATOM   388 C  C   . VAL A 1 42 ? 1.597   2.279   -8.796  1.00   15.01 ? 137 VAL A C   1 
ATOM   389 O  O   . VAL A 1 42 ? 1.347   3.050   -9.733  1.00   15.42 ? 137 VAL A O   1 
ATOM   390 C  CB  . VAL A 1 42 ? -0.338  2.791   -7.322  1.00   16.54 ? 137 VAL A CB  1 
ATOM   391 C  CG1 . VAL A 1 42 ? -1.025  1.443   -7.531  1.00   16.67 ? 137 VAL A CG1 1 
ATOM   392 C  CG2 . VAL A 1 42 ? -0.748  3.418   -6.006  1.00   19.42 ? 137 VAL A CG2 1 
ATOM   393 N  N   . SER A 1 43 ? 2.252   1.132   -8.954  1.00   14.83 ? 138 SER A N   1 
ATOM   394 C  CA  A SER A 1 43 ? 2.721   0.691   -10.256 0.76   15.05 ? 138 SER A CA  1 
ATOM   395 C  CA  B SER A 1 43 ? 2.739   0.687   -10.252 0.24   15.42 ? 138 SER A CA  1 
ATOM   396 C  C   . SER A 1 43 ? 2.415   -0.786  -10.442 1.00   15.24 ? 138 SER A C   1 
ATOM   397 O  O   . SER A 1 43 ? 1.986   -1.462  -9.502  1.00   16.78 ? 138 SER A O   1 
ATOM   398 C  CB  A SER A 1 43 ? 4.222   0.892   -10.359 0.76   17.60 ? 138 SER A CB  1 
ATOM   399 C  CB  B SER A 1 43 ? 4.257   0.879   -10.360 0.24   17.21 ? 138 SER A CB  1 
ATOM   400 O  OG  A SER A 1 43 ? 4.873   -0.067  -9.538  0.76   18.40 ? 138 SER A OG  1 
ATOM   401 O  OG  B SER A 1 43 ? 4.652   2.205   -10.064 0.24   17.33 ? 138 SER A OG  1 
ATOM   402 N  N   . ASP A 1 44 ? 2.652   -1.286  -11.647 1.00   16.41 ? 139 ASP A N   1 
ATOM   403 C  CA  . ASP A 1 44 ? 2.423   -2.686  -11.948 1.00   17.27 ? 139 ASP A CA  1 
ATOM   404 C  C   . ASP A 1 44 ? 3.119   -3.632  -10.976 1.00   15.52 ? 139 ASP A C   1 
ATOM   405 O  O   . ASP A 1 44 ? 2.618   -4.706  -10.674 1.00   20.51 ? 139 ASP A O   1 
ATOM   406 C  CB  . ASP A 1 44 ? 3.024   -2.988  -13.318 1.00   24.49 ? 139 ASP A CB  1 
ATOM   407 C  CG  . ASP A 1 44 ? 2.268   -2.374  -14.442 1.00   26.07 ? 139 ASP A CG  1 
ATOM   408 O  OD1 . ASP A 1 44 ? 1.638   -1.326  -14.262 1.00   34.00 ? 139 ASP A OD1 1 
ATOM   409 O  OD2 . ASP A 1 44 ? 2.335   -2.969  -15.515 1.00   31.70 ? 139 ASP A OD2 1 
ATOM   410 N  N   . GLY A 1 45 ? 4.296   -3.242  -10.511 1.00   16.44 ? 140 GLY A N   1 
ATOM   411 C  CA  . GLY A 1 45 ? 5.098   -4.140  -9.686  1.00   18.46 ? 140 GLY A CA  1 
ATOM   412 C  C   . GLY A 1 45 ? 5.032   -3.889  -8.193  1.00   15.47 ? 140 GLY A C   1 
ATOM   413 O  O   . GLY A 1 45 ? 5.515   -4.719  -7.416  1.00   15.62 ? 140 GLY A O   1 
ATOM   414 N  N   . ALA A 1 46 ? 4.466   -2.768  -7.776  1.00   14.53 ? 141 ALA A N   1 
ATOM   415 C  CA  . ALA A 1 46 ? 4.543   -2.409  -6.365  1.00   12.89 ? 141 ALA A CA  1 
ATOM   416 C  C   . ALA A 1 46 ? 3.605   -1.302  -5.952  1.00   12.29 ? 141 ALA A C   1 
ATOM   417 O  O   . ALA A 1 46 ? 3.270   -0.423  -6.752  1.00   15.03 ? 141 ALA A O   1 
ATOM   418 C  CB  . ALA A 1 46 ? 5.971   -1.999  -5.994  1.00   16.37 ? 141 ALA A CB  1 
ATOM   419 N  N   . VAL A 1 47 ? 3.239   -1.306  -4.672  1.00   11.48 ? 142 VAL A N   1 
ATOM   420 C  CA  . VAL A 1 47 ? 2.780   -0.094  -4.018  1.00   12.09 ? 142 VAL A CA  1 
ATOM   421 C  C   . VAL A 1 47 ? 3.926   0.336   -3.118  1.00   11.24 ? 142 VAL A C   1 
ATOM   422 O  O   . VAL A 1 47 ? 4.420   -0.471  -2.309  1.00   12.28 ? 142 VAL A O   1 
ATOM   423 C  CB  . VAL A 1 47 ? 1.494   -0.297  -3.210  1.00   12.21 ? 142 VAL A CB  1 
ATOM   424 C  CG1 . VAL A 1 47 ? 1.206   0.938   -2.353  1.00   15.14 ? 142 VAL A CG1 1 
ATOM   425 C  CG2 . VAL A 1 47 ? 0.299   -0.637  -4.143  1.00   16.18 ? 142 VAL A CG2 1 
ATOM   426 N  N   . SER A 1 48 ? 4.385   1.572   -3.291  1.00   13.35 ? 143 SER A N   1 
ATOM   427 C  CA  . SER A 1 48 ? 5.531   2.096   -2.539  1.00   12.72 ? 143 SER A CA  1 
ATOM   428 C  C   . SER A 1 48 ? 5.160   3.351   -1.772  1.00   12.57 ? 143 SER A C   1 
ATOM   429 O  O   . SER A 1 48 ? 4.519   4.253   -2.319  1.00   16.51 ? 143 SER A O   1 
ATOM   430 C  CB  . SER A 1 48 ? 6.698   2.399   -3.488  1.00   19.88 ? 143 SER A CB  1 
ATOM   431 O  OG  . SER A 1 48 ? 7.021   1.266   -4.273  1.00   21.36 ? 143 SER A OG  1 
ATOM   432 N  N   . LEU A 1 49 ? 5.497   3.366   -0.488  1.00   12.89 ? 144 LEU A N   1 
ATOM   433 C  CA  . LEU A 1 49 ? 5.353   4.549   0.348   1.00   12.92 ? 144 LEU A CA  1 
ATOM   434 C  C   . LEU A 1 49 ? 6.735   4.971   0.762   1.00   13.40 ? 144 LEU A C   1 
ATOM   435 O  O   . LEU A 1 49 ? 7.495   4.142   1.247   1.00   17.72 ? 144 LEU A O   1 
ATOM   436 C  CB  . LEU A 1 49 ? 4.544   4.256   1.611   1.00   14.62 ? 144 LEU A CB  1 
ATOM   437 C  CG  . LEU A 1 49 ? 3.030   4.177   1.536   1.00   22.11 ? 144 LEU A CG  1 
ATOM   438 C  CD1 . LEU A 1 49 ? 2.444   3.495   0.296   1.00   28.44 ? 144 LEU A CD1 1 
ATOM   439 C  CD2 . LEU A 1 49 ? 2.402   3.664   2.827   1.00   20.76 ? 144 LEU A CD2 1 
ATOM   440 N  N   . LYS A 1 50 ? 7.050   6.249   0.598   1.00   13.40 ? 145 LYS A N   1 
ATOM   441 C  CA  . LYS A 1 50 ? 8.355   6.778   0.962   1.00   13.22 ? 145 LYS A CA  1 
ATOM   442 C  C   . LYS A 1 50 ? 8.136   8.074   1.691   1.00   13.33 ? 145 LYS A C   1 
ATOM   443 O  O   . LYS A 1 50 ? 7.469   8.973   1.177   1.00   16.30 ? 145 LYS A O   1 
ATOM   444 C  CB  . LYS A 1 50 ? 9.226   7.024   -0.282  1.00   16.52 ? 145 LYS A CB  1 
ATOM   445 C  CG  . LYS A 1 50 ? 10.629  7.514   0.057   1.00   21.78 ? 145 LYS A CG  1 
ATOM   446 C  CD  . LYS A 1 50 ? 11.472  7.718   -1.192  1.00   31.18 ? 145 LYS A CD  1 
ATOM   447 C  CE  . LYS A 1 50 ? 12.787  8.406   -0.852  1.00   41.61 ? 145 LYS A CE  1 
ATOM   448 N  NZ  . LYS A 1 50 ? 12.588  9.822   -0.423  1.00   45.74 ? 145 LYS A NZ  1 
ATOM   449 N  N   . ALA A 1 51 ? 8.698   8.210   2.881   1.00   11.99 ? 146 ALA A N   1 
ATOM   450 C  CA  . ALA A 1 51 ? 8.467   9.435   3.652   1.00   11.96 ? 146 ALA A CA  1 
ATOM   451 C  C   . ALA A 1 51 ? 9.437   9.512   4.823   1.00   12.49 ? 146 ALA A C   1 
ATOM   452 O  O   . ALA A 1 51 ? 10.024  8.490   5.220   1.00   13.42 ? 146 ALA A O   1 
ATOM   453 C  CB  . ALA A 1 51 ? 7.035   9.478   4.171   1.00   14.58 ? 146 ALA A CB  1 
ATOM   454 N  N   . PRO A 1 52 ? 9.546   10.681  5.447   1.00   12.71 ? 147 PRO A N   1 
ATOM   455 C  CA  . PRO A 1 52 ? 10.371  10.785  6.660   1.00   13.08 ? 147 PRO A CA  1 
ATOM   456 C  C   . PRO A 1 52 ? 9.817   9.945   7.794   1.00   12.98 ? 147 PRO A C   1 
ATOM   457 O  O   . PRO A 1 52 ? 10.577  9.532   8.688   1.00   13.46 ? 147 PRO A O   1 
ATOM   458 C  CB  . PRO A 1 52 ? 10.275  12.268  7.009   1.00   13.39 ? 147 PRO A CB  1 
ATOM   459 C  CG  . PRO A 1 52 ? 10.158  12.927  5.642   1.00   13.55 ? 147 PRO A CG  1 
ATOM   460 C  CD  . PRO A 1 52 ? 9.163   12.017  4.938   1.00   13.51 ? 147 PRO A CD  1 
ATOM   461 N  N   . LYS A 1 53 ? 8.517   9.692   7.774   1.00   13.72 ? 148 LYS A N   1 
ATOM   462 C  CA  . LYS A 1 53 ? 7.851   8.821   8.742   1.00   13.54 ? 148 LYS A CA  1 
ATOM   463 C  C   . LYS A 1 53 ? 6.693   8.162   8.018   1.00   11.43 ? 148 LYS A C   1 
ATOM   464 O  O   . LYS A 1 53 ? 5.960   8.841   7.281   1.00   13.32 ? 148 LYS A O   1 
ATOM   465 C  CB  . LYS A 1 53 ? 7.300   9.651   9.911   1.00   16.92 ? 148 LYS A CB  1 
ATOM   466 C  CG  . LYS A 1 53 ? 6.510   8.851   10.950  1.00   22.34 ? 148 LYS A CG  1 
ATOM   467 C  CD  . LYS A 1 53 ? 6.007   9.732   12.090  1.00   32.79 ? 148 LYS A CD  1 
ATOM   468 C  CE  . LYS A 1 53 ? 4.962   10.727  11.640  1.00   46.98 ? 148 LYS A CE  1 
ATOM   469 N  NZ  . LYS A 1 53 ? 4.703   11.764  12.695  1.00   52.14 ? 148 LYS A NZ  1 
ATOM   470 N  N   . ILE A 1 54 ? 6.528   6.857   8.197   1.00   11.03 ? 149 ILE A N   1 
ATOM   471 C  CA  . ILE A 1 54 ? 5.374   6.152   7.655   1.00   11.50 ? 149 ILE A CA  1 
ATOM   472 C  C   . ILE A 1 54 ? 4.578   5.695   8.846   1.00   10.41 ? 149 ILE A C   1 
ATOM   473 O  O   . ILE A 1 54 ? 5.050   4.864   9.638   1.00   12.48 ? 149 ILE A O   1 
ATOM   474 C  CB  . ILE A 1 54 ? 5.787   4.987   6.767   1.00   11.70 ? 149 ILE A CB  1 
ATOM   475 C  CG1 . ILE A 1 54 ? 6.549   5.540   5.551   1.00   13.89 ? 149 ILE A CG1 1 
ATOM   476 C  CG2 . ILE A 1 54 ? 4.549   4.178   6.343   1.00   14.38 ? 149 ILE A CG2 1 
ATOM   477 C  CD1 . ILE A 1 54 ? 7.276   4.449   4.759   1.00   14.92 ? 149 ILE A CD1 1 
ATOM   478 N  N   . SER A 1 55 ? 3.402   6.300   9.015   1.00   10.38 ? 150 SER A N   1 
ATOM   479 C  CA  A SER A 1 55 ? 2.588   6.094   10.198  0.80   11.27 ? 150 SER A CA  1 
ATOM   480 C  CA  B SER A 1 55 ? 2.588   6.086   10.200  0.20   11.90 ? 150 SER A CA  1 
ATOM   481 C  C   . SER A 1 55 ? 1.374   5.248   9.875   1.00   11.38 ? 150 SER A C   1 
ATOM   482 O  O   . SER A 1 55 ? 0.564   5.634   9.048   1.00   12.99 ? 150 SER A O   1 
ATOM   483 C  CB  A SER A 1 55 ? 2.120   7.458   10.727  0.80   13.06 ? 150 SER A CB  1 
ATOM   484 C  CB  B SER A 1 55 ? 2.131   7.425   10.779  0.20   13.52 ? 150 SER A CB  1 
ATOM   485 O  OG  A SER A 1 55 ? 1.282   7.328   11.864  0.80   16.04 ? 150 SER A OG  1 
ATOM   486 O  OG  B SER A 1 55 ? 3.237   8.217   11.162  0.20   16.55 ? 150 SER A OG  1 
ATOM   487 N  N   A LEU A 1 56 ? 1.253   4.093   10.511  0.86   11.64 ? 151 LEU A N   1 
ATOM   488 N  N   B LEU A 1 56 ? 1.262   4.100   10.534  0.14   11.38 ? 151 LEU A N   1 
ATOM   489 C  CA  A LEU A 1 56 ? 0.116   3.216   10.319  0.86   10.52 ? 151 LEU A CA  1 
ATOM   490 C  CA  B LEU A 1 56 ? 0.124   3.209   10.364  0.14   11.95 ? 151 LEU A CA  1 
ATOM   491 C  C   A LEU A 1 56 ? -0.682  3.213   11.624  0.86   11.83 ? 151 LEU A C   1 
ATOM   492 C  C   B LEU A 1 56 ? -0.690  3.212   11.646  0.14   11.91 ? 151 LEU A C   1 
ATOM   493 O  O   A LEU A 1 56 ? -0.243  2.658   12.635  0.86   14.18 ? 151 LEU A O   1 
ATOM   494 O  O   B LEU A 1 56 ? -0.292  2.619   12.647  0.14   11.66 ? 151 LEU A O   1 
ATOM   495 C  CB  A LEU A 1 56 ? 0.564   1.804   9.906   0.86   11.78 ? 151 LEU A CB  1 
ATOM   496 C  CB  B LEU A 1 56 ? 0.582   1.786   10.029  0.14   13.13 ? 151 LEU A CB  1 
ATOM   497 C  CG  A LEU A 1 56 ? 1.575   1.721   8.756   0.86   13.04 ? 151 LEU A CG  1 
ATOM   498 C  CG  B LEU A 1 56 ? 1.113   1.528   8.616   0.14   13.60 ? 151 LEU A CG  1 
ATOM   499 C  CD1 A LEU A 1 56 ? 1.995   0.265   8.470   0.86   12.24 ? 151 LEU A CD1 1 
ATOM   500 C  CD1 B LEU A 1 56 ? 2.504   2.099   8.431   0.14   19.51 ? 151 LEU A CD1 1 
ATOM   501 C  CD2 A LEU A 1 56 ? 0.996   2.364   7.496   0.86   12.32 ? 151 LEU A CD2 1 
ATOM   502 C  CD2 B LEU A 1 56 ? 1.092   0.031   8.297   0.14   13.04 ? 151 LEU A CD2 1 
ATOM   503 N  N   . GLU A 1 57 ? -1.829  3.893   11.616  1.00   11.97 ? 152 GLU A N   1 
ATOM   504 C  CA  . GLU A 1 57 ? -2.620  4.089   12.822  1.00   12.67 ? 152 GLU A CA  1 
ATOM   505 C  C   . GLU A 1 57 ? -3.845  3.184   12.803  1.00   11.24 ? 152 GLU A C   1 
ATOM   506 O  O   . GLU A 1 57 ? -4.857  3.511   12.183  1.00   14.21 ? 152 GLU A O   1 
ATOM   507 C  CB  . GLU A 1 57 ? -3.025  5.570   12.931  1.00   17.13 ? 152 GLU A CB  1 
ATOM   508 C  CG  . GLU A 1 57 ? -1.781  6.489   13.038  1.00   26.37 ? 152 GLU A CG  1 
ATOM   509 C  CD  . GLU A 1 57 ? -1.991  7.945   12.576  1.00   34.72 ? 152 GLU A CD  1 
ATOM   510 O  OE1 . GLU A 1 57 ? -3.129  8.464   12.589  1.00   32.45 ? 152 GLU A OE1 1 
ATOM   511 O  OE2 . GLU A 1 57 ? -0.986  8.583   12.172  1.00   33.34 ? 152 GLU A OE2 1 
ATOM   512 N  N   . GLY A 1 58 ? -3.736  2.028   13.454  1.00   14.47 ? 153 GLY A N   1 
ATOM   513 C  CA  . GLY A 1 58 ? -4.792  1.035   13.514  1.00   12.79 ? 153 GLY A CA  1 
ATOM   514 C  C   . GLY A 1 58 ? -4.145  -0.338  13.555  1.00   12.09 ? 153 GLY A C   1 
ATOM   515 O  O   . GLY A 1 58 ? -2.918  -0.458  13.487  1.00   12.62 ? 153 GLY A O   1 
ATOM   516 N  N   . PRO A 1 59 ? -4.965  -1.376  13.674  1.00   12.00 ? 154 PRO A N   1 
ATOM   517 C  CA  . PRO A 1 59 ? -4.466  -2.745  13.566  1.00   12.92 ? 154 PRO A CA  1 
ATOM   518 C  C   . PRO A 1 59 ? -3.916  -2.955  12.161  1.00   11.60 ? 154 PRO A C   1 
ATOM   519 O  O   . PRO A 1 59 ? -4.570  -2.561  11.194  1.00   13.96 ? 154 PRO A O   1 
ATOM   520 C  CB  . PRO A 1 59 ? -5.720  -3.609  13.778  1.00   13.26 ? 154 PRO A CB  1 
ATOM   521 C  CG  . PRO A 1 59 ? -6.788  -2.647  14.354  1.00   15.62 ? 154 PRO A CG  1 
ATOM   522 C  CD  . PRO A 1 59 ? -6.438  -1.311  13.727  1.00   14.13 ? 154 PRO A CD  1 
ATOM   523 N  N   . VAL A 1 60 ? -2.744  -3.578  12.053  1.00   10.23 ? 155 VAL A N   1 
ATOM   524 C  CA  . VAL A 1 60 ? -2.133  -3.835  10.760  1.00   9.73  ? 155 VAL A CA  1 
ATOM   525 C  C   . VAL A 1 60 ? -2.089  -5.334  10.575  1.00   10.38 ? 155 VAL A C   1 
ATOM   526 O  O   . VAL A 1 60 ? -1.605  -6.064  11.459  1.00   11.97 ? 155 VAL A O   1 
ATOM   527 C  CB  . VAL A 1 60 ? -0.737  -3.224  10.659  1.00   10.12 ? 155 VAL A CB  1 
ATOM   528 C  CG1 . VAL A 1 60 ? -0.078  -3.584  9.319   1.00   10.95 ? 155 VAL A CG1 1 
ATOM   529 C  CG2 . VAL A 1 60 ? -0.821  -1.703  10.853  1.00   11.89 ? 155 VAL A CG2 1 
ATOM   530 N  N   . GLU A 1 61 ? -2.623  -5.790  9.449   1.00   10.74 ? 156 GLU A N   1 
ATOM   531 C  CA  . GLU A 1 61 ? -2.645  -7.196  9.084   1.00   12.31 ? 156 GLU A CA  1 
ATOM   532 C  C   . GLU A 1 61 ? -1.901  -7.377  7.778   1.00   11.49 ? 156 GLU A C   1 
ATOM   533 O  O   . GLU A 1 61 ? -2.301  -6.833  6.748   1.00   13.81 ? 156 GLU A O   1 
ATOM   534 C  CB  . GLU A 1 61 ? -4.097  -7.699  8.947   1.00   16.16 ? 156 GLU A CB  1 
ATOM   535 C  CG  . GLU A 1 61 ? -4.915  -7.449  10.197  1.00   22.41 ? 156 GLU A CG  1 
ATOM   536 C  CD  . GLU A 1 61 ? -6.346  -7.931  10.113  1.00   29.13 ? 156 GLU A CD  1 
ATOM   537 O  OE1 . GLU A 1 61 ? -6.820  -8.274  9.011   1.00   37.51 ? 156 GLU A OE1 1 
ATOM   538 O  OE2 . GLU A 1 61 ? -7.015  -7.935  11.170  1.00   32.44 ? 156 GLU A OE2 1 
ATOM   539 N  N   . ILE A 1 62 ? -0.803  -8.117  7.831   1.00   11.47 ? 157 ILE A N   1 
ATOM   540 C  CA  . ILE A 1 62 ? -0.027  -8.438  6.653   1.00   10.69 ? 157 ILE A CA  1 
ATOM   541 C  C   . ILE A 1 62 ? -0.352  -9.851  6.209   1.00   11.94 ? 157 ILE A C   1 
ATOM   542 O  O   . ILE A 1 62 ? -0.136  -10.814 6.950   1.00   13.40 ? 157 ILE A O   1 
ATOM   543 C  CB  . ILE A 1 62 ? 1.486   -8.283  6.914   1.00   11.52 ? 157 ILE A CB  1 
ATOM   544 C  CG1 . ILE A 1 62 ? 1.806   -6.817  7.275   1.00   12.71 ? 157 ILE A CG1 1 
ATOM   545 C  CG2 . ILE A 1 62 ? 2.298   -8.765  5.708   1.00   13.02 ? 157 ILE A CG2 1 
ATOM   546 C  CD1 . ILE A 1 62 ? 3.302   -6.518  7.510   1.00   13.76 ? 157 ILE A CD1 1 
ATOM   547 N  N   . ALA A 1 63 ? -0.865  -9.972  4.995   1.00   11.61 ? 158 ALA A N   1 
ATOM   548 C  CA  . ALA A 1 63 ? -1.105  -11.264 4.374   1.00   10.95 ? 158 ALA A CA  1 
ATOM   549 C  C   . ALA A 1 63 ? 0.065   -11.546 3.456   1.00   11.64 ? 158 ALA A C   1 
ATOM   550 O  O   . ALA A 1 63 ? 0.068   -11.158 2.279   1.00   15.13 ? 158 ALA A O   1 
ATOM   551 C  CB  . ALA A 1 63 ? -2.429  -11.245 3.580   1.00   14.81 ? 158 ALA A CB  1 
ATOM   552 N  N   . GLY A 1 64 ? 1.100   -12.154 4.031   1.00   11.43 ? 159 GLY A N   1 
ATOM   553 C  CA  . GLY A 1 64 ? 2.366   -12.322 3.350   1.00   11.86 ? 159 GLY A CA  1 
ATOM   554 C  C   . GLY A 1 64 ? 3.492   -12.371 4.374   1.00   12.94 ? 159 GLY A C   1 
ATOM   555 O  O   . GLY A 1 64 ? 3.241   -12.454 5.580   1.00   11.81 ? 159 GLY A O   1 
ATOM   556 N  N   . THR A 1 65 ? 4.717   -12.308 3.876   1.00   11.57 ? 160 THR A N   1 
ATOM   557 C  CA  . THR A 1 65 ? 5.908   -12.274 4.724   1.00   10.78 ? 160 THR A CA  1 
ATOM   558 C  C   . THR A 1 65 ? 6.437   -10.848 4.810   1.00   11.04 ? 160 THR A C   1 
ATOM   559 O  O   . THR A 1 65 ? 6.429   -10.102 3.812   1.00   11.06 ? 160 THR A O   1 
ATOM   560 C  CB  . THR A 1 65 ? 6.974   -13.239 4.175   1.00   10.86 ? 160 THR A CB  1 
ATOM   561 O  OG1 . THR A 1 65 ? 6.561   -14.575 4.488   1.00   12.24 ? 160 THR A OG1 1 
ATOM   562 C  CG2 . THR A 1 65 ? 8.385   -12.982 4.773   1.00   12.90 ? 160 THR A CG2 1 
ATOM   563 N  N   . LEU A 1 66 ? 6.880   -10.474 6.009   1.00   10.28 ? 161 LEU A N   1 
ATOM   564 C  CA  . LEU A 1 66 ? 7.406   -9.147  6.298   1.00   9.64  ? 161 LEU A CA  1 
ATOM   565 C  C   . LEU A 1 66 ? 8.916   -9.225  6.433   1.00   9.65  ? 161 LEU A C   1 
ATOM   566 O  O   . LEU A 1 66 ? 9.424   -10.012 7.253   1.00   11.02 ? 161 LEU A O   1 
ATOM   567 C  CB  . LEU A 1 66 ? 6.806   -8.615  7.606   1.00   10.67 ? 161 LEU A CB  1 
ATOM   568 C  CG  . LEU A 1 66 ? 7.446   -7.367  8.224   1.00   9.76  ? 161 LEU A CG  1 
ATOM   569 C  CD1 . LEU A 1 66 ? 7.250   -6.158  7.262   1.00   11.91 ? 161 LEU A CD1 1 
ATOM   570 C  CD2 . LEU A 1 66 ? 6.834   -7.044  9.583   1.00   12.16 ? 161 LEU A CD2 1 
ATOM   571 N  N   . THR A 1 67 ? 9.628   -8.415  5.646   1.00   11.10 ? 162 THR A N   1 
ATOM   572 C  CA  . THR A 1 67 ? 11.084  -8.302  5.756   1.00   11.27 ? 162 THR A CA  1 
ATOM   573 C  C   . THR A 1 67 ? 11.422  -6.872  6.147   1.00   11.58 ? 162 THR A C   1 
ATOM   574 O  O   . THR A 1 67 ? 10.922  -5.927  5.515   1.00   13.79 ? 162 THR A O   1 
ATOM   575 C  CB  . THR A 1 67 ? 11.780  -8.658  4.446   1.00   13.94 ? 162 THR A CB  1 
ATOM   576 O  OG1 . THR A 1 67 ? 11.420  -9.991  4.049   1.00   15.05 ? 162 THR A OG1 1 
ATOM   577 C  CG2 . THR A 1 67 ? 13.304  -8.537  4.563   1.00   16.54 ? 162 THR A CG2 1 
ATOM   578 N  N   . VAL A 1 68 ? 12.240  -6.708  7.184   1.00   11.49 ? 163 VAL A N   1 
ATOM   579 C  CA  . VAL A 1 68 ? 12.610  -5.391  7.692   1.00   11.23 ? 163 VAL A CA  1 
ATOM   580 C  C   . VAL A 1 68 ? 14.127  -5.274  7.642   1.00   12.36 ? 163 VAL A C   1 
ATOM   581 O  O   . VAL A 1 68 ? 14.829  -6.119  8.197   1.00   13.28 ? 163 VAL A O   1 
ATOM   582 C  CB  . VAL A 1 68 ? 12.111  -5.198  9.137   1.00   10.81 ? 163 VAL A CB  1 
ATOM   583 C  CG1 . VAL A 1 68 ? 12.490  -3.805  9.658   1.00   12.93 ? 163 VAL A CG1 1 
ATOM   584 C  CG2 . VAL A 1 68 ? 10.580  -5.382  9.208   1.00   13.55 ? 163 VAL A CG2 1 
ATOM   585 N  N   . SER A 1 69 ? 14.650  -4.244  6.966   1.00   10.98 ? 164 SER A N   1 
ATOM   586 C  CA  . SER A 1 69 ? 16.099  -4.126  6.834   1.00   11.44 ? 164 SER A CA  1 
ATOM   587 C  C   . SER A 1 69 ? 16.761  -3.679  8.135   1.00   11.94 ? 164 SER A C   1 
ATOM   588 O  O   . SER A 1 69 ? 17.898  -4.082  8.436   1.00   15.18 ? 164 SER A O   1 
ATOM   589 C  CB  . SER A 1 69 ? 16.466  -3.160  5.710   1.00   12.61 ? 164 SER A CB  1 
ATOM   590 O  OG  . SER A 1 69 ? 16.028  -1.852  6.044   1.00   13.66 ? 164 SER A OG  1 
ATOM   591 N  N   . GLY A 1 70 ? 16.055  -2.846  8.891   1.00   12.01 ? 165 GLY A N   1 
ATOM   592 C  CA  . GLY A 1 70 ? 16.548  -2.312  10.140  1.00   12.85 ? 165 GLY A CA  1 
ATOM   593 C  C   . GLY A 1 70 ? 16.077  -3.157  11.324  1.00   11.70 ? 165 GLY A C   1 
ATOM   594 O  O   . GLY A 1 70 ? 15.857  -4.364  11.207  1.00   13.09 ? 165 GLY A O   1 
ATOM   595 N  N   . ASP A 1 71 ? 15.879  -2.500  12.446  1.00   10.77 ? 166 ASP A N   1 
ATOM   596 C  CA  . ASP A 1 71 ? 15.453  -3.194  13.659  1.00   11.26 ? 166 ASP A CA  1 
ATOM   597 C  C   . ASP A 1 71 ? 13.940  -3.295  13.739  1.00   10.63 ? 166 ASP A C   1 
ATOM   598 O  O   . ASP A 1 71 ? 13.218  -2.584  13.028  1.00   11.24 ? 166 ASP A O   1 
ATOM   599 C  CB  . ASP A 1 71 ? 16.016  -2.466  14.885  1.00   11.68 ? 166 ASP A CB  1 
ATOM   600 C  CG  . ASP A 1 71 ? 17.523  -2.423  14.856  1.00   11.50 ? 166 ASP A CG  1 
ATOM   601 O  OD1 . ASP A 1 71 ? 18.141  -3.508  14.811  1.00   15.07 ? 166 ASP A OD1 1 
ATOM   602 O  OD2 . ASP A 1 71 ? 18.106  -1.323  14.852  1.00   13.68 ? 166 ASP A OD2 1 
ATOM   603 N  N   A ILE A 1 72 ? 13.454  -4.167  14.604  1.00   11.56 ? 167 ILE A N   1 
ATOM   604 N  N   B ILE A 1 72 ? 13.499  -4.206  14.607  0.0000 11.45 ? 167 ILE A N   1 
ATOM   605 C  CA  A ILE A 1 72 ? 12.036  -4.288  14.903  1.00   11.95 ? 167 ILE A CA  1 
ATOM   606 C  CA  B ILE A 1 72 ? 12.105  -4.396  14.976  0.0000 12.06 ? 167 ILE A CA  1 
ATOM   607 C  C   A ILE A 1 72 ? 11.876  -4.137  16.393  1.00   10.72 ? 167 ILE A C   1 
ATOM   608 C  C   B ILE A 1 72 ? 11.978  -4.077  16.454  0.0000 11.84 ? 167 ILE A C   1 
ATOM   609 O  O   A ILE A 1 72 ? 12.467  -4.915  17.158  1.00   13.20 ? 167 ILE A O   1 
ATOM   610 O  O   B ILE A 1 72 ? 12.647  -4.699  17.278  0.0000 11.45 ? 167 ILE A O   1 
ATOM   611 C  CB  A ILE A 1 72 ? 11.453  -5.638  14.444  1.00   11.90 ? 167 ILE A CB  1 
ATOM   612 C  CB  B ILE A 1 72 ? 11.694  -5.864  14.830  0.0000 12.62 ? 167 ILE A CB  1 
ATOM   613 C  CG1 A ILE A 1 72 ? 11.629  -5.798  12.933  1.00   12.06 ? 167 ILE A CG1 1 
ATOM   614 C  CG1 B ILE A 1 72 ? 11.718  -6.280  13.367  0.0000 12.31 ? 167 ILE A CG1 1 
ATOM   615 C  CG2 A ILE A 1 72 ? 9.976   -5.781  14.865  1.00   13.49 ? 167 ILE A CG2 1 
ATOM   616 C  CG2 B ILE A 1 72 ? 10.305  -6.089  15.413  0.0000 13.09 ? 167 ILE A CG2 1 
ATOM   617 C  CD1 A ILE A 1 72 ? 11.138  -7.149  12.440  1.00   13.84 ? 167 ILE A CD1 1 
ATOM   618 C  CD1 B ILE A 1 72 ? 10.643  -5.630  12.584  0.0000 11.87 ? 167 ILE A CD1 1 
ATOM   619 N  N   . LEU A 1 73 ? 11.126  -3.122  16.807  1.00   11.98 ? 168 LEU A N   1 
ATOM   620 C  CA  . LEU A 1 73 ? 10.984  -2.788  18.222  1.00   12.74 ? 168 LEU A CA  1 
ATOM   621 C  C   . LEU A 1 73 ? 9.516   -2.816  18.582  1.00   10.87 ? 168 LEU A C   1 
ATOM   622 O  O   . LEU A 1 73 ? 8.725   -2.052  18.024  1.00   13.83 ? 168 LEU A O   1 
ATOM   623 C  CB  . LEU A 1 73 ? 11.572  -1.403  18.502  1.00   13.03 ? 168 LEU A CB  1 
ATOM   624 C  CG  . LEU A 1 73 ? 13.055  -1.353  18.114  1.00   17.84 ? 168 LEU A CG  1 
ATOM   625 C  CD1 . LEU A 1 73 ? 13.588  0.053   18.091  1.00   23.37 ? 168 LEU A CD1 1 
ATOM   626 C  CD2 . LEU A 1 73 ? 13.910  -2.261  19.019  1.00   18.47 ? 168 LEU A CD2 1 
ATOM   627 N  N   . GLY A 1 74 ? 9.158   -3.689  19.513  1.00   11.27 ? 169 GLY A N   1 
ATOM   628 C  CA  . GLY A 1 74 ? 7.779   -3.877  19.907  1.00   12.16 ? 169 GLY A CA  1 
ATOM   629 C  C   . GLY A 1 74 ? 7.509   -3.420  21.321  1.00   12.16 ? 169 GLY A C   1 
ATOM   630 O  O   . GLY A 1 74 ? 8.280   -3.742  22.240  1.00   14.61 ? 169 GLY A O   1 
ATOM   631 N  N   . GLY A 1 75 ? 6.404   -2.708  21.502  1.00   13.43 ? 170 GLY A N   1 
ATOM   632 C  CA  . GLY A 1 75 ? 6.022   -2.174  22.800  1.00   14.86 ? 170 GLY A CA  1 
ATOM   633 C  C   . GLY A 1 75 ? 5.297   -3.171  23.689  1.00   15.12 ? 170 GLY A C   1 
ATOM   634 O  O   . GLY A 1 75 ? 4.933   -2.858  24.819  1.00   18.32 ? 170 GLY A O   1 
ATOM   635 N  N   . GLY A 1 76 ? 5.089   -4.372  23.176  1.00   13.39 ? 171 GLY A N   1 
ATOM   636 C  CA  . GLY A 1 76 ? 4.403   -5.419  23.904  1.00   13.79 ? 171 GLY A CA  1 
ATOM   637 C  C   . GLY A 1 76 ? 5.107   -6.751  23.710  1.00   13.29 ? 171 GLY A C   1 
ATOM   638 O  O   . GLY A 1 76 ? 6.328   -6.846  23.846  1.00   17.83 ? 171 GLY A O   1 
ATOM   639 N  N   . SER A 1 77 ? 4.336   -7.778  23.382  1.00   12.88 ? 172 SER A N   1 
ATOM   640 C  CA  . SER A 1 77 ? 4.883   -9.108  23.134  1.00   12.98 ? 172 SER A CA  1 
ATOM   641 C  C   . SER A 1 77 ? 5.224   -9.260  21.653  1.00   11.99 ? 172 SER A C   1 
ATOM   642 O  O   . SER A 1 77 ? 4.612   -8.619  20.792  1.00   12.45 ? 172 SER A O   1 
ATOM   643 C  CB  . SER A 1 77 ? 3.858   -10.179 23.512  1.00   15.28 ? 172 SER A CB  1 
ATOM   644 O  OG  . SER A 1 77 ? 3.524   -10.126 24.890  1.00   17.54 ? 172 SER A OG  1 
ATOM   645 N  N   . ILE A 1 78 ? 6.156   -10.149 21.348  1.00   12.43 ? 173 ILE A N   1 
ATOM   646 C  CA  . ILE A 1 78 ? 6.484   -10.519 19.976  1.00   12.04 ? 173 ILE A CA  1 
ATOM   647 C  C   . ILE A 1 78 ? 6.482   -12.041 19.930  1.00   12.95 ? 173 ILE A C   1 
ATOM   648 O  O   . ILE A 1 78 ? 7.386   -12.701 20.475  1.00   14.96 ? 173 ILE A O   1 
ATOM   649 C  CB  . ILE A 1 78 ? 7.840   -9.963  19.521  1.00   12.61 ? 173 ILE A CB  1 
ATOM   650 C  CG1 . ILE A 1 78 ? 7.824   -8.430  19.588  1.00   12.88 ? 173 ILE A CG1 1 
ATOM   651 C  CG2 . ILE A 1 78 ? 8.192   -10.481 18.109  1.00   12.61 ? 173 ILE A CG2 1 
ATOM   652 C  CD1 . ILE A 1 78 ? 9.139   -7.784  19.167  1.00   14.61 ? 173 ILE A CD1 1 
ATOM   653 N  N   . ILE A 1 79 ? 5.433   -12.592 19.328  1.00   12.25 ? 174 ILE A N   1 
ATOM   654 C  CA  . ILE A 1 79 ? 5.140   -14.007 19.471  1.00   12.80 ? 174 ILE A CA  1 
ATOM   655 C  C   . ILE A 1 79 ? 5.023   -14.659 18.106  1.00   12.61 ? 174 ILE A C   1 
ATOM   656 O  O   . ILE A 1 79 ? 4.243   -14.224 17.251  1.00   13.90 ? 174 ILE A O   1 
ATOM   657 C  CB  . ILE A 1 79 ? 3.822   -14.240 20.235  1.00   13.94 ? 174 ILE A CB  1 
ATOM   658 C  CG1 . ILE A 1 79 ? 3.818   -13.515 21.587  1.00   16.35 ? 174 ILE A CG1 1 
ATOM   659 C  CG2 . ILE A 1 79 ? 3.565   -15.740 20.439  1.00   16.26 ? 174 ILE A CG2 1 
ATOM   660 C  CD1 . ILE A 1 79 ? 4.906   -13.974 22.519  1.00   19.50 ? 174 ILE A CD1 1 
ATOM   661 N  N   . ASP A 1 80 ? 5.798   -15.712 17.911  1.00   13.45 ? 175 ASP A N   1 
ATOM   662 C  CA  . ASP A 1 80 ? 5.815   -16.446 16.662  1.00   14.09 ? 175 ASP A CA  1 
ATOM   663 C  C   . ASP A 1 80 ? 4.931   -17.689 16.772  1.00   16.84 ? 175 ASP A C   1 
ATOM   664 O  O   . ASP A 1 80 ? 4.311   -17.943 17.811  1.00   20.93 ? 175 ASP A O   1 
ATOM   665 C  CB  . ASP A 1 80 ? 7.242   -16.906 16.399  1.00   18.40 ? 175 ASP A CB  1 
ATOM   666 C  CG  . ASP A 1 80 ? 7.666   -18.040 17.325  1.00   25.46 ? 175 ASP A CG  1 
ATOM   667 O  OD1 . ASP A 1 80 ? 7.042   -18.303 18.358  1.00   35.37 ? 175 ASP A OD1 1 
ATOM   668 O  OD2 . ASP A 1 80 ? 8.617   -18.704 16.980  1.00   31.09 ? 175 ASP A OD2 1 
ATOM   669 N  N   . THR A 1 81 ? 4.894   -18.462 15.702  1.00   18.28 ? 176 THR A N   1 
ATOM   670 C  CA  . THR A 1 81 ? 4.169   -19.715 15.706  1.00   20.41 ? 176 THR A CA  1 
ATOM   671 C  C   . THR A 1 81 ? 5.137   -20.891 15.506  1.00   24.51 ? 176 THR A C   1 
ATOM   672 O  O   . THR A 1 81 ? 5.011   -21.939 16.156  1.00   30.83 ? 176 THR A O   1 
ATOM   673 C  CB  . THR A 1 81 ? 3.106   -19.691 14.609  1.00   21.69 ? 176 THR A CB  1 
ATOM   674 O  OG1 . THR A 1 81 ? 2.162   -18.646 14.894  1.00   23.80 ? 176 THR A OG1 1 
ATOM   675 C  CG2 . THR A 1 81 ? 2.352   -20.996 14.544  1.00   27.22 ? 176 THR A CG2 1 
ATOM   676 N  N   . ALA A 1 82 ? 6.129   -20.675 14.649  1.00   25.69 ? 177 ALA A N   1 
ATOM   677 C  CA  . ALA A 1 82 ? 6.976   -21.730 14.096  1.00   33.81 ? 177 ALA A CA  1 
ATOM   678 C  C   . ALA A 1 82 ? 8.471   -21.649 14.429  1.00   39.70 ? 177 ALA A C   1 
ATOM   679 O  O   . ALA A 1 82 ? 9.226   -22.551 14.055  1.00   41.61 ? 177 ALA A O   1 
ATOM   680 C  CB  . ALA A 1 82 ? 6.798   -21.777 12.588  1.00   38.63 ? 177 ALA A CB  1 
ATOM   681 N  N   . GLY A 1 83 ? 8.917   -20.599 15.112  1.00   37.52 ? 178 GLY A N   1 
ATOM   682 C  CA  . GLY A 1 83 ? 10.325  -20.524 15.495  1.00   40.03 ? 178 GLY A CA  1 
ATOM   683 C  C   . GLY A 1 83 ? 10.890  -19.124 15.684  1.00   33.97 ? 178 GLY A C   1 
ATOM   684 O  O   . GLY A 1 83 ? 10.530  -18.195 14.989  1.00   20.69 ? 178 GLY A O   1 
ATOM   685 N  N   . ASN A 1 84 ? 11.749  -18.946 16.675  1.00   36.43 ? 179 ASN A N   1 
ATOM   686 C  CA  . ASN A 1 84 ? 12.464  -17.681 16.782  1.00   35.70 ? 179 ASN A CA  1 
ATOM   687 C  C   . ASN A 1 84 ? 13.927  -17.961 17.053  1.00   40.21 ? 179 ASN A C   1 
ATOM   688 O  O   . ASN A 1 84 ? 14.326  -19.117 17.163  1.00   44.94 ? 179 ASN A O   1 
ATOM   689 C  CB  . ASN A 1 84 ? 11.839  -16.740 17.819  1.00   39.79 ? 179 ASN A CB  1 
ATOM   690 C  CG  . ASN A 1 84 ? 11.947  -17.268 19.236  1.00   40.61 ? 179 ASN A CG  1 
ATOM   691 O  OD1 . ASN A 1 84 ? 12.039  -18.475 19.460  1.00   41.35 ? 179 ASN A OD1 1 
ATOM   692 N  ND2 . ASN A 1 84 ? 11.946  -16.359 20.203  1.00   40.42 ? 179 ASN A ND2 1 
ATOM   693 N  N   . SER A 1 85 ? 14.730  -16.912 17.142  1.00   39.73 ? 180 SER A N   1 
ATOM   694 C  CA  . SER A 1 85 ? 16.167  -17.097 17.247  1.00   41.97 ? 180 SER A CA  1 
ATOM   695 C  C   . SER A 1 85 ? 16.613  -17.346 18.686  1.00   45.78 ? 180 SER A C   1 
ATOM   696 O  O   . SER A 1 85 ? 15.886  -17.046 19.636  1.00   45.54 ? 180 SER A O   1 
ATOM   697 C  CB  . SER A 1 85 ? 16.893  -15.879 16.687  1.00   40.53 ? 180 SER A CB  1 
ATOM   698 O  OG  . SER A 1 85 ? 16.162  -15.282 15.617  1.00   38.03 ? 180 SER A OG  1 
ATOM   699 N  N   . ASN A 1 86 ? 17.810  -17.899 18.839  1.00   48.17 ? 181 ASN A N   1 
ATOM   700 C  CA  . ASN A 1 86 ? 18.414  -18.036 20.158  1.00   48.37 ? 181 ASN A CA  1 
ATOM   701 C  C   . ASN A 1 86 ? 19.488  -16.971 20.370  1.00   49.73 ? 181 ASN A C   1 
ATOM   702 O  O   . ASN A 1 86 ? 20.458  -17.180 21.103  1.00   48.07 ? 181 ASN A O   1 
ATOM   703 C  CB  . ASN A 1 86 ? 18.987  -19.443 20.360  1.00   53.82 ? 181 ASN A CB  1 
ATOM   704 C  CG  . ASN A 1 86 ? 20.174  -19.737 19.453  1.00   60.58 ? 181 ASN A CG  1 
ATOM   705 O  OD1 . ASN A 1 86 ? 20.451  -19.008 18.500  1.00   64.62 ? 181 ASN A OD1 1 
ATOM   706 N  ND2 . ASN A 1 86 ? 20.876  -20.823 19.746  1.00   63.07 ? 181 ASN A ND2 1 
ATOM   707 N  N   . HIS A 1 87 ? 19.300  -15.827 19.714  1.00   51.81 ? 182 HIS A N   1 
ATOM   708 C  CA  . HIS A 1 87 ? 20.275  -14.739 19.741  1.00   47.90 ? 182 HIS A CA  1 
ATOM   709 C  C   . HIS A 1 87 ? 20.158  -13.917 21.021  1.00   46.99 ? 182 HIS A C   1 
ATOM   710 O  O   . HIS A 1 87 ? 19.880  -12.715 20.997  1.00   42.27 ? 182 HIS A O   1 
ATOM   711 C  CB  . HIS A 1 87 ? 20.117  -13.864 18.497  1.00   48.38 ? 182 HIS A CB  1 
ATOM   712 C  CG  . HIS A 1 87 ? 20.342  -14.604 17.214  1.00   49.22 ? 182 HIS A CG  1 
ATOM   713 N  ND1 . HIS A 1 87 ? 20.136  -14.034 15.977  1.00   51.27 ? 182 HIS A ND1 1 
ATOM   714 C  CD2 . HIS A 1 87 ? 20.759  -15.872 16.980  1.00   49.99 ? 182 HIS A CD2 1 
ATOM   715 C  CE1 . HIS A 1 87 ? 20.412  -14.919 15.034  1.00   51.09 ? 182 HIS A CE1 1 
ATOM   716 N  NE2 . HIS A 1 87 ? 20.793  -16.040 15.616  1.00   46.62 ? 182 HIS A NE2 1 
ATOM   717 N  N   . HIS A 1 88 ? 20.393  -14.593 22.138  1.00   48.09 ? 183 HIS A N   1 
ATOM   718 C  CA  . HIS A 1 88 ? 20.282  -14.014 23.468  1.00   50.61 ? 183 HIS A CA  1 
ATOM   719 C  C   . HIS A 1 88 ? 20.797  -15.084 24.415  1.00   55.55 ? 183 HIS A C   1 
ATOM   720 O  O   . HIS A 1 88 ? 20.989  -16.234 24.011  1.00   55.40 ? 183 HIS A O   1 
ATOM   721 C  CB  . HIS A 1 88 ? 18.821  -13.713 23.789  1.00   48.86 ? 183 HIS A CB  1 
ATOM   722 C  CG  . HIS A 1 88 ? 17.924  -14.901 23.649  1.00   49.49 ? 183 HIS A CG  1 
ATOM   723 N  ND1 . HIS A 1 88 ? 17.262  -15.200 22.477  1.00   49.16 ? 183 HIS A ND1 1 
ATOM   724 C  CD2 . HIS A 1 88 ? 17.604  -15.886 24.524  1.00   50.22 ? 183 HIS A CD2 1 
ATOM   725 C  CE1 . HIS A 1 88 ? 16.562  -16.309 22.641  1.00   50.04 ? 183 HIS A CE1 1 
ATOM   726 N  NE2 . HIS A 1 88 ? 16.753  -16.747 23.874  1.00   47.49 ? 183 HIS A NE2 1 
ATOM   727 N  N   . THR A 1 89 ? 21.013  -14.720 25.674  1.00   56.99 ? 184 THR A N   1 
ATOM   728 C  CA  . THR A 1 89 ? 21.494  -15.682 26.657  1.00   61.40 ? 184 THR A CA  1 
ATOM   729 C  C   . THR A 1 89 ? 20.684  -15.592 27.950  1.00   63.08 ? 184 THR A C   1 
ATOM   730 O  O   . THR A 1 89 ? 20.251  -14.509 28.345  1.00   64.31 ? 184 THR A O   1 
ATOM   731 C  CB  . THR A 1 89 ? 23.010  -15.493 26.927  1.00   61.28 ? 184 THR A CB  1 
ATOM   732 O  OG1 . THR A 1 89 ? 23.738  -15.732 25.717  1.00   59.61 ? 184 THR A OG1 1 
ATOM   733 C  CG2 . THR A 1 89 ? 23.510  -16.455 27.995  1.00   62.34 ? 184 THR A CG2 1 
ATOM   734 N  N   . HIS A 1 90 ? 20.458  -16.740 28.583  1.00   64.50 ? 185 HIS A N   1 
ATOM   735 C  CA  . HIS A 1 90 ? 19.779  -16.794 29.872  1.00   68.37 ? 185 HIS A CA  1 
ATOM   736 C  C   . HIS A 1 90 ? 20.790  -16.787 31.011  1.00   69.67 ? 185 HIS A C   1 
ATOM   737 O  O   . HIS A 1 90 ? 20.420  -16.876 32.181  1.00   71.44 ? 185 HIS A O   1 
ATOM   738 C  CB  . HIS A 1 90 ? 18.892  -18.036 29.968  1.00   70.86 ? 185 HIS A CB  1 
ATOM   739 C  CG  . HIS A 1 90 ? 17.709  -18.006 29.049  1.00   72.37 ? 185 HIS A CG  1 
ATOM   740 N  ND1 . HIS A 1 90 ? 16.412  -17.913 29.507  1.00   73.71 ? 185 HIS A ND1 1 
ATOM   741 C  CD2 . HIS A 1 90 ? 17.628  -18.052 27.698  1.00   72.94 ? 185 HIS A CD2 1 
ATOM   742 C  CE1 . HIS A 1 90 ? 15.583  -17.904 28.478  1.00   73.82 ? 185 HIS A CE1 1 
ATOM   743 N  NE2 . HIS A 1 90 ? 16.296  -17.987 27.368  1.00   73.23 ? 185 HIS A NE2 1 
ATOM   744 O  OXT . HIS A 1 90 ? 21.998  -16.680 30.795  1.00   69.07 ? 185 HIS A OXT 1 
HETATM 745 FE FE  . FE  B 2 .  ? 15.999  -18.398 25.021  0.14   24.51 ? 201 FE  A FE  1 
HETATM 746 O  O   . HOH C 3 .  ? 9.090   -9.940  2.549   1.00   14.48 ? 301 HOH A O   1 
HETATM 747 O  O   . HOH C 3 .  ? 17.047  1.115   14.508  1.00   13.80 ? 302 HOH A O   1 
HETATM 748 O  O   . HOH C 3 .  ? 15.420  -6.630  12.675  1.00   13.22 ? 303 HOH A O   1 
HETATM 749 O  O   . HOH C 3 .  ? -6.342  -4.873  16.974  0.50   14.03 ? 304 HOH A O   1 
HETATM 750 O  O   . HOH C 3 .  ? 4.897   -12.849 0.994   1.00   14.99 ? 305 HOH A O   1 
HETATM 751 O  O   . HOH C 3 .  ? 10.407  8.994   11.576  1.00   20.12 ? 306 HOH A O   1 
HETATM 752 O  O   . HOH C 3 .  ? -8.257  -5.575  15.038  1.00   16.69 ? 307 HOH A O   1 
HETATM 753 O  O   . HOH C 3 .  ? 20.508  -4.064  15.959  1.00   20.60 ? 308 HOH A O   1 
HETATM 754 O  O   . HOH C 3 .  ? 13.196  -11.835 3.164   1.00   22.19 ? 309 HOH A O   1 
HETATM 755 O  O   . HOH C 3 .  ? 12.642  7.624   3.855   1.00   24.06 ? 310 HOH A O   1 
HETATM 756 O  O   . HOH C 3 .  ? 5.519   1.549   -6.630  1.00   21.48 ? 311 HOH A O   1 
HETATM 757 O  O   . HOH C 3 .  ? -5.840  -0.232  17.178  1.00   24.39 ? 312 HOH A O   1 
HETATM 758 O  O   . HOH C 3 .  ? 1.689   5.621   13.993  1.00   26.62 ? 313 HOH A O   1 
HETATM 759 O  O   . HOH C 3 .  ? 0.755   -6.072  -12.143 1.00   22.14 ? 314 HOH A O   1 
HETATM 760 O  O   . HOH C 3 .  ? 19.482  -5.281  6.614   1.00   29.11 ? 315 HOH A O   1 
HETATM 761 O  O   . HOH C 3 .  ? 5.208   -0.269  25.671  1.00   34.59 ? 316 HOH A O   1 
HETATM 762 O  O   . HOH C 3 .  ? -2.507  -11.235 8.978   1.00   31.18 ? 317 HOH A O   1 
HETATM 763 O  O   . HOH C 3 .  ? 0.279   -12.798 0.196   1.00   29.90 ? 318 HOH A O   1 
HETATM 764 O  O   . HOH C 3 .  ? -7.915  1.042   15.818  1.00   25.78 ? 319 HOH A O   1 
HETATM 765 O  O   . HOH C 3 .  ? 7.315   12.553  13.366  1.00   26.87 ? 320 HOH A O   1 
HETATM 766 O  O   . HOH C 3 .  ? 9.110   -14.563 19.330  1.00   36.58 ? 321 HOH A O   1 
HETATM 767 O  O   . HOH C 3 .  ? 6.475   -1.579  -11.526 1.00   42.77 ? 322 HOH A O   1 
HETATM 768 O  O   . HOH C 3 .  ? 9.145   -0.232  -4.931  1.00   33.09 ? 323 HOH A O   1 
HETATM 769 O  O   . HOH C 3 .  ? 19.657  0.139   11.357  1.00   37.75 ? 324 HOH A O   1 
HETATM 770 O  O   . HOH C 3 .  ? 11.415  11.561  2.586   1.00   32.30 ? 325 HOH A O   1 
HETATM 771 O  O   . HOH C 3 .  ? -16.665 1.382   -9.185  1.00   38.36 ? 326 HOH A O   1 
HETATM 772 O  O   . HOH C 3 .  ? 4.865   -15.186 2.205   1.00   28.84 ? 327 HOH A O   1 
HETATM 773 O  O   . HOH C 3 .  ? 17.645  -0.110  7.438   1.00   35.67 ? 328 HOH A O   1 
HETATM 774 O  O   . HOH C 3 .  ? 7.471   5.759   -3.380  1.00   39.83 ? 329 HOH A O   1 
HETATM 775 O  O   . HOH C 3 .  ? 6.414   13.283  10.645  1.00   32.76 ? 330 HOH A O   1 
HETATM 776 O  O   . HOH C 3 .  ? -16.039 11.549  -16.653 0.50   49.47 ? 331 HOH A O   1 
HETATM 777 O  O   . HOH C 3 .  ? -12.601 1.705   -13.496 1.00   37.30 ? 332 HOH A O   1 
HETATM 778 O  O   . HOH C 3 .  ? 13.567  -15.354 21.627  0.33   55.54 ? 333 HOH A O   1 
HETATM 779 O  O   . HOH C 3 .  ? 19.785  -2.325  12.323  1.00   39.03 ? 334 HOH A O   1 
HETATM 780 O  O   . HOH C 3 .  ? -4.171  -10.920 6.721   1.00   50.14 ? 335 HOH A O   1 
HETATM 781 O  O   . HOH C 3 .  ? 17.454  -0.375  4.063   1.00   39.85 ? 336 HOH A O   1 
HETATM 782 O  O   . HOH C 3 .  ? 20.801  -0.877  15.351  1.00   34.99 ? 337 HOH A O   1 
HETATM 783 O  O   . HOH C 3 .  ? -14.592 12.126  -18.216 1.00   65.39 ? 338 HOH A O   1 
HETATM 784 O  O   . HOH C 3 .  ? 20.234  -0.995  7.839   1.00   49.21 ? 339 HOH A O   1 
HETATM 785 O  O   . HOH C 3 .  ? -3.103  -13.650 10.016  1.00   35.30 ? 340 HOH A O   1 
HETATM 786 O  O   . HOH C 3 .  ? 17.514  2.047   5.816   1.00   53.32 ? 341 HOH A O   1 
HETATM 787 O  O   . HOH C 3 .  ? 6.927   14.954  14.202  1.00   42.98 ? 342 HOH A O   1 
HETATM 788 O  O   . HOH C 3 .  ? 22.414  -4.760  14.350  1.00   45.27 ? 343 HOH A O   1 
HETATM 789 O  O   . HOH C 3 .  ? -5.435  -2.732  -13.687 1.00   48.01 ? 344 HOH A O   1 
HETATM 790 O  O   . HOH C 3 .  ? -9.081  -8.953  10.105  1.00   48.65 ? 345 HOH A O   1 
HETATM 791 O  O   . HOH C 3 .  ? 14.786  5.957   3.100   1.00   54.51 ? 346 HOH A O   1 
HETATM 792 O  O   . HOH C 3 .  ? 16.455  -2.159  2.148   1.00   43.90 ? 347 HOH A O   1 
HETATM 793 O  O   . HOH C 3 .  ? -7.148  9.997   -22.737 1.00   65.85 ? 348 HOH A O   1 
HETATM 794 O  O   . HOH C 3 .  ? -1.956  -11.598 0.244   1.00   48.73 ? 349 HOH A O   1 
HETATM 795 O  O   . HOH C 3 .  ? 1.407   -15.516 17.057  1.00   33.16 ? 350 HOH A O   1 
HETATM 796 O  O   . HOH C 3 .  ? -8.708  -10.099 12.536  1.00   52.86 ? 351 HOH A O   1 
HETATM 797 O  O   . HOH C 3 .  ? 21.508  0.953   9.824   1.00   56.17 ? 352 HOH A O   1 
HETATM 798 O  O   . HOH C 3 .  ? 20.043  -3.609  10.310  1.00   38.35 ? 353 HOH A O   1 
HETATM 799 O  O   . HOH C 3 .  ? 3.706   -3.917  27.114  1.00   43.12 ? 354 HOH A O   1 
HETATM 800 O  O   . HOH C 3 .  ? 4.867   0.134   -14.333 1.00   41.96 ? 355 HOH A O   1 
HETATM 801 O  O   . HOH C 3 .  ? -7.995  11.941  -21.974 0.50   66.07 ? 356 HOH A O   1 
HETATM 802 O  O   . HOH C 3 .  ? 11.944  11.677  -1.467  1.00   46.99 ? 357 HOH A O   1 
HETATM 803 O  O   . HOH C 3 .  ? -1.960  1.645   -19.339 1.00   49.59 ? 358 HOH A O   1 
HETATM 804 O  O   . HOH C 3 .  ? -3.970  10.649  11.609  1.00   53.09 ? 359 HOH A O   1 
HETATM 805 O  O   . HOH C 3 .  ? -5.442  11.763  -22.977 1.00   54.35 ? 360 HOH A O   1 
HETATM 806 O  O   . HOH C 3 .  ? -18.256 0.770   -0.957  1.00   50.28 ? 361 HOH A O   1 
HETATM 807 O  O   . HOH C 3 .  ? 5.100   11.830  14.978  1.00   51.80 ? 362 HOH A O   1 
HETATM 808 O  O   . HOH C 3 .  ? 7.583   14.772  17.013  1.00   45.50 ? 363 HOH A O   1 
HETATM 809 O  O   . HOH C 3 .  ? 21.569  2.522   5.601   1.00   66.89 ? 364 HOH A O   1 
HETATM 810 O  O   . HOH C 3 .  ? -13.868 13.654  -19.929 1.00   66.78 ? 365 HOH A O   1 
HETATM 811 O  O   . HOH C 3 .  ? 19.432  4.113   7.155   0.50   50.98 ? 366 HOH A O   1 
HETATM 812 O  O   . HOH C 3 .  ? 11.867  -13.106 19.222  0.33   41.87 ? 367 HOH A O   1 
HETATM 813 O  O   . HOH C 3 .  ? -9.824  13.516  -21.771 1.00   66.65 ? 368 HOH A O   1 
HETATM 814 O  O   . HOH C 3 .  ? 17.813  -4.401  2.424   1.00   46.53 ? 369 HOH A O   1 
HETATM 815 O  O   . HOH C 3 .  ? 7.901   1.213   -8.653  1.00   45.68 ? 370 HOH A O   1 
HETATM 816 O  O   . HOH C 3 .  ? -5.762  -7.238  13.195  1.00   45.74 ? 371 HOH A O   1 
HETATM 817 O  O   . HOH C 3 .  ? 17.235  0.945   10.000  1.00   31.48 ? 372 HOH A O   1 
HETATM 818 O  O   . HOH C 3 .  ? -1.190  6.979   10.008  1.00   52.79 ? 373 HOH A O   1 
HETATM 819 O  O   . HOH C 3 .  ? -12.020 10.119  -23.231 1.00   54.01 ? 374 HOH A O   1 
HETATM 820 O  O   . HOH C 3 .  ? -14.818 -2.149  -12.366 1.00   69.63 ? 375 HOH A O   1 
HETATM 821 O  O   . HOH C 3 .  ? 19.393  -15.256 12.310  1.00   65.08 ? 376 HOH A O   1 
HETATM 822 O  O   . HOH C 3 .  ? -24.771 3.119   -2.267  1.00   58.33 ? 377 HOH A O   1 
HETATM 823 O  O   . HOH C 3 .  ? 13.116  -21.106 14.304  1.00   50.03 ? 378 HOH A O   1 
HETATM 824 O  O   . HOH C 3 .  ? 22.186  -3.472  9.370   1.00   62.25 ? 379 HOH A O   1 
HETATM 825 O  O   . HOH C 3 .  ? -2.234  7.916   -6.110  1.00   55.10 ? 380 HOH A O   1 
HETATM 826 O  O   . HOH C 3 .  ? 22.484  -13.741 12.583  1.00   58.68 ? 381 HOH A O   1 
HETATM 827 O  O   . HOH C 3 .  ? -8.583  -2.091  -20.353 1.00   55.96 ? 382 HOH A O   1 
HETATM 828 O  O   . HOH C 3 .  ? -9.939  2.869   -23.102 1.00   63.17 ? 383 HOH A O   1 
HETATM 829 O  O   . HOH C 3 .  ? -7.401  10.644  -17.986 1.00   62.62 ? 384 HOH A O   1 
HETATM 830 O  O   . HOH C 3 .  ? -9.777  10.040  -6.302  1.00   64.65 ? 385 HOH A O   1 
HETATM 831 O  O   . HOH C 3 .  ? -0.401  7.747   15.911  1.00   49.04 ? 386 HOH A O   1 
HETATM 832 O  O   . HOH C 3 .  ? -20.062 0.170   -14.983 1.00   57.34 ? 387 HOH A O   1 
HETATM 833 O  O   . HOH C 3 .  ? 9.117   -1.445  -7.985  1.00   57.82 ? 388 HOH A O   1 
HETATM 834 O  O   . HOH C 3 .  ? 4.884   -24.262 17.290  1.00   59.42 ? 389 HOH A O   1 
HETATM 835 O  O   . HOH C 3 .  ? 6.718   -24.519 9.645   1.00   56.29 ? 390 HOH A O   1 
HETATM 836 O  O   . HOH C 3 .  ? -29.408 2.878   -15.310 0.50   61.35 ? 391 HOH A O   1 
HETATM 837 O  O   . HOH C 3 .  ? 20.127  -3.923  4.462   1.00   50.68 ? 392 HOH A O   1 
HETATM 838 O  O   . HOH C 3 .  ? 2.851   9.935   14.763  1.00   67.82 ? 393 HOH A O   1 
HETATM 839 O  O   . HOH C 3 .  ? 15.708  -7.784  1.627   1.00   57.44 ? 394 HOH A O   1 
HETATM 840 O  O   . HOH C 3 .  ? 22.633  -1.794  13.082  1.00   42.30 ? 395 HOH A O   1 
HETATM 841 O  O   . HOH C 3 .  ? -2.842  9.210   -1.747  1.00   57.73 ? 396 HOH A O   1 
HETATM 842 O  O   . HOH C 3 .  ? -26.627 8.099   -12.607 1.00   57.55 ? 397 HOH A O   1 
HETATM 843 O  O   . HOH C 3 .  ? -17.792 2.569   -21.637 1.00   70.00 ? 398 HOH A O   1 
HETATM 844 O  O   . HOH C 3 .  ? -13.549 10.685  -9.876  1.00   55.33 ? 399 HOH A O   1 
HETATM 845 O  O   . HOH C 3 .  ? -23.916 -3.262  -13.264 1.00   66.74 ? 400 HOH A O   1 
HETATM 846 O  O   . HOH C 3 .  ? 0.923   -20.961 18.184  1.00   53.77 ? 401 HOH A O   1 
HETATM 847 O  O   . HOH C 3 .  ? -12.818 10.061  -6.858  1.00   68.73 ? 402 HOH A O   1 
HETATM 848 O  O   . HOH C 3 .  ? -9.245  10.946  -11.072 1.00   67.84 ? 403 HOH A O   1 
HETATM 849 O  O   . HOH C 3 .  ? -10.101 9.853   -8.854  1.00   68.54 ? 404 HOH A O   1 
HETATM 850 O  O   . HOH C 3 .  ? -4.436  7.760   14.623  1.00   39.68 ? 405 HOH A O   1 
HETATM 851 O  O   . HOH C 3 .  ? -6.595  -8.947  6.970   1.00   51.84 ? 406 HOH A O   1 
HETATM 852 O  O   . HOH C 3 .  ? -5.995  9.607   -19.479 1.00   56.91 ? 407 HOH A O   1 
HETATM 853 O  O   . HOH C 3 .  ? -6.914  -11.303 8.736   1.00   57.03 ? 408 HOH A O   1 
HETATM 854 O  O   . HOH C 3 .  ? 19.598  -1.899  3.709   1.00   53.37 ? 409 HOH A O   1 
HETATM 855 O  O   . HOH C 3 .  ? -9.774  0.028   -17.183 1.00   48.03 ? 410 HOH A O   1 
HETATM 856 O  O   . HOH C 3 .  ? 11.372  -23.440 14.611  1.00   50.02 ? 411 HOH A O   1 
HETATM 857 O  O   . HOH C 3 .  ? 1.286   -18.163 18.414  1.00   45.33 ? 412 HOH A O   1 
HETATM 858 O  O   . HOH C 3 .  ? -3.718  7.510   -2.824  0.33   45.48 ? 413 HOH A O   1 
HETATM 859 O  O   . HOH C 3 .  ? 5.374   -27.429 18.588  1.00   56.25 ? 414 HOH A O   1 
HETATM 860 O  O   . HOH C 3 .  ? 10.945  9.361   -6.266  1.00   58.25 ? 415 HOH A O   1 
HETATM 861 O  O   . HOH C 3 .  ? 22.938  -17.518 22.402  1.00   57.85 ? 416 HOH A O   1 
HETATM 862 O  O   . HOH C 3 .  ? -20.350 -2.441  -9.189  1.00   59.15 ? 417 HOH A O   1 
HETATM 863 O  O   . HOH C 3 .  ? 21.597  -19.017 27.537  1.00   52.61 ? 418 HOH A O   1 
# 
loop_
_atom_site_anisotrop.id 
_atom_site_anisotrop.type_symbol 
_atom_site_anisotrop.pdbx_label_atom_id 
_atom_site_anisotrop.pdbx_label_alt_id 
_atom_site_anisotrop.pdbx_label_comp_id 
_atom_site_anisotrop.pdbx_label_asym_id 
_atom_site_anisotrop.pdbx_label_seq_id 
_atom_site_anisotrop.pdbx_PDB_ins_code 
_atom_site_anisotrop.U[1][1] 
_atom_site_anisotrop.U[2][2] 
_atom_site_anisotrop.U[3][3] 
_atom_site_anisotrop.U[1][2] 
_atom_site_anisotrop.U[1][3] 
_atom_site_anisotrop.U[2][3] 
_atom_site_anisotrop.pdbx_auth_seq_id 
_atom_site_anisotrop.pdbx_auth_comp_id 
_atom_site_anisotrop.pdbx_auth_asym_id 
_atom_site_anisotrop.pdbx_auth_atom_id 
1   N  N   . SER A 1  ? 0.7062 0.8425 0.6557 -0.0496 -0.0315 0.1642  96  SER A N   
2   C  CA  . SER A 1  ? 0.7300 0.8297 0.6202 -0.0675 -0.0508 0.1567  96  SER A CA  
3   C  C   . SER A 1  ? 0.7577 0.7788 0.6083 -0.0622 -0.1346 0.1048  96  SER A C   
4   O  O   . SER A 1  ? 0.6800 0.8328 0.6296 -0.0647 -0.1764 0.0978  96  SER A O   
5   C  CB  . SER A 1  ? 0.8362 0.8083 0.7087 -0.0510 -0.0834 0.1449  96  SER A CB  
6   O  OG  . SER A 1  ? 0.8376 0.8177 0.7261 -0.0422 -0.0724 0.1476  96  SER A OG  
7   N  N   . SER A 2  ? 0.6010 0.7477 0.5712 -0.0385 -0.0312 0.1360  97  SER A N   
8   C  CA  . SER A 2  ? 0.5125 0.7221 0.5594 -0.0254 -0.0660 0.1247  97  SER A CA  
9   C  C   . SER A 2  ? 0.3626 0.7194 0.5124 -0.0437 -0.0851 0.1373  97  SER A C   
10  O  O   . SER A 2  ? 0.5128 0.7376 0.5115 -0.0753 -0.1548 0.1401  97  SER A O   
11  C  CB  . SER A 2  ? 0.6782 0.6616 0.5996 -0.0241 -0.1334 0.0854  97  SER A CB  
12  O  OG  . SER A 2  ? 0.7227 0.6472 0.7141 0.0329  -0.1530 0.0729  97  SER A OG  
13  N  N   . GLU A 3  ? 0.2595 0.6249 0.4080 -0.0736 -0.0364 0.1686  98  GLU A N   
14  C  CA  . GLU A 3  ? 0.3580 0.5939 0.3698 -0.0147 -0.0499 0.1586  98  GLU A CA  
15  C  C   . GLU A 3  ? 0.3102 0.5191 0.3037 -0.0722 -0.1254 0.0938  98  GLU A C   
16  O  O   . GLU A 3  ? 0.3283 0.3972 0.2925 -0.0551 -0.1583 0.0838  98  GLU A O   
17  C  CB  . GLU A 3  ? 0.4571 0.5258 0.3950 -0.0038 -0.0418 0.1722  98  GLU A CB  
18  C  CG  . GLU A 3  ? 0.3771 0.5188 0.3233 -0.0187 -0.0293 0.1564  98  GLU A CG  
19  C  CD  . GLU A 3  ? 0.5220 0.4352 0.3932 0.0471  -0.0745 0.1302  98  GLU A CD  
20  O  OE1 . GLU A 3  ? 0.3818 0.4549 0.4502 0.1111  0.0414  0.1819  98  GLU A OE1 
21  O  OE2 . GLU A 3  ? 0.5557 0.5078 0.4579 0.1065  -0.0439 0.1644  98  GLU A OE2 
22  N  N   . THR A 4  ? 0.4388 0.5598 0.2675 -0.0213 -0.0849 0.0830  99  THR A N   
23  C  CA  . THR A 4  ? 0.3641 0.5177 0.3290 -0.0136 -0.1039 0.0772  99  THR A CA  
24  C  C   . THR A 4  ? 0.3183 0.5160 0.2842 0.0462  -0.0860 0.0912  99  THR A C   
25  O  O   . THR A 4  ? 0.3860 0.6454 0.3702 -0.0471 -0.1670 0.1409  99  THR A O   
26  C  CB  . THR A 4  ? 0.4547 0.4904 0.5154 -0.0090 -0.1410 0.1034  99  THR A CB  
27  O  OG1 . THR A 4  ? 0.7021 0.3911 0.5850 -0.0284 -0.1930 0.1049  99  THR A OG1 
28  C  CG2 . THR A 4  ? 0.4836 0.5423 0.6066 0.0212  -0.1869 0.0890  99  THR A CG2 
29  N  N   . TRP A 5  ? 0.3139 0.4234 0.2394 0.0532  -0.0660 0.0945  100 TRP A N   
30  C  CA  . TRP A 5  ? 0.2950 0.4429 0.2507 0.1082  -0.0551 0.0984  100 TRP A CA  
31  C  C   . TRP A 5  ? 0.3176 0.4791 0.2553 0.1732  -0.0613 0.0336  100 TRP A C   
32  O  O   . TRP A 5  ? 0.3249 0.5209 0.2544 0.1658  -0.0718 0.0305  100 TRP A O   
33  C  CB  . TRP A 5  ? 0.4142 0.3509 0.2903 0.0858  -0.1123 0.0586  100 TRP A CB  
34  C  CG  . TRP A 5  ? 0.3090 0.4266 0.3133 0.1134  -0.0785 0.0886  100 TRP A CG  
35  C  CD1 . TRP A 5  ? 0.3238 0.4827 0.3663 0.1046  -0.0712 0.1448  100 TRP A CD1 
36  C  CD2 . TRP A 5  ? 0.2778 0.4386 0.3288 0.0913  -0.0591 0.1400  100 TRP A CD2 
37  N  NE1 . TRP A 5  ? 0.3403 0.5240 0.3519 0.0761  -0.0950 0.1662  100 TRP A NE1 
38  C  CE2 . TRP A 5  ? 0.3007 0.4110 0.3419 0.0653  -0.0748 0.1259  100 TRP A CE2 
39  C  CE3 . TRP A 5  ? 0.2671 0.3731 0.2840 0.0925  -0.0548 0.0964  100 TRP A CE3 
40  C  CZ2 . TRP A 5  ? 0.3608 0.4423 0.3508 0.0928  -0.0688 0.1483  100 TRP A CZ2 
41  C  CZ3 . TRP A 5  ? 0.3425 0.4057 0.3136 0.1064  -0.0523 0.1398  100 TRP A CZ3 
42  C  CH2 . TRP A 5  ? 0.3554 0.3841 0.3783 0.0624  -0.0826 0.1438  100 TRP A CH2 
43  N  N   . ARG A 6  ? 0.4414 0.5473 0.2336 0.1813  -0.0765 0.0275  101 ARG A N   
44  C  CA  . ARG A 6  ? 0.4562 0.6251 0.2637 0.1288  -0.0746 0.0935  101 ARG A CA  
45  C  C   . ARG A 6  ? 0.4547 0.7400 0.2852 0.1187  -0.0549 0.1315  101 ARG A C   
46  O  O   . ARG A 6  ? 0.3996 0.7830 0.3130 0.1469  -0.0360 0.1541  101 ARG A O   
47  C  CB  . ARG A 6  ? 0.5688 0.6531 0.3726 0.1402  -0.0890 0.1119  101 ARG A CB  
48  C  CG  . ARG A 6  ? 0.6301 0.6669 0.4493 0.1276  -0.1383 0.0898  101 ARG A CG  
49  C  CD  . ARG A 6  ? 0.7362 0.6465 0.5969 0.1372  -0.1544 0.0879  101 ARG A CD  
50  N  NE  . ARG A 6  ? 0.7761 0.7178 0.6206 0.1365  -0.1444 0.1162  101 ARG A NE  
51  C  CZ  . ARG A 6  ? 0.7897 0.6774 0.6842 0.1273  -0.1790 0.0965  101 ARG A CZ  
52  N  NH1 . ARG A 6  ? 0.8772 0.6330 0.6868 0.1032  -0.1873 0.1086  101 ARG A NH1 
53  N  NH2 . ARG A 6  ? 0.7939 0.6606 0.7046 0.1341  -0.2021 0.0621  101 ARG A NH2 
54  N  N   . PHE A 7  ? 0.3888 0.8205 0.3191 0.1088  0.0112  0.1969  102 PHE A N   
55  C  CA  . PHE A 7  ? 0.5243 0.8071 0.3828 0.0862  -0.0833 0.1520  102 PHE A CA  
56  C  C   . PHE A 7  ? 0.5792 0.8368 0.4111 0.1081  -0.0361 0.1615  102 PHE A C   
57  O  O   . PHE A 7  ? 0.5392 0.8427 0.3479 0.1525  0.0372  0.1320  102 PHE A O   
58  C  CB  . PHE A 7  ? 0.5066 0.7840 0.4328 0.0597  -0.1417 0.1247  102 PHE A CB  
59  C  CG  . PHE A 7  ? 0.5129 0.6843 0.4426 0.0496  -0.1328 0.0905  102 PHE A CG  
60  C  CD1 . PHE A 7  ? 0.5529 0.6269 0.4992 0.0450  -0.1589 0.0691  102 PHE A CD1 
61  C  CD2 . PHE A 7  ? 0.5374 0.6655 0.3712 0.0365  -0.0947 0.0772  102 PHE A CD2 
62  C  CE1 . PHE A 7  ? 0.5558 0.6294 0.4945 0.0377  -0.1618 0.0723  102 PHE A CE1 
63  C  CE2 . PHE A 7  ? 0.6240 0.6162 0.4490 0.0193  -0.1741 0.0654  102 PHE A CE2 
64  C  CZ  . PHE A 7  ? 0.5831 0.6352 0.5199 0.0496  -0.1704 0.0697  102 PHE A CZ  
65  N  N   . ASP A 8  ? 0.6104 0.9146 0.4069 0.0989  -0.0262 0.1758  103 ASP A N   
66  C  CA  . ASP A 8  ? 0.7433 0.9148 0.5112 0.0857  -0.0562 0.1819  103 ASP A CA  
67  C  C   . ASP A 8  ? 0.7387 0.9379 0.6298 0.1278  -0.0946 0.1316  103 ASP A C   
68  O  O   . ASP A 8  ? 0.7909 0.9586 0.6683 0.1192  -0.1190 0.1145  103 ASP A O   
69  C  CB  . ASP A 8  ? 0.8371 0.8534 0.5908 0.0628  -0.1244 0.1776  103 ASP A CB  
70  C  CG  . ASP A 8  ? 0.8717 0.8212 0.6452 0.0606  -0.1546 0.1563  103 ASP A CG  
71  O  OD1 . ASP A 8  ? 0.8050 0.8411 0.6528 0.0873  -0.1053 0.1593  103 ASP A OD1 
72  O  OD2 . ASP A 8  ? 0.8867 0.8120 0.6260 0.0502  -0.1680 0.1547  103 ASP A OD2 
73  N  N   . ASP A 9  ? 0.7655 0.9604 0.6275 0.1251  -0.1146 0.1392  104 ASP A N   
74  C  CA  . ASP A 9  ? 0.7179 0.8897 0.6738 0.1383  -0.1202 0.1404  104 ASP A CA  
75  C  C   . ASP A 9  ? 0.6442 0.8881 0.6169 0.1856  -0.1040 0.1560  104 ASP A C   
76  O  O   . ASP A 9  ? 0.6004 0.9577 0.5854 0.2357  -0.1222 0.1430  104 ASP A O   
77  C  CB  . ASP A 9  ? 0.7828 0.8665 0.6940 0.0893  -0.1019 0.1497  104 ASP A CB  
78  C  CG  . ASP A 9  ? 0.8259 0.8894 0.7550 0.0799  -0.1008 0.1865  104 ASP A CG  
79  O  OD1 . ASP A 9  ? 0.7766 0.9284 0.7213 0.0584  -0.0514 0.2228  104 ASP A OD1 
80  O  OD2 . ASP A 9  ? 0.8731 0.8715 0.8059 0.0744  -0.1145 0.1966  104 ASP A OD2 
81  N  N   . GLY A 10 ? 0.6015 0.8869 0.4828 0.2054  -0.0123 0.1769  105 GLY A N   
82  C  CA  . GLY A 10 ? 0.5906 0.8523 0.4298 0.2235  -0.0333 0.1249  105 GLY A CA  
83  C  C   . GLY A 10 ? 0.5512 0.7941 0.3661 0.2137  -0.0960 0.0543  105 GLY A C   
84  O  O   . GLY A 10 ? 0.4926 0.7591 0.3218 0.2614  -0.1189 -0.0569 105 GLY A O   
85  N  N   . ALA A 11 ? 0.4630 0.7861 0.2765 0.2494  -0.0209 0.0467  106 ALA A N   
86  C  CA  . ALA A 11 ? 0.4404 0.6903 0.2227 0.2258  -0.0055 0.0343  106 ALA A CA  
87  C  C   . ALA A 11 ? 0.3905 0.6752 0.2613 0.2298  0.0044  0.0931  106 ALA A C   
88  O  O   . ALA A 11 ? 0.4625 0.7146 0.2725 0.2666  -0.0097 0.0723  106 ALA A O   
89  C  CB  . ALA A 11 ? 0.4903 0.6945 0.3182 0.2040  -0.0095 0.1069  106 ALA A CB  
90  N  N   . SER A 12 ? 0.3218 0.5854 0.3121 0.2152  0.0018  0.0785  107 SER A N   
91  C  CA  . SER A 12 ? 0.4060 0.4824 0.2188 0.2214  -0.0348 0.0235  107 SER A CA  
92  C  C   . SER A 12 ? 0.3760 0.4294 0.1833 0.1564  -0.0397 0.0390  107 SER A C   
93  O  O   . SER A 12 ? 0.3391 0.4281 0.1970 0.1374  -0.0497 0.0551  107 SER A O   
94  C  CB  . SER A 12 ? 0.4992 0.4565 0.3099 0.2139  -0.0590 0.0305  107 SER A CB  
95  O  OG  . SER A 12 ? 0.5942 0.4530 0.3506 0.2243  -0.1120 0.0000  107 SER A OG  
96  N  N   A LEU A 13 ? 0.3134 0.4256 0.1703 0.1735  0.0101  0.0525  108 LEU A N   
97  N  N   B LEU A 13 ? 0.3512 0.4252 0.1988 0.1693  0.0097  0.0663  108 LEU A N   
98  C  CA  A LEU A 13 ? 0.3063 0.3795 0.1964 0.1635  -0.0166 0.0447  108 LEU A CA  
99  C  CA  B LEU A 13 ? 0.3568 0.4104 0.2382 0.1554  0.0217  0.0840  108 LEU A CA  
100 C  C   A LEU A 13 ? 0.2937 0.4039 0.2443 0.1455  -0.0315 0.0721  108 LEU A C   
101 C  C   B LEU A 13 ? 0.3550 0.4205 0.2394 0.1389  0.0284  0.0926  108 LEU A C   
102 O  O   A LEU A 13 ? 0.3144 0.4378 0.2565 0.1124  -0.1036 0.0525  108 LEU A O   
103 O  O   B LEU A 13 ? 0.3834 0.4552 0.2332 0.1201  0.0375  0.1205  108 LEU A O   
104 C  CB  A LEU A 13 ? 0.3190 0.3491 0.2733 0.1596  -0.0098 0.0297  108 LEU A CB  
105 C  CB  B LEU A 13 ? 0.3679 0.3983 0.3294 0.1444  0.0292  0.1038  108 LEU A CB  
106 C  CG  A LEU A 13 ? 0.3763 0.2690 0.3166 0.1660  -0.0423 -0.0145 108 LEU A CG  
107 C  CG  B LEU A 13 ? 0.3943 0.4320 0.3589 0.1227  0.0102  0.1120  108 LEU A CG  
108 C  CD1 A LEU A 13 ? 0.4238 0.3346 0.3077 0.1067  -0.0932 -0.0101 108 LEU A CD1 
109 C  CD1 B LEU A 13 ? 0.4174 0.5073 0.3583 0.0873  -0.0548 0.1403  108 LEU A CD1 
110 C  CD2 A LEU A 13 ? 0.4223 0.3642 0.4279 0.1889  -0.0829 0.0033  108 LEU A CD2 
111 C  CD2 B LEU A 13 ? 0.4064 0.4818 0.4587 0.1157  -0.0264 0.1082  108 LEU A CD2 
112 N  N   A SER A 14 ? 0.2382 0.4095 0.2594 0.0950  -0.0791 0.0585  109 SER A N   
113 N  N   B SER A 14 ? 0.3194 0.4288 0.2381 0.1151  -0.0076 0.0760  109 SER A N   
114 C  CA  A SER A 14 ? 0.2863 0.4237 0.2657 0.0715  -0.0605 0.0707  109 SER A CA  
115 C  CA  B SER A 14 ? 0.3181 0.4371 0.2374 0.1064  -0.0096 0.0728  109 SER A CA  
116 C  C   A SER A 14 ? 0.2321 0.4672 0.2164 0.0546  -0.0085 0.1107  109 SER A C   
117 C  C   B SER A 14 ? 0.2468 0.4587 0.2204 0.0936  0.0277  0.1047  109 SER A C   
118 O  O   A SER A 14 ? 0.2808 0.4505 0.2510 0.0425  -0.1104 0.0807  109 SER A O   
119 O  O   B SER A 14 ? 0.2379 0.4504 0.2279 0.1163  0.0250  0.0904  109 SER A O   
120 C  CB  A SER A 14 ? 0.3564 0.3820 0.3763 0.0764  -0.1219 0.0355  109 SER A CB  
121 C  CB  B SER A 14 ? 0.4048 0.4236 0.2680 0.1139  -0.0603 0.0436  109 SER A CB  
122 O  OG  A SER A 14 ? 0.3287 0.3965 0.4272 0.0107  -0.0894 0.0932  109 SER A OG  
123 O  OG  B SER A 14 ? 0.4660 0.4199 0.2896 0.1182  -0.0313 0.0599  109 SER A OG  
124 N  N   . TYR A 15 ? 0.2699 0.4222 0.2575 0.0506  -0.0420 0.1024  110 TYR A N   
125 C  CA  . TYR A 15 ? 0.3221 0.5185 0.2761 -0.0038 -0.0820 0.1051  110 TYR A CA  
126 C  C   . TYR A 15 ? 0.3280 0.6971 0.2982 0.0125  -0.0554 0.1429  110 TYR A C   
127 O  O   . TYR A 15 ? 0.3300 0.6329 0.3441 -0.0031 -0.1106 0.1123  110 TYR A O   
128 C  CB  . TYR A 15 ? 0.3605 0.5775 0.3724 0.0921  -0.1009 0.0660  110 TYR A CB  
129 C  CG  . TYR A 15 ? 0.4392 0.6889 0.4753 0.1001  -0.1187 0.0451  110 TYR A CG  
130 C  CD1 . TYR A 15 ? 0.4082 0.7255 0.5124 0.1585  -0.0107 0.0199  110 TYR A CD1 
131 C  CD2 . TYR A 15 ? 0.4338 0.7562 0.5382 0.1376  -0.0985 0.0277  110 TYR A CD2 
132 C  CE1 . TYR A 15 ? 0.5850 0.7140 0.6234 0.1207  -0.1278 -0.0014 110 TYR A CE1 
133 C  CE2 . TYR A 15 ? 0.5564 0.7681 0.6444 0.1321  -0.1474 0.0216  110 TYR A CE2 
134 C  CZ  . TYR A 15 ? 0.5924 0.7877 0.6275 0.1343  -0.1214 0.0006  110 TYR A CZ  
135 O  OH  . TYR A 15 ? 0.6829 0.8295 0.7333 0.1097  -0.1930 0.0029  110 TYR A OH  
136 N  N   . ASP A 16 ? 0.2335 0.7904 0.3439 -0.0640 -0.0275 0.1809  111 ASP A N   
137 C  CA  . ASP A 16 ? 0.2533 0.8627 0.4495 -0.0282 -0.0557 0.1478  111 ASP A CA  
138 C  C   . ASP A 16 ? 0.2712 0.9821 0.4438 -0.0041 -0.0237 0.1662  111 ASP A C   
139 O  O   . ASP A 16 ? 0.3373 1.0402 0.4494 -0.0809 -0.0623 0.1989  111 ASP A O   
140 C  CB  . ASP A 16 ? 0.3149 0.8074 0.6068 -0.1030 -0.1140 0.1839  111 ASP A CB  
141 C  CG  . ASP A 16 ? 0.5175 0.7739 0.7437 -0.0331 -0.1322 0.1632  111 ASP A CG  
142 O  OD1 . ASP A 16 ? 0.5491 0.8100 0.7802 -0.0166 -0.1341 0.1423  111 ASP A OD1 
143 O  OD2 . ASP A 16 ? 0.5783 0.6938 0.7694 -0.0616 -0.1114 0.1925  111 ASP A OD2 
144 N  N   . TRP A 17 ? 0.3705 1.0242 0.4275 0.0071  -0.0569 0.1177  112 TRP A N   
145 C  CA  . TRP A 17 ? 0.5091 0.9564 0.6040 0.0193  -0.1379 0.0905  112 TRP A CA  
146 C  C   . TRP A 17 ? 0.5896 0.9387 0.6249 0.0444  -0.1138 0.0878  112 TRP A C   
147 O  O   . TRP A 17 ? 0.7036 0.9052 0.6558 0.0662  -0.1693 0.0533  112 TRP A O   
148 C  CB  . TRP A 17 ? 0.6974 0.9209 0.6242 0.0002  -0.1314 0.0898  112 TRP A CB  
149 C  CG  . TRP A 17 ? 0.7082 0.9560 0.6563 -0.0049 -0.1124 0.0925  112 TRP A CG  
150 C  CD1 . TRP A 17 ? 0.7814 0.9678 0.6671 -0.0019 -0.1370 0.0777  112 TRP A CD1 
151 C  CD2 . TRP A 17 ? 0.7348 0.9797 0.6795 0.0035  -0.1119 0.0867  112 TRP A CD2 
152 N  NE1 . TRP A 17 ? 0.7599 0.9972 0.6881 0.0046  -0.1201 0.0950  112 TRP A NE1 
153 C  CE2 . TRP A 17 ? 0.7478 0.9936 0.6688 0.0030  -0.0997 0.0932  112 TRP A CE2 
154 C  CE3 . TRP A 17 ? 0.7370 0.9962 0.6404 0.0092  -0.0879 0.0776  112 TRP A CE3 
155 C  CZ2 . TRP A 17 ? 0.7330 0.9855 0.6412 0.0135  -0.0823 0.0843  112 TRP A CZ2 
156 C  CZ3 . TRP A 17 ? 0.7190 1.0064 0.6395 0.0146  -0.0617 0.0951  112 TRP A CZ3 
157 C  CH2 . TRP A 17 ? 0.7792 0.9743 0.6436 0.0065  -0.1043 0.0770  112 TRP A CH2 
158 N  N   . ALA A 18 ? 0.6652 0.9096 0.6559 0.0153  -0.1215 0.0982  113 ALA A N   
159 C  CA  . ALA A 18 ? 0.7809 0.8689 0.7230 0.0034  -0.1831 0.0852  113 ALA A CA  
160 C  C   . ALA A 18 ? 0.8050 0.8835 0.7129 -0.0107 -0.1644 0.1183  113 ALA A C   
161 O  O   . ALA A 18 ? 0.8901 0.8599 0.8119 -0.0008 -0.1792 0.1328  113 ALA A O   
162 C  CB  . ALA A 18 ? 0.8485 0.8249 0.7529 -0.0054 -0.2077 0.0669  113 ALA A CB  
163 N  N   . ALA A 19 ? 0.6668 0.9071 0.6105 -0.0495 -0.1332 0.1357  114 ALA A N   
164 C  CA  . ALA A 19 ? 0.5381 0.9204 0.5003 -0.0296 -0.1158 0.1301  114 ALA A CA  
165 C  C   . ALA A 19 ? 0.3946 0.9581 0.4746 -0.0147 -0.0601 0.1623  114 ALA A C   
166 O  O   . ALA A 19 ? 0.4396 1.0044 0.4176 -0.0535 -0.0720 0.1849  114 ALA A O   
167 C  CB  . ALA A 19 ? 0.5269 0.9235 0.4193 -0.0247 -0.0839 0.1098  114 ALA A CB  
168 N  N   . HIS A 20 ? 0.2873 0.9647 0.4756 -0.0071 0.0011  0.1802  115 HIS A N   
169 C  CA  . HIS A 20 ? 0.3036 0.8852 0.4625 0.0591  -0.0252 0.1178  115 HIS A CA  
170 C  C   . HIS A 20 ? 0.2522 0.8115 0.3663 0.0924  -0.0225 0.1192  115 HIS A C   
171 O  O   . HIS A 20 ? 0.2817 0.7823 0.3119 0.1394  -0.0221 0.0990  115 HIS A O   
172 C  CB  . HIS A 20 ? 0.2830 0.8271 0.5975 0.1577  0.0690  0.0745  115 HIS A CB  
173 C  CG  . HIS A 20 ? 0.4916 0.8067 0.7486 0.1527  -0.0373 0.0911  115 HIS A CG  
174 N  ND1 . HIS A 20 ? 0.6615 0.7953 0.7895 0.1160  -0.0882 0.1198  115 HIS A ND1 
175 C  CD2 . HIS A 20 ? 0.5355 0.7974 0.7954 0.1591  -0.0990 0.0806  115 HIS A CD2 
176 C  CE1 . HIS A 20 ? 0.6030 0.7815 0.8320 0.1626  -0.1172 0.0783  115 HIS A CE1 
177 N  NE2 . HIS A 20 ? 0.6009 0.7977 0.8035 0.1513  -0.1232 0.0769  115 HIS A NE2 
178 N  N   . ARG A 21 ? 0.2390 0.7629 0.3116 0.0221  -0.0322 0.1524  116 ARG A N   
179 C  CA  . ARG A 21 ? 0.2200 0.6108 0.2979 0.0582  0.0082  0.1223  116 ARG A CA  
180 C  C   . ARG A 21 ? 0.2077 0.4771 0.2332 0.0096  -0.0748 0.0752  116 ARG A C   
181 O  O   . ARG A 21 ? 0.2656 0.5475 0.3138 -0.0274 -0.1183 0.1120  116 ARG A O   
182 C  CB  . ARG A 21 ? 0.3996 0.5653 0.3978 -0.0270 -0.0381 0.1584  116 ARG A CB  
183 C  CG  . ARG A 21 ? 0.5452 0.5681 0.4364 -0.0217 -0.0962 0.0958  116 ARG A CG  
184 C  CD  . ARG A 21 ? 0.6567 0.6169 0.5250 -0.0060 -0.1922 0.0524  116 ARG A CD  
185 N  NE  . ARG A 21 ? 0.7795 0.6630 0.6859 0.0390  -0.2058 0.0751  116 ARG A NE  
186 C  CZ  . ARG A 21 ? 0.8193 0.6676 0.7151 0.0514  -0.2046 0.0602  116 ARG A CZ  
187 N  NH1 . ARG A 21 ? 0.8836 0.7112 0.6870 0.0476  -0.1776 0.0890  116 ARG A NH1 
188 N  NH2 . ARG A 21 ? 0.8334 0.7062 0.7181 0.0527  -0.1826 0.0787  116 ARG A NH2 
189 N  N   . TYR A 22 ? 0.2063 0.3708 0.2403 0.0417  -0.0409 0.0816  117 TYR A N   
190 C  CA  . TYR A 22 ? 0.1948 0.4328 0.1965 0.0817  -0.0001 0.0580  117 TYR A CA  
191 C  C   . TYR A 22 ? 0.2474 0.4469 0.1970 0.0931  -0.0479 0.0592  117 TYR A C   
192 O  O   . TYR A 22 ? 0.2629 0.5063 0.1996 0.1281  -0.0436 0.0331  117 TYR A O   
193 C  CB  . TYR A 22 ? 0.2606 0.4050 0.3189 0.0966  -0.0298 0.0590  117 TYR A CB  
194 C  CG  . TYR A 22 ? 0.3524 0.4277 0.4670 0.1010  -0.0399 0.0880  117 TYR A CG  
195 C  CD1 . TYR A 22 ? 0.3893 0.4433 0.5246 0.1165  -0.0048 0.0856  117 TYR A CD1 
196 C  CD2 . TYR A 22 ? 0.3364 0.4862 0.6260 0.1615  -0.0572 0.1191  117 TYR A CD2 
197 C  CE1 . TYR A 22 ? 0.4704 0.4474 0.6645 0.1189  -0.0580 0.0899  117 TYR A CE1 
198 C  CE2 . TYR A 22 ? 0.3698 0.4473 0.6283 0.1578  0.0204  0.1003  117 TYR A CE2 
199 C  CZ  . TYR A 22 ? 0.4165 0.4741 0.6291 0.1871  0.0428  0.0995  117 TYR A CZ  
200 O  OH  . TYR A 22 ? 0.5556 0.5160 0.7324 0.1881  -0.0125 0.1048  117 TYR A OH  
201 N  N   . ARG A 23 ? 0.2249 0.4455 0.1908 0.0924  -0.0485 0.0425  118 ARG A N   
202 C  CA  . ARG A 23 ? 0.2523 0.4316 0.1982 0.0888  -0.0198 0.0537  118 ARG A CA  
203 C  C   . ARG A 23 ? 0.2732 0.4511 0.1592 0.0997  -0.0304 0.0444  118 ARG A C   
204 O  O   . ARG A 23 ? 0.3060 0.5701 0.2074 0.1060  -0.0348 0.0803  118 ARG A O   
205 C  CB  . ARG A 23 ? 0.2896 0.5182 0.3249 0.1219  -0.0179 0.0631  118 ARG A CB  
206 C  CG  . ARG A 23 ? 0.4017 0.6528 0.3912 0.0652  -0.0149 0.1199  118 ARG A CG  
207 C  CD  . ARG A 23 ? 0.6068 0.6849 0.4827 0.0300  -0.0842 0.1241  118 ARG A CD  
208 N  NE  . ARG A 23 ? 0.6252 0.7170 0.6530 0.0359  -0.1737 0.1085  118 ARG A NE  
209 C  CZ  . ARG A 23 ? 0.6775 0.7849 0.7445 0.0648  -0.1817 0.1472  118 ARG A CZ  
210 N  NH1 . ARG A 23 ? 0.7389 0.7790 0.8048 0.0727  -0.1831 0.1774  118 ARG A NH1 
211 N  NH2 . ARG A 23 ? 0.7430 0.8044 0.7285 0.0413  -0.2015 0.1343  118 ARG A NH2 
212 N  N   A VAL A 24 ? 0.2624 0.3828 0.1740 0.1323  -0.0256 0.0331  119 VAL A N   
213 N  N   B VAL A 24 ? 0.2638 0.4057 0.1881 0.1198  -0.0332 0.0541  119 VAL A N   
214 C  CA  A VAL A 24 ? 0.3237 0.3587 0.2106 0.1743  -0.0026 0.0112  119 VAL A CA  
215 C  CA  B VAL A 24 ? 0.3439 0.4034 0.2475 0.1428  -0.0221 0.0647  119 VAL A CA  
216 C  C   A VAL A 24 ? 0.2680 0.4225 0.1816 0.1824  0.0208  0.0354  119 VAL A C   
217 C  C   B VAL A 24 ? 0.3003 0.4353 0.1873 0.1670  -0.0061 0.0564  119 VAL A C   
218 O  O   A VAL A 24 ? 0.2841 0.4547 0.1772 0.1837  -0.0037 0.0272  119 VAL A O   
219 O  O   B VAL A 24 ? 0.3061 0.4195 0.1812 0.1759  -0.0164 0.0321  119 VAL A O   
220 C  CB  A VAL A 24 ? 0.3541 0.3861 0.3439 0.1894  0.0372  0.0233  119 VAL A CB  
221 C  CB  B VAL A 24 ? 0.4016 0.4353 0.4034 0.1319  -0.0011 0.1123  119 VAL A CB  
222 C  CG1 A VAL A 24 ? 0.3299 0.3748 0.4624 0.1994  0.0342  0.0144  119 VAL A CG1 
223 C  CG1 B VAL A 24 ? 0.4189 0.4853 0.4746 0.1591  -0.0163 0.1052  119 VAL A CG1 
224 C  CG2 A VAL A 24 ? 0.4078 0.3564 0.4021 0.2134  0.0429  -0.0191 119 VAL A CG2 
225 C  CG2 B VAL A 24 ? 0.3893 0.4346 0.4172 0.1278  0.0275  0.1366  119 VAL A CG2 
226 N  N   . GLU A 25 ? 0.3080 0.4146 0.2074 0.1842  0.0113  0.0373  120 GLU A N   
227 C  CA  . GLU A 25 ? 0.3194 0.4408 0.1822 0.1890  0.0288  0.0133  120 GLU A CA  
228 C  C   . GLU A 25 ? 0.3083 0.4518 0.1596 0.1424  -0.0320 0.0110  120 GLU A C   
229 O  O   . GLU A 25 ? 0.3412 0.5194 0.1946 0.1750  -0.0276 0.0369  120 GLU A O   
230 C  CB  . GLU A 25 ? 0.4234 0.5027 0.2711 0.1991  -0.0051 0.0211  120 GLU A CB  
231 C  CG  . GLU A 25 ? 0.4302 0.5772 0.4849 0.1874  -0.0396 0.0719  120 GLU A CG  
232 C  CD  . GLU A 25 ? 0.5681 0.5586 0.6680 0.1297  -0.1740 0.0534  120 GLU A CD  
233 O  OE1 . GLU A 25 ? 0.5507 0.5878 0.7333 0.1329  -0.1239 0.0833  120 GLU A OE1 
234 O  OE2 . GLU A 25 ? 0.6285 0.5691 0.6969 0.1170  -0.2312 0.0228  120 GLU A OE2 
235 N  N   . LEU A 26 ? 0.3024 0.4449 0.1629 0.1465  -0.0076 0.0230  121 LEU A N   
236 C  CA  . LEU A 26 ? 0.3623 0.3945 0.1395 0.1358  -0.0105 -0.0002 121 LEU A CA  
237 C  C   . LEU A 26 ? 0.3123 0.3334 0.1626 0.1580  -0.0454 -0.0347 121 LEU A C   
238 O  O   . LEU A 26 ? 0.4553 0.3862 0.1827 0.1973  -0.0600 -0.0253 121 LEU A O   
239 C  CB  . LEU A 26 ? 0.4157 0.4577 0.2614 0.1288  -0.0916 0.0381  121 LEU A CB  
240 C  CG  . LEU A 26 ? 0.6150 0.6025 0.2707 0.1208  -0.1325 0.0624  121 LEU A CG  
241 C  CD1 . LEU A 26 ? 0.6368 0.6012 0.3783 0.1699  -0.0930 0.0939  121 LEU A CD1 
242 C  CD2 . LEU A 26 ? 0.6205 0.6275 0.4165 0.0485  -0.1904 0.1368  121 LEU A CD2 
243 N  N   . PRO A 27 ? 0.3656 0.4111 0.1748 0.1423  -0.0609 -0.0005 122 PRO A N   
244 C  CA  . PRO A 27 ? 0.3399 0.4470 0.1942 0.1379  -0.0746 -0.0392 122 PRO A CA  
245 C  C   . PRO A 27 ? 0.3594 0.3605 0.1788 0.1177  -0.0334 -0.0309 122 PRO A C   
246 O  O   . PRO A 27 ? 0.3641 0.3310 0.2557 0.0688  -0.0401 0.0073  122 PRO A O   
247 C  CB  . PRO A 27 ? 0.4411 0.4765 0.2181 0.1494  -0.1109 -0.0727 122 PRO A CB  
248 C  CG  . PRO A 27 ? 0.5448 0.4738 0.2740 0.1296  -0.1738 -0.0328 122 PRO A CG  
249 C  CD  . PRO A 27 ? 0.4232 0.4774 0.1728 0.1308  -0.0624 -0.0198 122 PRO A CD  
250 N  N   A SER A 28 ? 0.3175 0.3821 0.1981 0.1178  -0.0234 -0.0217 123 SER A N   
251 N  N   B SER A 28 ? 0.3246 0.3441 0.1925 0.1128  -0.0230 -0.0403 123 SER A N   
252 C  CA  A SER A 28 ? 0.3626 0.3750 0.1914 0.0914  -0.0149 -0.0051 123 SER A CA  
253 C  CA  B SER A 28 ? 0.3433 0.2913 0.1743 0.1022  0.0244  -0.0383 123 SER A CA  
254 C  C   A SER A 28 ? 0.3874 0.3470 0.2741 0.0478  -0.0063 0.0745  123 SER A C   
255 C  C   B SER A 28 ? 0.4207 0.2722 0.2959 0.0459  -0.0375 0.0316  123 SER A C   
256 O  O   A SER A 28 ? 0.4864 0.3764 0.4945 0.0929  -0.1034 0.0960  123 SER A O   
257 O  O   B SER A 28 ? 0.5434 0.3269 0.5232 0.0746  -0.1533 0.0733  123 SER A O   
258 C  CB  A SER A 28 ? 0.3302 0.4723 0.2269 0.1259  -0.0018 0.0215  123 SER A CB  
259 C  CB  B SER A 28 ? 0.2699 0.3502 0.2155 0.1326  0.0739  -0.0091 123 SER A CB  
260 O  OG  A SER A 28 ? 0.4136 0.4705 0.2053 0.1180  -0.0059 0.0248  123 SER A OG  
261 O  OG  B SER A 28 ? 0.3148 0.2894 0.2643 0.1069  0.0187  -0.0382 123 SER A OG  
262 N  N   . GLY A 29 ? 0.4446 0.2542 0.1622 0.0268  0.0035  0.0100  124 GLY A N   
263 C  CA  . GLY A 29 ? 0.5016 0.2429 0.1577 0.0283  -0.0097 0.0156  124 GLY A CA  
264 C  C   . GLY A 29 ? 0.3495 0.2293 0.1378 0.0740  -0.0007 -0.0341 124 GLY A C   
265 O  O   . GLY A 29 ? 0.3126 0.2582 0.1665 0.0730  0.0281  0.0131  124 GLY A O   
266 N  N   . THR A 30 ? 0.4170 0.2384 0.1433 0.0683  0.0068  -0.0471 125 THR A N   
267 C  CA  . THR A 30 ? 0.2950 0.2399 0.1853 0.0148  -0.0152 -0.0333 125 THR A CA  
268 C  C   . THR A 30 ? 0.3431 0.2064 0.2070 0.0378  0.0073  0.0086  125 THR A C   
269 O  O   . THR A 30 ? 0.5253 0.2057 0.1528 0.0439  -0.0315 0.0117  125 THR A O   
270 C  CB  . THR A 30 ? 0.3740 0.2541 0.2134 0.0072  0.0101  -0.0225 125 THR A CB  
271 O  OG1 . THR A 30 ? 0.4135 0.2775 0.3161 0.0771  -0.0079 0.0085  125 THR A OG1 
272 C  CG2 . THR A 30 ? 0.3296 0.3186 0.2986 -0.0138 -0.0363 -0.0129 125 THR A CG2 
273 N  N   . VAL A 31 ? 0.3431 0.1836 0.1646 0.0418  -0.0174 -0.0035 126 VAL A N   
274 C  CA  A VAL A 31 ? 0.3467 0.1957 0.1637 0.0465  -0.0327 -0.0030 126 VAL A CA  
275 C  CA  B VAL A 31 ? 0.3480 0.1788 0.1486 0.0397  -0.0465 -0.0269 126 VAL A CA  
276 C  C   . VAL A 31 ? 0.3497 0.1574 0.1326 0.0142  -0.0571 -0.0126 126 VAL A C   
277 O  O   . VAL A 31 ? 0.3857 0.1528 0.1739 0.0158  -0.0802 0.0333  126 VAL A O   
278 C  CB  A VAL A 31 ? 0.3360 0.2075 0.2575 0.0824  -0.0451 -0.0057 126 VAL A CB  
279 C  CB  B VAL A 31 ? 0.3442 0.1646 0.2107 0.0459  -0.0989 -0.0667 126 VAL A CB  
280 C  CG1 A VAL A 31 ? 0.3867 0.2378 0.2588 0.0757  -0.0445 -0.0174 126 VAL A CG1 
281 C  CG1 B VAL A 31 ? 0.3237 0.2091 0.2206 0.0325  -0.1242 -0.0700 126 VAL A CG1 
282 C  CG2 A VAL A 31 ? 0.4092 0.3134 0.3284 0.0505  -0.1349 0.0549  126 VAL A CG2 
283 C  CG2 B VAL A 31 ? 0.3582 0.1363 0.2565 0.0541  -0.0635 -0.0374 126 VAL A CG2 
284 N  N   . GLU A 32 ? 0.4357 0.1554 0.1629 0.0045  -0.0995 -0.0117 127 GLU A N   
285 C  CA  . GLU A 32 ? 0.3783 0.1712 0.1809 0.0345  -0.0358 -0.0384 127 GLU A CA  
286 C  C   . GLU A 32 ? 0.3648 0.1572 0.1565 -0.0035 -0.0554 0.0153  127 GLU A C   
287 O  O   . GLU A 32 ? 0.4041 0.1613 0.1749 0.0279  -0.0908 0.0235  127 GLU A O   
288 C  CB  . GLU A 32 ? 0.3625 0.2872 0.3732 0.0867  -0.0603 -0.0272 127 GLU A CB  
289 C  CG  . GLU A 32 ? 0.5855 0.4299 0.5155 0.0468  -0.0827 0.0992  127 GLU A CG  
290 C  CD  . GLU A 32 ? 0.5713 0.4541 0.6177 0.0734  -0.0312 0.1053  127 GLU A CD  
291 O  OE1 . GLU A 32 ? 0.5508 0.5290 0.6392 0.1196  0.0103  0.0868  127 GLU A OE1 
292 O  OE2 . GLU A 32 ? 0.7320 0.4528 0.5758 0.0219  -0.0579 0.1219  127 GLU A OE2 
293 N  N   . VAL A 33 ? 0.3473 0.1364 0.1833 -0.0210 -0.0930 -0.0094 128 VAL A N   
294 C  CA  A VAL A 33 ? 0.3513 0.1749 0.1993 -0.0188 -0.1264 -0.0121 128 VAL A CA  
295 C  CA  B VAL A 33 ? 0.3561 0.1580 0.1954 -0.0379 -0.1306 0.0077  128 VAL A CA  
296 C  C   . VAL A 33 ? 0.3185 0.1651 0.1874 -0.0289 -0.1188 0.0030  128 VAL A C   
297 O  O   . VAL A 33 ? 0.3905 0.1639 0.2431 -0.0036 -0.1495 0.0312  128 VAL A O   
298 C  CB  A VAL A 33 ? 0.3254 0.2140 0.2674 0.0292  -0.1377 -0.0813 128 VAL A CB  
299 C  CB  B VAL A 33 ? 0.3543 0.1906 0.2785 -0.0324 -0.1641 -0.0002 128 VAL A CB  
300 C  CG1 A VAL A 33 ? 0.3012 0.2230 0.2738 0.0267  -0.1241 -0.0987 128 VAL A CG1 
301 C  CG1 B VAL A 33 ? 0.4370 0.2752 0.2836 -0.0009 -0.1284 0.0295  128 VAL A CG1 
302 C  CG2 A VAL A 33 ? 0.5112 0.3132 0.3077 0.0406  -0.1274 -0.0107 128 VAL A CG2 
303 C  CG2 B VAL A 33 ? 0.3244 0.2268 0.2806 -0.0119 -0.0825 0.0731  128 VAL A CG2 
304 N  N   A ARG A 34 ? 0.2960 0.1873 0.2381 -0.0376 -0.1377 0.0207  129 ARG A N   
305 N  N   B ARG A 34 ? 0.3094 0.1833 0.2067 -0.0274 -0.1194 0.0267  129 ARG A N   
306 C  CA  A ARG A 34 ? 0.2558 0.1681 0.2107 0.0230  -0.0486 -0.0122 129 ARG A CA  
307 C  CA  B ARG A 34 ? 0.2948 0.1995 0.1868 -0.0148 -0.0782 0.0420  129 ARG A CA  
308 C  C   A ARG A 34 ? 0.3352 0.1369 0.1689 -0.0233 -0.0906 0.0213  129 ARG A C   
309 C  C   B ARG A 34 ? 0.3133 0.1621 0.1767 -0.0273 -0.0742 0.0438  129 ARG A C   
310 O  O   A ARG A 34 ? 0.3775 0.1535 0.2093 -0.0099 -0.1157 0.0400  129 ARG A O   
311 O  O   B ARG A 34 ? 0.3633 0.1496 0.1933 -0.0260 -0.0797 0.0539  129 ARG A O   
312 C  CB  A ARG A 34 ? 0.2577 0.1843 0.2956 0.0194  -0.0220 0.0032  129 ARG A CB  
313 C  CB  B ARG A 34 ? 0.3037 0.2460 0.1827 -0.0140 -0.0535 0.0739  129 ARG A CB  
314 C  CG  A ARG A 34 ? 0.3689 0.2812 0.3134 -0.0048 0.0062  0.0450  129 ARG A CG  
315 C  CG  B ARG A 34 ? 0.3896 0.1967 0.2001 -0.0807 -0.1030 0.0687  129 ARG A CG  
316 C  CD  A ARG A 34 ? 0.5152 0.3429 0.3830 0.0273  0.0059  0.0556  129 ARG A CD  
317 C  CD  B ARG A 34 ? 0.5000 0.2394 0.2663 -0.0336 -0.0078 0.1143  129 ARG A CD  
318 N  NE  A ARG A 34 ? 0.5804 0.3816 0.4470 0.0948  -0.0212 0.0146  129 ARG A NE  
319 N  NE  B ARG A 34 ? 0.5517 0.2891 0.4067 0.0105  -0.0195 0.1603  129 ARG A NE  
320 C  CZ  A ARG A 34 ? 0.5789 0.4134 0.5407 0.0673  -0.0382 0.0353  129 ARG A CZ  
321 C  CZ  B ARG A 34 ? 0.4698 0.3592 0.4245 0.0301  -0.0604 0.1130  129 ARG A CZ  
322 N  NH1 A ARG A 34 ? 0.6575 0.4535 0.5445 0.0757  -0.0582 0.0398  129 ARG A NH1 
323 N  NH1 B ARG A 34 ? 0.4485 0.4214 0.4409 0.0322  -0.0848 0.1014  129 ARG A NH1 
324 N  NH2 A ARG A 34 ? 0.5480 0.4504 0.5736 0.0794  -0.0612 0.0076  129 ARG A NH2 
325 N  NH2 B ARG A 34 ? 0.4450 0.3524 0.4803 0.0285  -0.0889 0.1102  129 ARG A NH2 
326 N  N   . VAL A 35 ? 0.2644 0.1178 0.1943 -0.0234 -0.0657 0.0138  130 VAL A N   
327 C  CA  . VAL A 35 ? 0.2823 0.1363 0.2018 -0.0658 -0.1019 0.0403  130 VAL A CA  
328 C  C   . VAL A 35 ? 0.2539 0.1386 0.1817 -0.0586 -0.0434 0.0408  130 VAL A C   
329 O  O   . VAL A 35 ? 0.2542 0.1411 0.2103 -0.0160 -0.0604 0.0382  130 VAL A O   
330 C  CB  . VAL A 35 ? 0.2772 0.1642 0.2079 -0.0440 -0.0683 0.0601  130 VAL A CB  
331 C  CG1 . VAL A 35 ? 0.3978 0.1300 0.2901 0.0028  -0.0964 0.0281  130 VAL A CG1 
332 C  CG2 . VAL A 35 ? 0.2560 0.2393 0.2290 -0.0361 -0.0724 0.0561  130 VAL A CG2 
333 N  N   . GLY A 36 ? 0.2615 0.1863 0.2372 -0.0340 -0.0590 0.0726  131 GLY A N   
334 C  CA  . GLY A 36 ? 0.2741 0.1813 0.2626 -0.0152 -0.0728 0.0246  131 GLY A CA  
335 C  C   . GLY A 36 ? 0.2023 0.2339 0.1681 -0.0403 -0.0312 0.0055  131 GLY A C   
336 O  O   . GLY A 36 ? 0.2867 0.2465 0.2217 -0.0307 -0.0381 0.0173  131 GLY A O   
337 N  N   . ALA A 37 ? 0.2401 0.1940 0.3053 -0.0541 -0.0927 0.0463  132 ALA A N   
338 C  CA  . ALA A 37 ? 0.2370 0.2371 0.2432 -0.0480 -0.1010 0.0206  132 ALA A CA  
339 C  C   . ALA A 37 ? 0.2469 0.2238 0.3161 -0.0526 -0.1009 0.0490  132 ALA A C   
340 O  O   . ALA A 37 ? 0.2857 0.2388 0.4534 -0.0109 -0.1529 0.0558  132 ALA A O   
341 C  CB  . ALA A 37 ? 0.2708 0.2826 0.3380 0.0080  -0.1305 0.0061  132 ALA A CB  
342 N  N   . SER A 38 ? 0.1854 0.1681 0.2061 -0.0471 -0.0606 0.0142  133 SER A N   
343 C  CA  . SER A 38 ? 0.2290 0.1601 0.1750 -0.0253 -0.0768 -0.0276 133 SER A CA  
344 C  C   . SER A 38 ? 0.2715 0.1719 0.1954 -0.0164 -0.1237 -0.0064 133 SER A C   
345 O  O   . SER A 38 ? 0.3680 0.1569 0.2477 0.0034  -0.1550 0.0209  133 SER A O   
346 C  CB  . SER A 38 ? 0.2531 0.1856 0.2035 0.0002  -0.0803 0.0146  133 SER A CB  
347 O  OG  . SER A 38 ? 0.2548 0.1837 0.1879 0.0145  -0.0732 0.0117  133 SER A OG  
348 N  N   . GLU A 39 ? 0.2482 0.1565 0.1967 -0.0259 -0.0848 -0.0194 134 GLU A N   
349 C  CA  . GLU A 39 ? 0.3032 0.1780 0.1686 -0.0191 -0.0570 -0.0293 134 GLU A CA  
350 C  C   . GLU A 39 ? 0.3095 0.1301 0.2172 -0.0519 -0.1102 0.0076  134 GLU A C   
351 O  O   . GLU A 39 ? 0.2783 0.1647 0.2337 0.0136  -0.1020 0.0514  134 GLU A O   
352 C  CB  . GLU A 39 ? 0.4415 0.3111 0.1592 -0.0517 -0.0772 -0.0331 134 GLU A CB  
353 C  CG  . GLU A 39 ? 0.4471 0.4366 0.2860 0.0350  -0.0474 -0.0121 134 GLU A CG  
354 C  CD  . GLU A 39 ? 0.5110 0.6502 0.4144 0.1000  -0.0710 0.0082  134 GLU A CD  
355 O  OE1 . GLU A 39 ? 0.6152 0.7708 0.5504 0.1536  -0.0750 0.0382  134 GLU A OE1 
356 O  OE2 . GLU A 39 ? 0.5858 0.7125 0.5395 0.1655  -0.0883 0.0239  134 GLU A OE2 
357 N  N   . VAL A 40 ? 0.3206 0.1241 0.1805 -0.0227 -0.1000 -0.0069 135 VAL A N   
358 C  CA  . VAL A 40 ? 0.2789 0.1303 0.1583 -0.0062 -0.0838 -0.0091 135 VAL A CA  
359 C  C   . VAL A 40 ? 0.2557 0.1330 0.1619 0.0198  -0.0616 0.0057  135 VAL A C   
360 O  O   . VAL A 40 ? 0.3179 0.1249 0.1822 0.0258  -0.0913 0.0189  135 VAL A O   
361 C  CB  . VAL A 40 ? 0.3005 0.1890 0.1599 -0.0389 -0.0477 -0.0030 135 VAL A CB  
362 C  CG1 . VAL A 40 ? 0.2666 0.2413 0.2062 -0.0474 -0.0400 0.0112  135 VAL A CG1 
363 C  CG2 . VAL A 40 ? 0.3322 0.2017 0.1682 0.0039  -0.0224 -0.0104 135 VAL A CG2 
364 N  N   A ARG A 41 ? 0.2295 0.1657 0.1289 0.0310  -0.0486 -0.0104 136 ARG A N   
365 N  N   B ARG A 41 ? 0.2607 0.1360 0.1507 0.0123  -0.0574 -0.0115 136 ARG A N   
366 C  CA  A ARG A 41 ? 0.2677 0.1669 0.1513 0.0559  -0.0225 0.0045  136 ARG A CA  
367 C  CA  B ARG A 41 ? 0.2670 0.1492 0.1773 0.0176  -0.0236 0.0025  136 ARG A CA  
368 C  C   A ARG A 41 ? 0.2679 0.1260 0.1965 0.0260  -0.1167 -0.0134 136 ARG A C   
369 C  C   B ARG A 41 ? 0.2464 0.1364 0.1703 0.0173  -0.0577 -0.0181 136 ARG A C   
370 O  O   A ARG A 41 ? 0.3131 0.1577 0.2826 0.0189  -0.1483 0.0251  136 ARG A O   
371 O  O   B ARG A 41 ? 0.2979 0.1545 0.1654 0.0011  -0.0745 0.0006  136 ARG A O   
372 C  CB  A ARG A 41 ? 0.2937 0.3390 0.1737 0.1489  0.0177  0.0227  136 ARG A CB  
373 C  CB  B ARG A 41 ? 0.2923 0.2733 0.2257 0.0460  -0.0064 0.0269  136 ARG A CB  
374 C  CG  A ARG A 41 ? 0.2807 0.4043 0.2958 0.1236  0.0116  0.0361  136 ARG A CG  
375 C  CG  B ARG A 41 ? 0.2654 0.3390 0.3300 0.0193  -0.0076 0.0581  136 ARG A CG  
376 C  CD  A ARG A 41 ? 0.3564 0.4606 0.3479 0.1726  0.0389  0.0126  136 ARG A CD  
377 C  CD  B ARG A 41 ? 0.3792 0.4162 0.3947 0.0226  -0.0127 0.0908  136 ARG A CD  
378 N  NE  A ARG A 41 ? 0.4357 0.5161 0.3775 0.1264  0.0073  0.0196  136 ARG A NE  
379 N  NE  B ARG A 41 ? 0.3787 0.4491 0.4374 -0.0023 -0.0011 0.1275  136 ARG A NE  
380 C  CZ  A ARG A 41 ? 0.4670 0.5654 0.4171 0.0858  -0.0095 0.0626  136 ARG A CZ  
381 C  CZ  B ARG A 41 ? 0.4104 0.3614 0.4282 -0.0269 0.0338  0.0922  136 ARG A CZ  
382 N  NH1 A ARG A 41 ? 0.4951 0.6011 0.3466 0.0996  0.0010  0.0707  136 ARG A NH1 
383 N  NH1 B ARG A 41 ? 0.3388 0.2743 0.5407 0.0423  0.0269  0.0209  136 ARG A NH1 
384 N  NH2 A ARG A 41 ? 0.5618 0.5759 0.4667 0.0793  -0.0562 0.0613  136 ARG A NH2 
385 N  NH2 B ARG A 41 ? 0.3796 0.3473 0.4568 0.0254  0.1179  0.1006  136 ARG A NH2 
386 N  N   . VAL A 42 ? 0.2416 0.1264 0.1398 -0.0026 -0.0497 -0.0051 137 VAL A N   
387 C  CA  . VAL A 42 ? 0.2511 0.1581 0.1346 0.0354  -0.0397 -0.0146 137 VAL A CA  
388 C  C   . VAL A 42 ? 0.2361 0.1695 0.1648 0.0659  -0.0612 -0.0130 137 VAL A C   
389 O  O   . VAL A 42 ? 0.2878 0.1782 0.1200 0.0566  -0.0494 0.0165  137 VAL A O   
390 C  CB  . VAL A 42 ? 0.2842 0.1912 0.1532 0.0255  -0.0347 -0.0088 137 VAL A CB  
391 C  CG1 . VAL A 42 ? 0.2789 0.1703 0.1841 0.0163  -0.0408 0.0179  137 VAL A CG1 
392 C  CG2 . VAL A 42 ? 0.3417 0.2472 0.1489 0.0415  -0.0146 -0.0205 137 VAL A CG2 
393 N  N   . SER A 43 ? 0.2423 0.1909 0.1302 0.0698  -0.0037 -0.0029 138 SER A N   
394 C  CA  A SER A 43 ? 0.2151 0.1925 0.1643 0.0405  -0.0108 -0.0120 138 SER A CA  
395 C  CA  B SER A 43 ? 0.2511 0.1831 0.1517 0.0559  -0.0147 -0.0196 138 SER A CA  
396 C  C   . SER A 43 ? 0.2772 0.1451 0.1568 0.0560  -0.0366 -0.0571 138 SER A C   
397 O  O   . SER A 43 ? 0.2708 0.1860 0.1807 0.0451  -0.0045 -0.0008 138 SER A O   
398 C  CB  A SER A 43 ? 0.2527 0.1646 0.2515 0.0175  -0.0189 0.0104  138 SER A CB  
399 C  CB  B SER A 43 ? 0.2769 0.1848 0.1920 0.0471  -0.0219 -0.0034 138 SER A CB  
400 O  OG  A SER A 43 ? 0.2545 0.2498 0.1947 0.0442  0.0066  0.0117  138 SER A OG  
401 O  OG  B SER A 43 ? 0.2538 0.2089 0.1958 0.0673  -0.0209 -0.0136 138 SER A OG  
402 N  N   . ASP A 44 ? 0.2951 0.1725 0.1560 0.0759  -0.0310 -0.0555 139 ASP A N   
403 C  CA  . ASP A 44 ? 0.3275 0.1853 0.1434 0.0528  -0.0445 -0.0598 139 ASP A CA  
404 C  C   . ASP A 44 ? 0.2713 0.1719 0.1466 0.0502  0.0141  -0.0198 139 ASP A C   
405 O  O   . ASP A 44 ? 0.3216 0.2141 0.2437 0.0310  -0.0356 0.0008  139 ASP A O   
406 C  CB  . ASP A 44 ? 0.4730 0.2844 0.1733 0.1527  -0.0557 -0.0516 139 ASP A CB  
407 C  CG  . ASP A 44 ? 0.4972 0.2776 0.2157 0.1043  -0.0918 -0.0647 139 ASP A CG  
408 O  OD1 . ASP A 44 ? 0.6725 0.3252 0.2940 0.0554  -0.1252 0.0125  139 ASP A OD1 
409 O  OD2 . ASP A 44 ? 0.5468 0.4289 0.2288 0.1318  -0.0700 -0.0304 139 ASP A OD2 
410 N  N   . GLY A 45 ? 0.2758 0.2323 0.1164 0.0747  -0.0316 -0.0203 140 GLY A N   
411 C  CA  . GLY A 45 ? 0.3471 0.2353 0.1189 0.1246  -0.0078 0.0051  140 GLY A CA  
412 C  C   . GLY A 45 ? 0.2696 0.1844 0.1339 0.0476  0.0134  0.0246  140 GLY A C   
413 O  O   . GLY A 45 ? 0.2819 0.1716 0.1403 0.0611  0.0001  0.0172  140 GLY A O   
414 N  N   . ALA A 46 ? 0.2472 0.1719 0.1330 0.0454  -0.0092 -0.0234 141 ALA A N   
415 C  CA  . ALA A 46 ? 0.2021 0.1571 0.1307 0.0257  -0.0066 -0.0262 141 ALA A CA  
416 C  C   . ALA A 46 ? 0.2257 0.1563 0.0851 0.0354  -0.0185 -0.0336 141 ALA A C   
417 O  O   . ALA A 46 ? 0.2889 0.1738 0.1084 0.0458  -0.0411 0.0214  141 ALA A O   
418 C  CB  . ALA A 46 ? 0.1884 0.1987 0.2349 0.0180  -0.0203 -0.0183 141 ALA A CB  
419 N  N   . VAL A 47 ? 0.2118 0.1235 0.1010 0.0168  -0.0130 -0.0297 142 VAL A N   
420 C  CA  . VAL A 47 ? 0.1721 0.1630 0.1242 0.0178  -0.0120 -0.0226 142 VAL A CA  
421 C  C   . VAL A 47 ? 0.1891 0.1054 0.1325 -0.0037 -0.0003 0.0180  142 VAL A C   
422 O  O   . VAL A 47 ? 0.2017 0.1334 0.1315 0.0193  -0.0266 0.0202  142 VAL A O   
423 C  CB  . VAL A 47 ? 0.1937 0.1318 0.1383 0.0174  -0.0229 0.0043  142 VAL A CB  
424 C  CG1 . VAL A 47 ? 0.2621 0.1522 0.1608 0.0383  -0.0039 -0.0142 142 VAL A CG1 
425 C  CG2 . VAL A 47 ? 0.2150 0.2014 0.1985 -0.0010 -0.0841 0.0093  142 VAL A CG2 
426 N  N   . SER A 48 ? 0.2165 0.1450 0.1456 -0.0072 -0.0533 0.0065  143 SER A N   
427 C  CA  . SER A 48 ? 0.1985 0.1619 0.1226 0.0224  0.0034  -0.0208 143 SER A CA  
428 C  C   . SER A 48 ? 0.1888 0.1349 0.1538 0.0280  -0.0418 -0.0105 143 SER A C   
429 O  O   . SER A 48 ? 0.2845 0.1403 0.2023 0.0335  -0.1193 -0.0115 143 SER A O   
430 C  CB  . SER A 48 ? 0.2898 0.2271 0.2384 0.0681  0.0507  -0.0299 143 SER A CB  
431 O  OG  . SER A 48 ? 0.3393 0.2543 0.2180 0.0222  0.0288  0.0019  143 SER A OG  
432 N  N   . LEU A 49 ? 0.2512 0.0957 0.1430 -0.0148 -0.0802 -0.0008 144 LEU A N   
433 C  CA  . LEU A 49 ? 0.1840 0.1130 0.1938 -0.0332 -0.0554 0.0216  144 LEU A CA  
434 C  C   . LEU A 49 ? 0.2173 0.1414 0.1504 -0.0585 -0.0672 0.0302  144 LEU A C   
435 O  O   . LEU A 49 ? 0.2504 0.1545 0.2685 0.0108  -0.1290 0.0355  144 LEU A O   
436 C  CB  . LEU A 49 ? 0.2082 0.1533 0.1941 -0.0211 -0.0259 0.0161  144 LEU A CB  
437 C  CG  . LEU A 49 ? 0.2122 0.4153 0.2127 0.0047  0.0243  0.0506  144 LEU A CG  
438 C  CD1 . LEU A 49 ? 0.3524 0.4666 0.2614 -0.1254 -0.1108 0.0568  144 LEU A CD1 
439 C  CD2 . LEU A 49 ? 0.2315 0.3766 0.1806 0.0607  0.0037  0.0205  144 LEU A CD2 
440 N  N   . LYS A 50 ? 0.1903 0.1525 0.1664 -0.0347 -0.0381 0.0133  145 LYS A N   
441 C  CA  . LYS A 50 ? 0.1852 0.1553 0.1619 -0.0337 -0.0059 0.0181  145 LYS A CA  
442 C  C   . LYS A 50 ? 0.2396 0.1289 0.1379 -0.0219 -0.0398 -0.0219 145 LYS A C   
443 O  O   . LYS A 50 ? 0.2715 0.1448 0.2029 0.0176  -0.0867 0.0133  145 LYS A O   
444 C  CB  . LYS A 50 ? 0.2134 0.2031 0.2112 -0.0348 0.0053  0.0031  145 LYS A CB  
445 C  CG  . LYS A 50 ? 0.2697 0.2747 0.2830 -0.0397 0.0430  0.0364  145 LYS A CG  
446 C  CD  . LYS A 50 ? 0.3663 0.4086 0.4097 -0.0732 0.0278  0.0960  145 LYS A CD  
447 C  CE  . LYS A 50 ? 0.5744 0.4449 0.5619 -0.0474 -0.0739 0.0892  145 LYS A CE  
448 N  NZ  . LYS A 50 ? 0.6288 0.4729 0.6362 -0.0215 -0.1432 0.0709  145 LYS A NZ  
449 N  N   . ALA A 51 ? 0.1925 0.1301 0.1331 -0.0412 -0.0423 -0.0096 146 ALA A N   
450 C  CA  . ALA A 51 ? 0.1583 0.1386 0.1575 -0.0469 -0.0497 -0.0121 146 ALA A CA  
451 C  C   . ALA A 51 ? 0.1364 0.1526 0.1856 -0.0430 -0.0550 0.0235  146 ALA A C   
452 O  O   . ALA A 51 ? 0.1967 0.1540 0.1592 -0.0017 -0.0514 0.0159  146 ALA A O   
453 C  CB  . ALA A 51 ? 0.1324 0.2126 0.2088 -0.0361 -0.0348 0.0192  146 ALA A CB  
454 N  N   . PRO A 52 ? 0.1785 0.1197 0.1849 -0.0349 -0.0510 0.0117  147 PRO A N   
455 C  CA  . PRO A 52 ? 0.1814 0.1406 0.1746 -0.0443 -0.0401 0.0223  147 PRO A CA  
456 C  C   . PRO A 52 ? 0.1807 0.1337 0.1789 -0.0147 -0.0463 0.0050  147 PRO A C   
457 O  O   . PRO A 52 ? 0.1950 0.1483 0.1681 -0.0126 -0.0674 0.0280  147 PRO A O   
458 C  CB  . PRO A 52 ? 0.2109 0.1037 0.1943 -0.0275 -0.0564 0.0198  147 PRO A CB  
459 C  CG  . PRO A 52 ? 0.2008 0.0980 0.2161 -0.0402 -0.0776 0.0227  147 PRO A CG  
460 C  CD  . PRO A 52 ? 0.2043 0.0967 0.2124 -0.0453 -0.0611 0.0173  147 PRO A CD  
461 N  N   . LYS A 53 ? 0.1796 0.1448 0.1970 -0.0214 -0.0263 0.0355  148 LYS A N   
462 C  CA  . LYS A 53 ? 0.1938 0.1262 0.1944 -0.0290 -0.0636 -0.0131 148 LYS A CA  
463 C  C   . LYS A 53 ? 0.1765 0.1086 0.1493 -0.0219 -0.0174 0.0270  148 LYS A C   
464 O  O   . LYS A 53 ? 0.1771 0.1410 0.1878 -0.0104 -0.0552 0.0457  148 LYS A O   
465 C  CB  . LYS A 53 ? 0.2441 0.1698 0.2289 -0.0535 0.0073  0.0271  148 LYS A CB  
466 C  CG  . LYS A 53 ? 0.2823 0.3054 0.2613 -0.0478 0.0315  -0.0827 148 LYS A CG  
467 C  CD  . LYS A 53 ? 0.5389 0.4727 0.2342 0.0207  0.0351  -0.1368 148 LYS A CD  
468 C  CE  . LYS A 53 ? 0.7010 0.6236 0.4605 -0.0112 -0.1029 -0.0625 148 LYS A CE  
469 N  NZ  . LYS A 53 ? 0.7199 0.6569 0.6042 0.0507  -0.0852 -0.0448 148 LYS A NZ  
470 N  N   . ILE A 54 ? 0.1154 0.1429 0.1610 -0.0280 -0.0258 0.0294  149 ILE A N   
471 C  CA  . ILE A 54 ? 0.1517 0.1370 0.1483 0.0146  -0.0091 0.0123  149 ILE A CA  
472 C  C   . ILE A 54 ? 0.1167 0.1319 0.1470 0.0089  0.0138  0.0122  149 ILE A C   
473 O  O   . ILE A 54 ? 0.1723 0.1528 0.1491 0.0296  -0.0002 0.0442  149 ILE A O   
474 C  CB  . ILE A 54 ? 0.1383 0.1633 0.1427 -0.0185 -0.0061 0.0206  149 ILE A CB  
475 C  CG1 . ILE A 54 ? 0.1887 0.1606 0.1784 0.0392  0.0097  0.0187  149 ILE A CG1 
476 C  CG2 . ILE A 54 ? 0.1964 0.1535 0.1962 -0.0211 -0.0358 -0.0011 149 ILE A CG2 
477 C  CD1 . ILE A 54 ? 0.2301 0.1562 0.1803 0.0272  -0.0018 0.0055  149 ILE A CD1 
478 N  N   . SER A 55 ? 0.1256 0.1350 0.1339 -0.0153 0.0162  0.0007  150 SER A N   
479 C  CA  A SER A 55 ? 0.1145 0.1455 0.1682 0.0204  0.0339  -0.0103 150 SER A CA  
480 C  CA  B SER A 55 ? 0.1726 0.1325 0.1472 -0.0198 -0.0327 0.0080  150 SER A CA  
481 C  C   . SER A 55 ? 0.1213 0.1674 0.1437 -0.0169 -0.0158 0.0122  150 SER A C   
482 O  O   . SER A 55 ? 0.1503 0.1438 0.1997 -0.0182 -0.0581 0.0446  150 SER A O   
483 C  CB  A SER A 55 ? 0.1579 0.1489 0.1894 0.0229  0.0228  -0.0515 150 SER A CB  
484 C  CB  B SER A 55 ? 0.2322 0.1171 0.1645 -0.0249 -0.0617 0.0247  150 SER A CB  
485 O  OG  A SER A 55 ? 0.2278 0.1712 0.2105 0.0134  0.0311  -0.0375 150 SER A OG  
486 O  OG  B SER A 55 ? 0.3002 0.1268 0.2018 -0.0187 -0.0725 0.0541  150 SER A OG  
487 N  N   A LEU A 56 ? 0.1227 0.1618 0.1577 -0.0374 -0.0239 0.0171  151 LEU A N   
488 N  N   B LEU A 56 ? 0.1137 0.1519 0.1666 -0.0071 0.0247  0.0101  151 LEU A N   
489 C  CA  A LEU A 56 ? 0.1189 0.1670 0.1140 0.0360  0.0214  -0.0119 151 LEU A CA  
490 C  CA  B LEU A 56 ? 0.1468 0.1176 0.1896 -0.0007 0.0233  -0.0061 151 LEU A CA  
491 C  C   A LEU A 56 ? 0.1217 0.1903 0.1377 0.0244  0.0206  0.0329  151 LEU A C   
492 C  C   B LEU A 56 ? 0.1545 0.1099 0.1882 0.0117  0.0125  -0.0134 151 LEU A C   
493 O  O   A LEU A 56 ? 0.1644 0.2714 0.1030 0.0401  -0.0039 0.0534  151 LEU A O   
494 O  O   B LEU A 56 ? 0.1796 0.0685 0.1951 0.0075  -0.0104 -0.0296 151 LEU A O   
495 C  CB  A LEU A 56 ? 0.1639 0.1893 0.0943 0.0628  0.0091  -0.0352 151 LEU A CB  
496 C  CB  B LEU A 56 ? 0.1839 0.0794 0.2358 -0.0150 0.0060  -0.0165 151 LEU A CB  
497 C  CG  A LEU A 56 ? 0.1480 0.2143 0.1333 0.0844  0.0342  0.0190  151 LEU A CG  
498 C  CG  B LEU A 56 ? 0.2179 0.0778 0.2209 -0.0313 -0.0049 -0.0263 151 LEU A CG  
499 C  CD1 A LEU A 56 ? 0.1343 0.1518 0.1792 0.0586  -0.0004 0.0085  151 LEU A CD1 
500 C  CD1 B LEU A 56 ? 0.3139 0.1421 0.2857 -0.0157 -0.0251 0.0317  151 LEU A CD1 
501 C  CD2 A LEU A 56 ? 0.2028 0.1440 0.1211 0.0431  -0.0132 0.0536  151 LEU A CD2 
502 C  CD2 B LEU A 56 ? 0.2101 0.0709 0.2144 -0.0117 -0.0048 -0.0267 151 LEU A CD2 
503 N  N   . GLU A 57 ? 0.1262 0.1622 0.1664 0.0275  0.0171  -0.0135 152 GLU A N   
504 C  CA  . GLU A 57 ? 0.1163 0.1668 0.1983 0.0062  0.0226  -0.0255 152 GLU A CA  
505 C  C   . GLU A 57 ? 0.1081 0.2036 0.1154 0.0034  0.0124  0.0004  152 GLU A C   
506 O  O   . GLU A 57 ? 0.1291 0.2312 0.1795 0.0053  -0.0261 0.0522  152 GLU A O   
507 C  CB  . GLU A 57 ? 0.1486 0.1904 0.3120 0.0271  -0.0154 -0.0500 152 GLU A CB  
508 C  CG  . GLU A 57 ? 0.2619 0.2541 0.4859 0.0303  -0.0559 -0.0539 152 GLU A CG  
509 C  CD  . GLU A 57 ? 0.3174 0.3799 0.6221 0.0255  -0.0676 -0.0085 152 GLU A CD  
510 O  OE1 . GLU A 57 ? 0.3040 0.2949 0.6340 0.0760  -0.0132 -0.0701 152 GLU A OE1 
511 O  OE2 . GLU A 57 ? 0.3275 0.3630 0.5764 0.0171  -0.0313 -0.0339 152 GLU A OE2 
512 N  N   . GLY A 58 ? 0.1933 0.1709 0.1857 0.0168  0.0196  0.0236  153 GLY A N   
513 C  CA  . GLY A 58 ? 0.1538 0.1470 0.1852 0.0117  0.0138  0.0462  153 GLY A CA  
514 C  C   . GLY A 58 ? 0.1009 0.1771 0.1814 0.0222  0.0007  -0.0010 153 GLY A C   
515 O  O   . GLY A 58 ? 0.1329 0.1778 0.1689 0.0255  0.0024  -0.0057 153 GLY A O   
516 N  N   . PRO A 59 ? 0.1366 0.1763 0.1432 0.0014  0.0044  0.0134  154 PRO A N   
517 C  CA  . PRO A 59 ? 0.1488 0.1631 0.1791 0.0133  0.0477  0.0249  154 PRO A CA  
518 C  C   . PRO A 59 ? 0.1192 0.1741 0.1475 0.0263  0.0122  0.0288  154 PRO A C   
519 O  O   . PRO A 59 ? 0.1586 0.2372 0.1347 0.0491  0.0069  0.0412  154 PRO A O   
520 C  CB  . PRO A 59 ? 0.1516 0.1418 0.2102 0.0187  0.0239  0.0356  154 PRO A CB  
521 C  CG  . PRO A 59 ? 0.2173 0.1369 0.2392 0.0587  0.0056  0.0268  154 PRO A CG  
522 C  CD  . PRO A 59 ? 0.1404 0.1754 0.2211 0.0037  -0.0007 0.0424  154 PRO A CD  
523 N  N   . VAL A 60 ? 0.1188 0.1287 0.1411 -0.0026 0.0106  0.0174  155 VAL A N   
524 C  CA  . VAL A 60 ? 0.1130 0.1365 0.1203 -0.0133 0.0246  0.0074  155 VAL A CA  
525 C  C   . VAL A 60 ? 0.1281 0.1325 0.1338 -0.0131 0.0075  0.0116  155 VAL A C   
526 O  O   . VAL A 60 ? 0.1465 0.1582 0.1501 0.0183  -0.0038 0.0267  155 VAL A O   
527 C  CB  . VAL A 60 ? 0.1322 0.1301 0.1223 -0.0201 0.0056  0.0123  155 VAL A CB  
528 C  CG1 . VAL A 60 ? 0.1372 0.1740 0.1047 -0.0097 0.0249  0.0165  155 VAL A CG1 
529 C  CG2 . VAL A 60 ? 0.1564 0.1266 0.1689 -0.0025 -0.0100 0.0253  155 VAL A CG2 
530 N  N   . GLU A 61 ? 0.1363 0.1227 0.1490 0.0103  0.0023  -0.0083 156 GLU A N   
531 C  CA  . GLU A 61 ? 0.1550 0.1420 0.1706 -0.0075 0.0367  -0.0088 156 GLU A CA  
532 C  C   . GLU A 61 ? 0.1680 0.1447 0.1240 0.0163  0.0033  -0.0170 156 GLU A C   
533 O  O   . GLU A 61 ? 0.2118 0.1828 0.1300 0.0330  -0.0079 0.0313  156 GLU A O   
534 C  CB  . GLU A 61 ? 0.2410 0.2110 0.1620 -0.0471 0.0722  -0.0176 156 GLU A CB  
535 C  CG  . GLU A 61 ? 0.2835 0.3116 0.2564 -0.0659 -0.0269 -0.0280 156 GLU A CG  
536 C  CD  . GLU A 61 ? 0.3048 0.5322 0.2698 -0.1428 -0.0021 0.0683  156 GLU A CD  
537 O  OE1 . GLU A 61 ? 0.4147 0.6528 0.3580 -0.2059 -0.1104 0.0867  156 GLU A OE1 
538 O  OE2 . GLU A 61 ? 0.3788 0.5160 0.3380 -0.1139 -0.0326 0.0664  156 GLU A OE2 
539 N  N   . ILE A 62 ? 0.1497 0.1444 0.1416 0.0116  0.0174  -0.0110 157 ILE A N   
540 C  CA  . ILE A 62 ? 0.1224 0.1291 0.1546 -0.0114 -0.0040 -0.0080 157 ILE A CA  
541 C  C   . ILE A 62 ? 0.1471 0.1508 0.1557 0.0116  -0.0335 0.0134  157 ILE A C   
542 O  O   . ILE A 62 ? 0.2205 0.1414 0.1473 0.0254  -0.0261 0.0186  157 ILE A O   
543 C  CB  . ILE A 62 ? 0.1689 0.1642 0.1044 0.0150  0.0291  0.0101  157 ILE A CB  
544 C  CG1 . ILE A 62 ? 0.1848 0.1336 0.1646 0.0034  -0.0354 -0.0010 157 ILE A CG1 
545 C  CG2 . ILE A 62 ? 0.2071 0.1693 0.1183 0.0147  0.0126  0.0079  157 ILE A CG2 
546 C  CD1 . ILE A 62 ? 0.1519 0.2060 0.1648 -0.0072 -0.0243 0.0155  157 ILE A CD1 
547 N  N   . ALA A 63 ? 0.1883 0.1231 0.1299 -0.0147 -0.0219 0.0042  158 ALA A N   
548 C  CA  . ALA A 63 ? 0.1112 0.1515 0.1534 0.0038  -0.0051 -0.0204 158 ALA A CA  
549 C  C   . ALA A 63 ? 0.1317 0.1405 0.1702 0.0256  -0.0042 -0.0144 158 ALA A C   
550 O  O   . ALA A 63 ? 0.2110 0.2038 0.1599 0.0152  -0.0208 0.0217  158 ALA A O   
551 C  CB  . ALA A 63 ? 0.1343 0.1957 0.2329 0.0169  -0.0664 -0.0306 158 ALA A CB  
552 N  N   . GLY A 64 ? 0.1235 0.1409 0.1699 0.0329  0.0003  -0.0138 159 GLY A N   
553 C  CA  . GLY A 64 ? 0.1273 0.1763 0.1471 0.0243  -0.0056 -0.0033 159 GLY A CA  
554 C  C   . GLY A 64 ? 0.1833 0.1823 0.1259 -0.0089 -0.0394 0.0097  159 GLY A C   
555 O  O   . GLY A 64 ? 0.1433 0.1542 0.1510 -0.0033 -0.0154 -0.0068 159 GLY A O   
556 N  N   . THR A 65 ? 0.1503 0.1327 0.1565 0.0144  -0.0288 -0.0130 160 THR A N   
557 C  CA  . THR A 65 ? 0.1502 0.0903 0.1693 0.0159  0.0043  -0.0185 160 THR A CA  
558 C  C   . THR A 65 ? 0.1514 0.1202 0.1477 0.0068  -0.0084 0.0025  160 THR A C   
559 O  O   . THR A 65 ? 0.1689 0.1153 0.1363 0.0093  -0.0047 0.0090  160 THR A O   
560 C  CB  . THR A 65 ? 0.1329 0.1221 0.1578 0.0217  0.0102  -0.0131 160 THR A CB  
561 O  OG1 . THR A 65 ? 0.1927 0.1004 0.1719 0.0142  0.0097  -0.0171 160 THR A OG1 
562 C  CG2 . THR A 65 ? 0.1473 0.1548 0.1881 -0.0046 -0.0116 -0.0171 160 THR A CG2 
563 N  N   . LEU A 66 ? 0.1487 0.1189 0.1229 -0.0028 -0.0187 -0.0159 161 LEU A N   
564 C  CA  . LEU A 66 ? 0.1414 0.1234 0.1012 -0.0136 -0.0031 -0.0342 161 LEU A CA  
565 C  C   . LEU A 66 ? 0.1316 0.1309 0.1042 -0.0115 0.0052  -0.0127 161 LEU A C   
566 O  O   . LEU A 66 ? 0.1511 0.1358 0.1318 0.0037  -0.0172 0.0298  161 LEU A O   
567 C  CB  . LEU A 66 ? 0.1886 0.1036 0.1133 -0.0071 -0.0108 -0.0217 161 LEU A CB  
568 C  CG  . LEU A 66 ? 0.1445 0.1049 0.1215 0.0005  -0.0075 -0.0024 161 LEU A CG  
569 C  CD1 . LEU A 66 ? 0.1859 0.0952 0.1712 0.0029  -0.0168 0.0330  161 LEU A CD1 
570 C  CD2 . LEU A 66 ? 0.1776 0.1800 0.1042 0.0242  0.0187  -0.0213 161 LEU A CD2 
571 N  N   . THR A 67 ? 0.1218 0.1502 0.1498 -0.0013 -0.0028 0.0010  162 THR A N   
572 C  CA  . THR A 67 ? 0.1732 0.1083 0.1466 -0.0157 -0.0173 -0.0201 162 THR A CA  
573 C  C   . THR A 67 ? 0.1218 0.1690 0.1491 -0.0187 -0.0105 0.0293  162 THR A C   
574 O  O   . THR A 67 ? 0.2043 0.1389 0.1808 -0.0006 -0.0655 0.0451  162 THR A O   
575 C  CB  . THR A 67 ? 0.2108 0.1871 0.1319 0.0071  0.0021  -0.0243 162 THR A CB  
576 O  OG1 . THR A 67 ? 0.1988 0.1864 0.1868 0.0252  0.0075  -0.0194 162 THR A OG1 
577 C  CG2 . THR A 67 ? 0.1446 0.2654 0.2185 -0.0153 0.0214  0.0200  162 THR A CG2 
578 N  N   . VAL A 68 ? 0.1499 0.1211 0.1655 -0.0229 -0.0283 -0.0026 163 VAL A N   
579 C  CA  . VAL A 68 ? 0.1278 0.1612 0.1379 -0.0236 0.0066  -0.0020 163 VAL A CA  
580 C  C   . VAL A 68 ? 0.1489 0.1686 0.1519 -0.0257 0.0055  0.0408  163 VAL A C   
581 O  O   . VAL A 68 ? 0.1714 0.1591 0.1738 0.0063  -0.0249 0.0293  163 VAL A O   
582 C  CB  . VAL A 68 ? 0.1232 0.1269 0.1608 -0.0206 -0.0160 -0.0123 163 VAL A CB  
583 C  CG1 . VAL A 68 ? 0.1666 0.1360 0.1888 -0.0146 -0.0265 0.0022  163 VAL A CG1 
584 C  CG2 . VAL A 68 ? 0.1416 0.1735 0.1997 0.0023  -0.0184 0.0052  163 VAL A CG2 
585 N  N   . SER A 69 ? 0.1231 0.1507 0.1434 -0.0021 0.0107  -0.0010 164 SER A N   
586 C  CA  . SER A 69 ? 0.1075 0.1664 0.1610 -0.0191 0.0213  0.0236  164 SER A CA  
587 C  C   . SER A 69 ? 0.1391 0.1670 0.1477 -0.0076 -0.0161 -0.0176 164 SER A C   
588 O  O   . SER A 69 ? 0.1464 0.2192 0.2110 0.0060  -0.0166 0.0208  164 SER A O   
589 C  CB  . SER A 69 ? 0.1703 0.1510 0.1580 -0.0028 0.0264  0.0284  164 SER A CB  
590 O  OG  . SER A 69 ? 0.1509 0.1682 0.2001 0.0141  -0.0055 0.0249  164 SER A OG  
591 N  N   . GLY A 70 ? 0.1581 0.1672 0.1312 -0.0013 -0.0081 0.0010  165 GLY A N   
592 C  CA  . GLY A 70 ? 0.1518 0.2048 0.1316 -0.0193 0.0186  0.0376  165 GLY A CA  
593 C  C   . GLY A 70 ? 0.1253 0.1724 0.1470 0.0135  -0.0061 -0.0059 165 GLY A C   
594 O  O   . GLY A 70 ? 0.1782 0.1603 0.1590 -0.0067 -0.0223 -0.0130 165 GLY A O   
595 N  N   . ASP A 71 ? 0.1295 0.1706 0.1091 -0.0011 0.0050  0.0163  166 ASP A N   
596 C  CA  . ASP A 71 ? 0.1111 0.1973 0.1195 -0.0110 -0.0141 -0.0159 166 ASP A CA  
597 C  C   . ASP A 71 ? 0.1013 0.1224 0.1802 0.0099  -0.0151 -0.0090 166 ASP A C   
598 O  O   . ASP A 71 ? 0.1208 0.1492 0.1571 0.0170  -0.0072 0.0125  166 ASP A O   
599 C  CB  . ASP A 71 ? 0.1056 0.1571 0.1810 -0.0263 -0.0183 -0.0038 166 ASP A CB  
600 C  CG  . ASP A 71 ? 0.1249 0.1610 0.1510 -0.0384 -0.0306 0.0056  166 ASP A CG  
601 O  OD1 . ASP A 71 ? 0.1400 0.1615 0.2711 -0.0003 -0.0248 0.0392  166 ASP A OD1 
602 O  OD2 . ASP A 71 ? 0.1516 0.1315 0.2365 -0.0242 -0.0499 0.0074  166 ASP A OD2 
603 N  N   A ILE A 72 ? 0.1218 0.1323 0.1853 -0.0103 -0.0147 0.0142  167 ILE A N   
604 N  N   B ILE A 72 ? 0.1133 0.1495 0.1723 0.0090  -0.0121 0.0020  167 ILE A N   
605 C  CA  A ILE A 72 ? 0.1369 0.1347 0.1826 -0.0356 0.0025  0.0571  167 ILE A CA  
606 C  CA  B ILE A 72 ? 0.1236 0.1763 0.1583 0.0070  -0.0072 0.0111  167 ILE A CA  
607 C  C   A ILE A 72 ? 0.1310 0.1279 0.1484 -0.0082 0.0034  0.0270  167 ILE A C   
608 C  C   B ILE A 72 ? 0.1382 0.1802 0.1314 0.0099  0.0089  0.0123  167 ILE A C   
609 O  O   A ILE A 72 ? 0.1659 0.1621 0.1736 0.0458  -0.0137 0.0194  167 ILE A O   
610 O  O   B ILE A 72 ? 0.1131 0.1976 0.1245 0.0165  0.0321  0.0218  167 ILE A O   
611 C  CB  A ILE A 72 ? 0.0827 0.1603 0.2091 -0.0174 0.0200  0.0528  167 ILE A CB  
612 C  CB  B ILE A 72 ? 0.1195 0.1949 0.1652 0.0014  -0.0168 0.0173  167 ILE A CB  
613 C  CG1 A ILE A 72 ? 0.1937 0.1188 0.1456 -0.0314 -0.0053 0.0088  167 ILE A CG1 
614 C  CG1 B ILE A 72 ? 0.1059 0.1998 0.1622 -0.0009 -0.0171 0.0168  167 ILE A CG1 
615 C  CG2 A ILE A 72 ? 0.1526 0.1864 0.1737 -0.0004 0.0205  0.0095  167 ILE A CG2 
616 C  CG2 B ILE A 72 ? 0.1240 0.1941 0.1792 0.0023  -0.0267 0.0183  167 ILE A CG2 
617 C  CD1 A ILE A 72 ? 0.2087 0.1160 0.2012 -0.0237 -0.0072 0.0146  167 ILE A CD1 
618 C  CD1 B ILE A 72 ? 0.0954 0.2010 0.1545 -0.0026 -0.0181 0.0110  167 ILE A CD1 
619 N  N   . LEU A 73 ? 0.1753 0.1673 0.1125 0.0080  0.0022  0.0031  168 LEU A N   
620 C  CA  . LEU A 73 ? 0.1418 0.1463 0.1959 0.0012  -0.0197 0.0106  168 LEU A CA  
621 C  C   . LEU A 73 ? 0.1317 0.1537 0.1277 0.0029  0.0040  -0.0026 168 LEU A C   
622 O  O   . LEU A 73 ? 0.1442 0.1759 0.2052 0.0076  -0.0240 0.0515  168 LEU A O   
623 C  CB  . LEU A 73 ? 0.1148 0.1507 0.2297 -0.0378 -0.0372 0.0387  168 LEU A CB  
624 C  CG  . LEU A 73 ? 0.1688 0.1641 0.3450 -0.0274 -0.0831 0.0566  168 LEU A CG  
625 C  CD1 . LEU A 73 ? 0.2259 0.2397 0.4225 -0.0313 -0.0568 0.1345  168 LEU A CD1 
626 C  CD2 . LEU A 73 ? 0.1820 0.1918 0.3281 -0.0052 -0.0894 0.0730  168 LEU A CD2 
627 N  N   . GLY A 74 ? 0.1302 0.1622 0.1359 -0.0134 0.0143  0.0180  169 GLY A N   
628 C  CA  . GLY A 74 ? 0.1373 0.2001 0.1248 -0.0046 0.0113  0.0167  169 GLY A CA  
629 C  C   . GLY A 74 ? 0.1889 0.1608 0.1126 0.0337  0.0126  0.0005  169 GLY A C   
630 O  O   . GLY A 74 ? 0.1963 0.2202 0.1385 0.0127  -0.0318 0.0308  169 GLY A O   
631 N  N   . GLY A 75 ? 0.1960 0.1727 0.1415 0.0267  0.0167  -0.0024 170 GLY A N   
632 C  CA  . GLY A 75 ? 0.2256 0.1801 0.1590 0.0080  0.0273  -0.0086 170 GLY A CA  
633 C  C   . GLY A 75 ? 0.2400 0.2040 0.1305 0.0171  0.0087  -0.0318 170 GLY A C   
634 O  O   . GLY A 75 ? 0.2988 0.2346 0.1628 0.0129  0.0221  -0.0257 170 GLY A O   
635 N  N   . GLY A 76 ? 0.1619 0.2005 0.1465 -0.0019 0.0305  -0.0004 171 GLY A N   
636 C  CA  . GLY A 76 ? 0.1679 0.2176 0.1386 0.0109  0.0207  -0.0133 171 GLY A CA  
637 C  C   . GLY A 76 ? 0.1715 0.2094 0.1240 0.0275  -0.0034 -0.0373 171 GLY A C   
638 O  O   . GLY A 76 ? 0.1863 0.2765 0.2147 0.0013  -0.0108 0.0418  171 GLY A O   
639 N  N   . SER A 77 ? 0.1833 0.1957 0.1106 0.0287  0.0044  -0.0255 172 SER A N   
640 C  CA  . SER A 77 ? 0.1377 0.2418 0.1135 0.0214  0.0431  -0.0020 172 SER A CA  
641 C  C   . SER A 77 ? 0.1396 0.2036 0.1122 0.0131  0.0149  0.0045  172 SER A C   
642 O  O   . SER A 77 ? 0.1629 0.1884 0.1217 0.0106  -0.0089 0.0188  172 SER A O   
643 C  CB  . SER A 77 ? 0.1811 0.2735 0.1260 -0.0235 0.0389  0.0406  172 SER A CB  
644 O  OG  . SER A 77 ? 0.2492 0.2631 0.1542 0.0179  0.0424  0.0253  172 SER A OG  
645 N  N   . ILE A 78 ? 0.1463 0.2094 0.1165 0.0155  0.0182  0.0065  173 ILE A N   
646 C  CA  . ILE A 78 ? 0.1184 0.1991 0.1400 0.0135  0.0199  0.0134  173 ILE A CA  
647 C  C   . ILE A 78 ? 0.1843 0.1683 0.1395 0.0027  -0.0153 0.0223  173 ILE A C   
648 O  O   . ILE A 78 ? 0.1849 0.1883 0.1951 0.0087  -0.0402 0.0479  173 ILE A O   
649 C  CB  . ILE A 78 ? 0.1423 0.2080 0.1286 0.0204  0.0073  0.0082  173 ILE A CB  
650 C  CG1 . ILE A 78 ? 0.1391 0.1649 0.1853 -0.0050 0.0166  -0.0041 173 ILE A CG1 
651 C  CG2 . ILE A 78 ? 0.1688 0.1958 0.1145 -0.0003 0.0017  0.0021  173 ILE A CG2 
652 C  CD1 . ILE A 78 ? 0.1599 0.2092 0.1861 -0.0420 0.0029  0.0137  173 ILE A CD1 
653 N  N   . ILE A 79 ? 0.1648 0.1380 0.1628 -0.0015 -0.0099 0.0194  174 ILE A N   
654 C  CA  . ILE A 79 ? 0.1353 0.1679 0.1832 -0.0215 -0.0006 0.0163  174 ILE A CA  
655 C  C   . ILE A 79 ? 0.1659 0.1427 0.1704 -0.0100 -0.0072 0.0001  174 ILE A C   
656 O  O   . ILE A 79 ? 0.1742 0.1800 0.1738 0.0138  -0.0238 0.0330  174 ILE A O   
657 C  CB  . ILE A 79 ? 0.1647 0.1611 0.2038 -0.0317 0.0241  0.0005  174 ILE A CB  
658 C  CG1 . ILE A 79 ? 0.2162 0.1851 0.2200 -0.0034 0.0057  0.0001  174 ILE A CG1 
659 C  CG2 . ILE A 79 ? 0.2184 0.1953 0.2040 -0.0183 0.0442  0.0104  174 ILE A CG2 
660 C  CD1 . ILE A 79 ? 0.2286 0.2851 0.2273 -0.0031 0.0115  -0.0041 174 ILE A CD1 
661 N  N   . ASP A 80 ? 0.2250 0.1527 0.1332 -0.0051 0.0297  0.0022  175 ASP A N   
662 C  CA  . ASP A 80 ? 0.1718 0.1644 0.1993 0.0186  0.0412  0.0086  175 ASP A CA  
663 C  C   . ASP A 80 ? 0.2545 0.1932 0.1923 0.0188  0.0719  0.0433  175 ASP A C   
664 O  O   . ASP A 80 ? 0.3466 0.2127 0.2361 -0.0534 0.0705  0.0053  175 ASP A O   
665 C  CB  . ASP A 80 ? 0.2946 0.2495 0.1551 0.0855  0.0168  0.0375  175 ASP A CB  
666 C  CG  . ASP A 80 ? 0.2963 0.4029 0.2682 0.1506  0.0684  0.1034  175 ASP A CG  
667 O  OD1 . ASP A 80 ? 0.5073 0.4419 0.3948 0.1297  0.0232  0.1374  175 ASP A OD1 
668 O  OD2 . ASP A 80 ? 0.5401 0.3504 0.2908 0.1119  -0.0159 0.0879  175 ASP A OD2 
669 N  N   . THR A 81 ? 0.3293 0.1535 0.2118 0.0268  0.0094  0.0083  176 THR A N   
670 C  CA  . THR A 81 ? 0.3033 0.1923 0.2798 -0.0048 -0.0045 -0.0188 176 THR A CA  
671 C  C   . THR A 81 ? 0.3195 0.2101 0.4017 -0.0489 0.0257  0.0472  176 THR A C   
672 O  O   . THR A 81 ? 0.4410 0.3236 0.4067 -0.0513 -0.0021 0.0625  176 THR A O   
673 C  CB  . THR A 81 ? 0.2284 0.2493 0.3467 -0.0437 -0.0030 0.0347  176 THR A CB  
674 O  OG1 . THR A 81 ? 0.2831 0.2750 0.3461 -0.0009 -0.0232 0.0196  176 THR A OG1 
675 C  CG2 . THR A 81 ? 0.3812 0.2532 0.4000 -0.1377 -0.0909 0.0386  176 THR A CG2 
676 N  N   . ALA A 82 ? 0.3326 0.2021 0.4416 0.0281  0.0438  -0.0090 177 ALA A N   
677 C  CA  . ALA A 82 ? 0.5048 0.2734 0.5066 0.0471  -0.0750 -0.0327 177 ALA A CA  
678 C  C   . ALA A 82 ? 0.5608 0.3371 0.6104 0.0462  -0.1236 -0.0128 177 ALA A C   
679 O  O   . ALA A 82 ? 0.5323 0.4572 0.5915 0.1234  -0.0307 -0.0202 177 ALA A O   
680 C  CB  . ALA A 82 ? 0.6344 0.3103 0.5231 0.0652  -0.1197 -0.0431 177 ALA A CB  
681 N  N   . GLY A 83 ? 0.5651 0.2838 0.5766 0.0571  -0.1608 -0.0468 178 GLY A N   
682 C  CA  . GLY A 83 ? 0.5666 0.3475 0.6070 0.0158  -0.2063 0.0177  178 GLY A CA  
683 C  C   . GLY A 83 ? 0.4817 0.3657 0.4434 0.0061  -0.1116 0.0769  178 GLY A C   
684 O  O   . GLY A 83 ? 0.3109 0.2200 0.2552 0.0234  -0.0130 0.0803  178 GLY A O   
685 N  N   . ASN A 84 ? 0.4905 0.4641 0.4295 -0.0440 -0.0924 0.1210  179 ASN A N   
686 C  CA  . ASN A 84 ? 0.5397 0.3961 0.4205 -0.0019 -0.0841 0.0248  179 ASN A CA  
687 C  C   . ASN A 84 ? 0.4882 0.4558 0.5836 0.0080  -0.0112 0.1247  179 ASN A C   
688 O  O   . ASN A 84 ? 0.5527 0.4236 0.7312 -0.0102 -0.0664 0.1594  179 ASN A O   
689 C  CB  . ASN A 84 ? 0.6254 0.4451 0.4412 -0.0151 -0.1069 0.0660  179 ASN A CB  
690 C  CG  . ASN A 84 ? 0.6749 0.4306 0.4376 0.0576  -0.0891 0.0620  179 ASN A CG  
691 O  OD1 . ASN A 84 ? 0.5850 0.4786 0.5075 0.0867  -0.0437 0.1067  179 ASN A OD1 
692 N  ND2 . ASN A 84 ? 0.7215 0.3805 0.4336 0.0575  -0.1447 0.0219  179 ASN A ND2 
693 N  N   . SER A 85 ? 0.5009 0.4733 0.5354 0.0092  0.0297  0.1460  180 SER A N   
694 C  CA  . SER A 85 ? 0.5805 0.4654 0.5488 0.0407  -0.0524 0.1275  180 SER A CA  
695 C  C   . SER A 85 ? 0.6417 0.5482 0.5496 0.0631  -0.0546 0.1393  180 SER A C   
696 O  O   . SER A 85 ? 0.6191 0.5770 0.5341 0.0241  -0.0806 0.1438  180 SER A O   
697 C  CB  . SER A 85 ? 0.5940 0.4853 0.4605 0.0137  -0.0078 0.2269  180 SER A CB  
698 O  OG  . SER A 85 ? 0.6759 0.4302 0.3389 -0.0385 -0.1198 0.1649  180 SER A OG  
699 N  N   . ASN A 86 ? 0.6514 0.5683 0.6108 0.1055  -0.0574 0.1010  181 ASN A N   
700 C  CA  . ASN A 86 ? 0.7149 0.4936 0.6296 0.0946  -0.0675 0.0812  181 ASN A CA  
701 C  C   . ASN A 86 ? 0.7249 0.5439 0.6206 0.0700  -0.0774 0.0852  181 ASN A C   
702 O  O   . ASN A 86 ? 0.6264 0.5828 0.6172 0.0939  -0.1047 0.0277  181 ASN A O   
703 C  CB  . ASN A 86 ? 0.8032 0.5111 0.7306 0.0845  -0.0984 0.1035  181 ASN A CB  
704 C  CG  . ASN A 86 ? 0.8641 0.6481 0.7896 0.0717  -0.1415 0.1146  181 ASN A CG  
705 O  OD1 . ASN A 86 ? 0.8687 0.7379 0.8486 0.0997  -0.1284 0.1405  181 ASN A OD1 
706 N  ND2 . ASN A 86 ? 0.8842 0.7048 0.8075 0.0679  -0.1639 0.1183  181 ASN A ND2 
707 N  N   . HIS A 87 ? 0.8003 0.5150 0.6533 0.0386  -0.0924 0.0907  182 HIS A N   
708 C  CA  . HIS A 87 ? 0.7103 0.4812 0.6286 -0.0067 -0.0593 0.0850  182 HIS A CA  
709 C  C   . HIS A 87 ? 0.6666 0.5405 0.5783 -0.0077 -0.0127 0.0950  182 HIS A C   
710 O  O   . HIS A 87 ? 0.5184 0.5217 0.5662 0.0121  0.0619  0.0739  182 HIS A O   
711 C  CB  . HIS A 87 ? 0.7295 0.5261 0.5827 0.0032  -0.0391 0.0682  182 HIS A CB  
712 C  CG  . HIS A 87 ? 0.7109 0.4749 0.6844 0.1112  -0.0114 0.0105  182 HIS A CG  
713 N  ND1 . HIS A 87 ? 0.7217 0.4493 0.7768 0.1614  -0.0283 -0.0104 182 HIS A ND1 
714 C  CD2 . HIS A 87 ? 0.6675 0.4614 0.7705 0.1347  -0.0145 0.0157  182 HIS A CD2 
715 C  CE1 . HIS A 87 ? 0.7668 0.3879 0.7864 0.1264  -0.0536 -0.0164 182 HIS A CE1 
716 N  NE2 . HIS A 87 ? 0.6600 0.3466 0.7647 0.1735  -0.0132 -0.0567 182 HIS A NE2 
717 N  N   . HIS A 88 ? 0.7095 0.6021 0.5157 0.0005  0.0253  0.1062  183 HIS A N   
718 C  CA  . HIS A 88 ? 0.7047 0.5945 0.6239 0.0229  0.0158  0.0896  183 HIS A CA  
719 C  C   . HIS A 88 ? 0.7636 0.6681 0.6788 0.0373  -0.0382 0.0647  183 HIS A C   
720 O  O   . HIS A 88 ? 0.7489 0.6648 0.6910 0.0189  -0.0620 0.0634  183 HIS A O   
721 C  CB  . HIS A 88 ? 0.6091 0.5520 0.6954 0.0147  0.0232  0.0890  183 HIS A CB  
722 C  CG  . HIS A 88 ? 0.6067 0.5410 0.7328 -0.0373 0.0096  0.1096  183 HIS A CG  
723 N  ND1 . HIS A 88 ? 0.6432 0.4988 0.7262 -0.0601 0.0040  0.0960  183 HIS A ND1 
724 C  CD2 . HIS A 88 ? 0.6175 0.5339 0.7570 -0.0345 -0.0235 0.0936  183 HIS A CD2 
725 C  CE1 . HIS A 88 ? 0.6321 0.5476 0.7216 -0.0609 -0.0081 0.0966  183 HIS A CE1 
726 N  NE2 . HIS A 88 ? 0.5593 0.4726 0.7725 -0.0732 -0.0128 0.0855  183 HIS A NE2 
727 N  N   . THR A 89 ? 0.7750 0.7160 0.6741 0.0458  -0.0131 0.0489  184 THR A N   
728 C  CA  . THR A 89 ? 0.8112 0.7789 0.7428 0.0384  -0.0184 0.0500  184 THR A CA  
729 C  C   . THR A 89 ? 0.8684 0.7802 0.7484 0.0331  -0.0390 0.0151  184 THR A C   
730 O  O   . THR A 89 ? 0.8941 0.7541 0.7951 0.0701  -0.0585 -0.0042 184 THR A O   
731 C  CB  . THR A 89 ? 0.7733 0.7811 0.7738 0.0238  0.0013  0.0662  184 THR A CB  
732 O  OG1 . THR A 89 ? 0.7370 0.7449 0.7829 0.0242  0.0403  0.0581  184 THR A OG1 
733 C  CG2 . THR A 89 ? 0.7982 0.7756 0.7948 0.0199  -0.0285 0.0641  184 THR A CG2 
734 N  N   . HIS A 90 ? 0.8532 0.8122 0.7855 0.0268  -0.0162 0.0310  185 HIS A N   
735 C  CA  . HIS A 90 ? 0.9067 0.8550 0.8359 0.0083  -0.0699 0.0331  185 HIS A CA  
736 C  C   . HIS A 90 ? 0.9454 0.8517 0.8500 0.0036  -0.0633 0.0340  185 HIS A C   
737 O  O   . HIS A 90 ? 0.9828 0.8621 0.8697 -0.0026 -0.0791 0.0333  185 HIS A O   
738 C  CB  . HIS A 90 ? 0.9013 0.9386 0.8524 0.0284  -0.0743 0.0500  185 HIS A CB  
739 C  CG  . HIS A 90 ? 0.9063 0.9798 0.8637 0.0469  -0.0750 0.0500  185 HIS A CG  
740 N  ND1 . HIS A 90 ? 0.9423 0.9967 0.8615 0.0451  -0.0877 0.0497  185 HIS A ND1 
741 C  CD2 . HIS A 90 ? 0.9145 0.9917 0.8651 0.0536  -0.0838 0.0416  185 HIS A CD2 
742 C  CE1 . HIS A 90 ? 0.9400 0.9931 0.8718 0.0510  -0.1022 0.0395  185 HIS A CE1 
743 N  NE2 . HIS A 90 ? 0.9334 1.0089 0.8402 0.0412  -0.1007 0.0377  185 HIS A NE2 
744 O  OXT . HIS A 90 ? 0.9225 0.8315 0.8702 0.0068  -0.0484 0.0343  185 HIS A OXT 
745 FE FE  . FE  B .  ? 0.4144 0.3432 0.1737 -0.0001 -0.0065 0.0813  201 FE  A FE  
746 O  O   . HOH C .  ? 0.2055 0.1641 0.1807 0.0136  0.0070  -0.0350 301 HOH A O   
747 O  O   . HOH C .  ? 0.1751 0.1474 0.2017 -0.0063 -0.0507 0.0028  302 HOH A O   
748 O  O   . HOH C .  ? 0.1472 0.1629 0.1920 0.0059  -0.0113 -0.0075 303 HOH A O   
749 O  O   . HOH C .  ? 0.1540 0.1986 0.1804 0.0100  0.0044  0.0486  304 HOH A O   
750 O  O   . HOH C .  ? 0.2262 0.1964 0.1469 0.0325  -0.0038 -0.0389 305 HOH A O   
751 O  O   . HOH C .  ? 0.2836 0.2291 0.2517 -0.0231 -0.0662 0.0366  306 HOH A O   
752 O  O   . HOH C .  ? 0.1984 0.2227 0.2131 -0.0429 -0.0193 0.0456  307 HOH A O   
753 O  O   . HOH C .  ? 0.1919 0.2428 0.3479 -0.0042 -0.0389 0.0905  308 HOH A O   
754 O  O   . HOH C .  ? 0.2377 0.2726 0.3327 0.0504  0.0373  0.0163  309 HOH A O   
755 O  O   . HOH C .  ? 0.2972 0.2414 0.3754 -0.0103 0.0148  0.0211  310 HOH A O   
756 O  O   . HOH C .  ? 0.3323 0.2072 0.2768 0.0283  -0.0201 0.0256  311 HOH A O   
757 O  O   . HOH C .  ? 0.2862 0.3314 0.3091 0.0806  -0.0081 -0.0462 312 HOH A O   
758 O  O   . HOH C .  ? 0.4441 0.3133 0.2539 0.0938  0.0277  0.0352  313 HOH A O   
759 O  O   . HOH C .  ? 0.2722 0.2520 0.3169 0.0667  -0.0172 -0.0197 314 HOH A O   
760 O  O   . HOH C .  ? 0.3915 0.4544 0.2602 0.1396  0.0731  0.0223  315 HOH A O   
761 O  O   . HOH C .  ? 0.6331 0.2969 0.3843 0.0190  -0.0135 -0.1205 316 HOH A O   
762 O  O   . HOH C .  ? 0.3096 0.3209 0.5543 -0.0070 0.0319  0.0954  317 HOH A O   
763 O  O   . HOH C .  ? 0.4026 0.4363 0.2973 0.0068  -0.0237 -0.0650 318 HOH A O   
764 O  O   . HOH C .  ? 0.2826 0.3321 0.3648 0.0355  -0.0319 -0.0260 319 HOH A O   
765 O  O   . HOH C .  ? 0.2762 0.3827 0.3622 -0.0336 -0.0545 -0.0122 320 HOH A O   
766 O  O   . HOH C .  ? 0.4658 0.4152 0.5090 0.1954  -0.0681 -0.0759 321 HOH A O   
767 O  O   . HOH C .  ? 0.5138 0.3553 0.7562 0.0664  0.2783  -0.0760 322 HOH A O   
768 O  O   . HOH C .  ? 0.4644 0.4001 0.3927 -0.0231 0.0395  -0.0131 323 HOH A O   
769 O  O   . HOH C .  ? 0.3495 0.7287 0.3561 0.1091  -0.0891 -0.1617 324 HOH A O   
770 O  O   . HOH C .  ? 0.4042 0.4307 0.3924 0.0216  -0.0939 0.0146  325 HOH A O   
771 O  O   . HOH C .  ? 0.5588 0.5373 0.3613 -0.0836 -0.1102 0.0961  326 HOH A O   
772 O  O   . HOH C .  ? 0.3374 0.4288 0.3295 0.0067  0.0186  -0.0574 327 HOH A O   
773 O  O   . HOH C .  ? 0.3550 0.3418 0.6583 -0.0902 -0.1182 0.1112  328 HOH A O   
774 O  O   . HOH C .  ? 0.5919 0.3972 0.5240 -0.1439 -0.1973 0.1392  329 HOH A O   
775 O  O   . HOH C .  ? 0.4715 0.4835 0.2898 0.1034  -0.0536 -0.0658 330 HOH A O   
776 O  O   . HOH C .  ? 0.6072 0.5008 0.7718 0.0450  -0.1952 0.0427  331 HOH A O   
777 O  O   . HOH C .  ? 0.4931 0.5742 0.3499 0.1499  -0.0799 0.0299  332 HOH A O   
778 O  O   . HOH C .  ? 0.6914 0.7069 0.7121 -0.0273 0.0292  -0.0386 333 HOH A O   
779 O  O   . HOH C .  ? 0.3350 0.6380 0.5098 0.0976  0.0121  0.1447  334 HOH A O   
780 O  O   . HOH C .  ? 0.7959 0.6805 0.4287 -0.3268 0.2126  -0.2099 335 HOH A O   
781 O  O   . HOH C .  ? 0.3716 0.6233 0.5193 0.0026  0.0392  0.2367  336 HOH A O   
782 O  O   . HOH C .  ? 0.2340 0.4790 0.6164 -0.0732 -0.0413 0.0958  337 HOH A O   
783 O  O   . HOH C .  ? 0.5957 0.9310 0.9578 0.1999  -0.1664 -0.0939 338 HOH A O   
784 O  O   . HOH C .  ? 0.3991 0.6432 0.8272 -0.0903 -0.1565 -0.0702 339 HOH A O   
785 O  O   . HOH C .  ? 0.5385 0.3266 0.4763 -0.0922 0.1437  -0.0663 340 HOH A O   
786 O  O   . HOH C .  ? 0.3974 0.7780 0.8504 -0.0773 0.1772  0.1059  341 HOH A O   
787 O  O   . HOH C .  ? 0.3758 0.4534 0.8037 -0.0645 0.2516  -0.0095 342 HOH A O   
788 O  O   . HOH C .  ? 0.3164 0.9725 0.4312 0.1788  -0.0359 -0.0252 343 HOH A O   
789 O  O   . HOH C .  ? 0.3987 0.8977 0.5280 0.0882  -0.1498 0.1780  344 HOH A O   
790 O  O   . HOH C .  ? 0.4454 0.4282 0.9748 0.0594  0.3171  0.1188  345 HOH A O   
791 O  O   . HOH C .  ? 0.9800 0.4553 0.6358 -0.1370 0.1308  0.0695  346 HOH A O   
792 O  O   . HOH C .  ? 0.5119 0.7413 0.4149 0.1424  0.0943  0.0880  347 HOH A O   
793 O  O   . HOH C .  ? 0.6919 1.0937 0.7162 -0.0681 0.1620  0.1325  348 HOH A O   
794 O  O   . HOH C .  ? 0.7464 0.7478 0.3573 -0.2444 -0.0076 -0.0308 349 HOH A O   
795 O  O   . HOH C .  ? 0.4196 0.3561 0.4843 -0.0788 -0.0233 0.0180  350 HOH A O   
796 O  O   . HOH C .  ? 0.5169 0.8924 0.5991 0.1623  0.0192  0.3373  351 HOH A O   
797 O  O   . HOH C .  ? 0.6153 0.7596 0.7590 -0.0221 -0.0842 -0.0822 352 HOH A O   
798 O  O   . HOH C .  ? 0.4317 0.4845 0.5408 0.0608  -0.0665 -0.0248 353 HOH A O   
799 O  O   . HOH C .  ? 0.8947 0.3752 0.3684 0.0412  0.2508  -0.0179 354 HOH A O   
800 O  O   . HOH C .  ? 0.3926 0.5104 0.6913 0.1160  0.0861  0.0942  355 HOH A O   
801 O  O   . HOH C .  ? 0.9642 0.7209 0.8254 -0.0259 0.0592  0.1008  356 HOH A O   
802 O  O   . HOH C .  ? 0.6477 0.4209 0.7167 0.0776  0.1036  -0.1308 357 HOH A O   
803 O  O   . HOH C .  ? 0.7744 0.6804 0.4295 0.0704  -0.1765 0.2344  358 HOH A O   
804 O  O   . HOH C .  ? 0.5490 0.4903 0.9779 0.0954  0.1353  0.1863  359 HOH A O   
805 O  O   . HOH C .  ? 0.8496 0.5058 0.7096 0.0592  -0.2354 0.1879  360 HOH A O   
806 O  O   . HOH C .  ? 0.5773 0.7235 0.6097 -0.1911 0.0762  0.1681  361 HOH A O   
807 O  O   . HOH C .  ? 0.6549 0.4392 0.8738 -0.0161 0.0917  -0.0074 362 HOH A O   
808 O  O   . HOH C .  ? 0.5627 0.3727 0.7932 0.1447  -0.2861 -0.0328 363 HOH A O   
809 O  O   . HOH C .  ? 0.7516 0.8341 0.9560 0.0697  0.0650  -0.0585 364 HOH A O   
810 O  O   . HOH C .  ? 0.7474 0.8098 0.9799 -0.0337 0.0545  -0.0322 365 HOH A O   
811 O  O   . HOH C .  ? 0.6959 0.4791 0.7620 -0.1323 0.0766  -0.0830 366 HOH A O   
812 O  O   . HOH C .  ? 0.5415 0.5271 0.5223 0.0254  -0.0272 0.0359  367 HOH A O   
813 O  O   . HOH C .  ? 0.5491 0.9258 1.0576 0.0736  0.1184  0.0307  368 HOH A O   
814 O  O   . HOH C .  ? 0.7393 0.6384 0.3903 0.0627  -0.0341 0.0321  369 HOH A O   
815 O  O   . HOH C .  ? 0.7477 0.6211 0.3670 -0.0980 0.2404  0.0510  370 HOH A O   
816 O  O   . HOH C .  ? 0.4990 0.3670 0.8717 -0.0900 -0.3403 0.0947  371 HOH A O   
817 O  O   . HOH C .  ? 0.4021 0.4001 0.3938 -0.0670 -0.1144 0.0160  372 HOH A O   
818 O  O   . HOH C .  ? 0.4246 0.6602 0.9209 -0.0021 -0.0531 0.4397  373 HOH A O   
819 O  O   . HOH C .  ? 0.6256 0.8909 0.5356 0.1016  -0.1585 0.2896  374 HOH A O   
820 O  O   . HOH C .  ? 0.7976 1.0690 0.7790 0.0538  -0.2131 -0.0842 375 HOH A O   
821 O  O   . HOH C .  ? 0.7828 0.5297 1.1602 0.3174  0.0291  -0.0955 376 HOH A O   
822 O  O   . HOH C .  ? 0.3242 1.1894 0.7025 -0.1051 -0.0176 0.0366  377 HOH A O   
823 O  O   . HOH C .  ? 0.8480 0.5062 0.5469 -0.1147 0.3725  -0.0995 378 HOH A O   
824 O  O   . HOH C .  ? 0.6011 0.8283 0.9357 0.0900  0.0257  -0.1880 379 HOH A O   
825 O  O   . HOH C .  ? 0.7163 0.7668 0.6105 -0.0861 0.0920  -0.2689 380 HOH A O   
826 O  O   . HOH C .  ? 0.5611 0.7288 0.9395 0.2884  -0.1176 0.0084  381 HOH A O   
827 O  O   . HOH C .  ? 0.6513 0.9211 0.5540 0.0571  -0.0692 -0.1950 382 HOH A O   
828 O  O   . HOH C .  ? 0.6190 0.9332 0.8478 0.0841  0.1393  0.0899  383 HOH A O   
829 O  O   . HOH C .  ? 0.7175 1.1517 0.5102 -0.1859 0.0668  -0.0532 384 HOH A O   
830 O  O   . HOH C .  ? 0.9055 0.8565 0.6943 -0.0065 -0.0478 0.1494  385 HOH A O   
831 O  O   . HOH C .  ? 0.4432 0.4522 0.9678 -0.1723 0.0268  0.1079  386 HOH A O   
832 O  O   . HOH C .  ? 0.9151 0.4775 0.7859 -0.0440 0.1286  0.0562  387 HOH A O   
833 O  O   . HOH C .  ? 0.5361 0.8173 0.8434 -0.1066 0.1314  0.0790  388 HOH A O   
834 O  O   . HOH C .  ? 0.5528 0.9931 0.7117 -0.1276 -0.0566 0.0512  389 HOH A O   
835 O  O   . HOH C .  ? 0.7536 0.4395 0.9459 -0.1323 0.1414  -0.2306 390 HOH A O   
836 O  O   . HOH C .  ? 0.8820 0.6886 0.7604 -0.0213 0.0672  0.0469  391 HOH A O   
837 O  O   . HOH C .  ? 0.6867 0.6050 0.6338 -0.0499 0.1900  0.2475  392 HOH A O   
838 O  O   . HOH C .  ? 0.7435 0.9485 0.8849 -0.1597 0.0402  -0.1019 393 HOH A O   
839 O  O   . HOH C .  ? 0.6176 0.6724 0.8924 -0.0410 0.2624  -0.2823 394 HOH A O   
840 O  O   . HOH C .  ? 0.5049 0.5064 0.5960 -0.0192 0.0574  -0.0679 395 HOH A O   
841 O  O   . HOH C .  ? 0.7853 0.8240 0.5844 -0.0788 0.2363  -0.0525 396 HOH A O   
842 O  O   . HOH C .  ? 1.0497 0.5718 0.5653 -0.1243 0.1664  0.1241  397 HOH A O   
843 O  O   . HOH C .  ? 0.9187 0.9895 0.7517 0.0897  -0.0726 -0.0371 398 HOH A O   
844 O  O   . HOH C .  ? 0.8009 0.8140 0.4875 -0.0507 -0.0421 0.1283  399 HOH A O   
845 O  O   . HOH C .  ? 0.7841 0.9126 0.8389 -0.0145 -0.0528 -0.0209 400 HOH A O   
846 O  O   . HOH C .  ? 0.8157 0.7451 0.4824 -0.1354 0.2455  -0.1581 401 HOH A O   
847 O  O   . HOH C .  ? 0.9277 0.7011 0.9826 -0.0306 -0.0674 -0.0016 402 HOH A O   
848 O  O   . HOH C .  ? 0.8648 0.7798 0.9332 -0.1077 0.1634  0.0028  403 HOH A O   
849 O  O   . HOH C .  ? 1.0254 0.5828 0.9960 -0.1445 0.0921  0.0662  404 HOH A O   
850 O  O   . HOH C .  ? 0.6572 0.3644 0.4859 0.0209  -0.0187 -0.0356 405 HOH A O   
851 O  O   . HOH C .  ? 0.5198 0.7643 0.6855 -0.0702 0.0008  -0.0858 406 HOH A O   
852 O  O   . HOH C .  ? 0.6970 0.7144 0.7510 -0.0409 0.0175  -0.0253 407 HOH A O   
853 O  O   . HOH C .  ? 0.6095 0.7467 0.8107 0.0664  0.0090  -0.0041 408 HOH A O   
854 O  O   . HOH C .  ? 0.6681 0.6950 0.6647 0.0119  0.0569  0.0770  409 HOH A O   
855 O  O   . HOH C .  ? 0.5790 0.7339 0.5119 0.1320  -0.0357 -0.0335 410 HOH A O   
856 O  O   . HOH C .  ? 0.5429 0.6610 0.6967 0.0640  0.1445  -0.0291 411 HOH A O   
857 O  O   . HOH C .  ? 0.5644 0.5530 0.6049 -0.1031 0.0676  -0.0389 412 HOH A O   
858 O  O   . HOH C .  ? 0.5792 0.5751 0.5737 0.0072  -0.0077 0.0102  413 HOH A O   
859 O  O   . HOH C .  ? 0.7293 0.6161 0.7918 -0.0216 0.0825  -0.0484 414 HOH A O   
860 O  O   . HOH C .  ? 0.7398 0.7047 0.7686 0.0296  0.0199  -0.0481 415 HOH A O   
861 O  O   . HOH C .  ? 0.6884 0.7438 0.7659 -0.0717 0.0456  -0.0337 416 HOH A O   
862 O  O   . HOH C .  ? 0.6756 0.7611 0.8108 0.0090  0.0330  -0.0272 417 HOH A O   
863 O  O   . HOH C .  ? 0.7185 0.6721 0.6086 0.0079  0.0710  0.0686  418 HOH A O   
# 
